data_5YBF
#
_entry.id   5YBF
#
_cell.length_a   113.596
_cell.length_b   162.074
_cell.length_c   47.103
_cell.angle_alpha   90.00
_cell.angle_beta   89.99
_cell.angle_gamma   90.00
#
_symmetry.space_group_name_H-M   'P 1 21 1'
#
loop_
_entity.id
_entity.type
_entity.pdbx_description
1 polymer 'Glutamate receptor 2,Glutamate receptor 2'
2 non-polymer 'GLUTAMIC ACID'
3 non-polymer 2-[2-[5-methyl-3-(trifluoromethyl)pyrazol-1-yl]ethanoylamino]-4,5,6,7-tetrahydro-1-benzothiophene-3-carboxamide
4 non-polymer 'ZINC ION'
5 non-polymer 'ACETATE ION'
6 water water
#
_entity_poly.entity_id   1
_entity_poly.type   'polypeptide(L)'
_entity_poly.pdbx_seq_one_letter_code
;GSNKTVVVTTILESPYVMMKKNHEMLEGNERYEGYCVDLAAEIAKHCGFKYKLTIVGDGKYGARDADTKIWNGMVGELVY
GKADIAIAPLTITLVREEVIDFSKPFMSLGISIMIKKGTPIESAEDLSKQTEIAYGTLDSGSTKEFFRRSKIAVFDKMWT
YMRSAEPSVFVRTTAEGVARVRKSKGKYAYLLESTMNEYIEQRKPCDTMKVGGNLDSKGYGIATPKGSSLRNAVNLAVLK
LNEQGLLDKLKNKWWYDKGECGS
;
_entity_poly.pdbx_strand_id   A,B,C,D,E,F
#
loop_
_chem_comp.id
_chem_comp.type
_chem_comp.name
_chem_comp.formula
8SR non-polymer 2-[2-[5-methyl-3-(trifluoromethyl)pyrazol-1-yl]ethanoylamino]-4,5,6,7-tetrahydro-1-benzothiophene-3-carboxamide 'C16 H17 F3 N4 O2 S'
ACT non-polymer 'ACETATE ION' 'C2 H3 O2 -1'
ZN non-polymer 'ZINC ION' 'Zn 2'
#
# COMPACT_ATOMS: atom_id res chain seq x y z
N ASN A 3 16.87 1.56 38.30
CA ASN A 3 16.50 0.86 39.56
C ASN A 3 15.53 1.68 40.42
N LYS A 4 16.02 2.78 41.00
CA LYS A 4 15.21 3.66 41.85
C LYS A 4 15.09 5.05 41.22
N THR A 5 13.92 5.65 41.36
CA THR A 5 13.67 6.98 40.82
C THR A 5 14.44 8.01 41.62
N VAL A 6 15.20 8.82 40.88
CA VAL A 6 16.07 9.85 41.45
C VAL A 6 15.21 11.07 41.78
N VAL A 7 15.29 11.54 43.03
CA VAL A 7 14.53 12.71 43.43
C VAL A 7 15.39 13.93 43.14
N VAL A 8 14.87 14.79 42.27
CA VAL A 8 15.56 16.00 41.86
C VAL A 8 14.95 17.14 42.63
N THR A 9 15.78 17.88 43.36
CA THR A 9 15.31 19.13 43.94
C THR A 9 15.64 20.29 43.00
N THR A 10 14.69 21.19 42.87
CA THR A 10 14.85 22.38 42.06
C THR A 10 14.03 23.51 42.67
N ILE A 11 14.01 24.66 42.02
CA ILE A 11 13.41 25.85 42.60
C ILE A 11 12.64 26.56 41.50
N LEU A 12 11.49 27.11 41.86
CA LEU A 12 10.69 27.92 40.95
C LEU A 12 11.35 29.27 40.76
N GLU A 13 12.13 29.37 39.68
CA GLU A 13 12.90 30.54 39.35
C GLU A 13 12.86 30.62 37.83
N SER A 14 12.22 31.65 37.29
CA SER A 14 12.14 31.79 35.81
C SER A 14 13.49 32.21 35.23
N PRO A 15 13.91 31.67 34.06
CA PRO A 15 13.17 30.70 33.26
C PRO A 15 13.67 29.28 33.46
N TYR A 16 14.29 29.01 34.61
CA TYR A 16 14.87 27.69 34.90
C TYR A 16 13.79 26.67 35.15
N VAL A 17 12.84 26.99 36.04
CA VAL A 17 11.70 26.11 36.30
C VAL A 17 10.50 26.99 36.54
N MET A 18 9.44 26.71 35.79
CA MET A 18 8.20 27.47 35.86
C MET A 18 7.04 26.50 35.81
N MET A 19 5.93 26.86 36.44
CA MET A 19 4.72 26.10 36.26
C MET A 19 4.18 26.30 34.86
N LYS A 20 3.87 25.20 34.17
CA LYS A 20 3.13 25.30 32.91
C LYS A 20 1.75 25.88 33.16
N LYS A 21 1.26 26.68 32.21
CA LYS A 21 -0.09 27.29 32.30
C LYS A 21 -1.17 26.27 32.68
N ASN A 22 -1.08 25.08 32.10
CA ASN A 22 -2.08 24.04 32.28
C ASN A 22 -1.65 22.95 33.29
N HIS A 23 -0.75 23.32 34.21
CA HIS A 23 -0.14 22.37 35.15
C HIS A 23 -1.11 21.53 35.98
N GLU A 24 -2.24 22.12 36.37
CA GLU A 24 -3.25 21.41 37.17
C GLU A 24 -3.83 20.18 36.47
N MET A 25 -3.75 20.19 35.14
CA MET A 25 -4.24 19.10 34.32
C MET A 25 -3.15 18.13 33.88
N LEU A 26 -1.93 18.37 34.38
CA LEU A 26 -0.77 17.54 34.06
C LEU A 26 -0.25 16.84 35.31
N GLU A 27 0.60 15.83 35.11
CA GLU A 27 1.08 14.96 36.18
C GLU A 27 2.58 15.02 36.28
N GLY A 28 3.07 14.98 37.52
CA GLY A 28 4.49 14.75 37.77
C GLY A 28 5.39 15.73 37.07
N ASN A 29 6.40 15.22 36.36
CA ASN A 29 7.39 16.08 35.73
C ASN A 29 6.81 16.99 34.63
N GLU A 30 5.69 16.57 34.07
CA GLU A 30 5.04 17.33 33.00
C GLU A 30 4.46 18.64 33.48
N ARG A 31 4.35 18.83 34.80
CA ARG A 31 3.79 20.08 35.35
C ARG A 31 4.69 21.28 35.15
N TYR A 32 5.99 21.04 34.87
CA TYR A 32 6.98 22.12 34.86
C TYR A 32 7.60 22.33 33.49
N GLU A 33 8.12 23.53 33.26
CA GLU A 33 8.89 23.81 32.05
C GLU A 33 10.00 24.79 32.37
N GLY A 34 11.01 24.82 31.51
CA GLY A 34 12.11 25.76 31.66
C GLY A 34 13.45 25.13 31.36
N TYR A 35 14.47 25.95 31.48
CA TYR A 35 15.82 25.52 31.17
C TYR A 35 16.23 24.31 32.00
N CYS A 36 15.99 24.37 33.31
CA CYS A 36 16.42 23.27 34.17
C CYS A 36 15.55 22.04 34.02
N VAL A 37 14.31 22.22 33.56
CA VAL A 37 13.42 21.09 33.26
C VAL A 37 13.98 20.36 32.04
N ASP A 38 14.33 21.13 31.01
CA ASP A 38 14.97 20.56 29.82
C ASP A 38 16.31 19.91 30.17
N LEU A 39 17.08 20.55 31.03
CA LEU A 39 18.41 20.03 31.38
C LEU A 39 18.24 18.74 32.17
N ALA A 40 17.28 18.71 33.10
CA ALA A 40 17.08 17.51 33.93
C ALA A 40 16.74 16.32 33.06
N ALA A 41 15.86 16.52 32.07
CA ALA A 41 15.53 15.44 31.16
C ALA A 41 16.75 14.90 30.44
N GLU A 42 17.61 15.81 30.01
CA GLU A 42 18.82 15.42 29.30
C GLU A 42 19.83 14.75 30.20
N ILE A 43 20.03 15.28 31.40
CA ILE A 43 20.95 14.63 32.34
C ILE A 43 20.47 13.22 32.64
N ALA A 44 19.19 13.07 32.91
CA ALA A 44 18.63 11.78 33.24
C ALA A 44 18.80 10.78 32.09
N LYS A 45 18.57 11.24 30.86
CA LYS A 45 18.72 10.36 29.68
C LYS A 45 20.15 9.89 29.52
N HIS A 46 21.09 10.81 29.66
CA HIS A 46 22.50 10.49 29.45
C HIS A 46 23.08 9.65 30.57
N CYS A 47 22.54 9.80 31.77
CA CYS A 47 22.99 9.01 32.92
C CYS A 47 22.16 7.76 33.15
N GLY A 48 21.08 7.63 32.40
CA GLY A 48 20.23 6.44 32.43
C GLY A 48 19.42 6.25 33.71
N PHE A 49 18.86 7.34 34.22
CA PHE A 49 18.00 7.21 35.39
C PHE A 49 16.63 7.82 35.17
N LYS A 50 15.65 7.27 35.88
CA LYS A 50 14.32 7.87 36.00
C LYS A 50 14.36 8.85 37.15
N TYR A 51 13.53 9.88 37.08
CA TYR A 51 13.62 10.97 38.05
C TYR A 51 12.26 11.61 38.33
N LYS A 52 12.19 12.25 39.48
CA LYS A 52 11.02 13.00 39.88
C LYS A 52 11.44 14.40 40.26
N LEU A 53 10.96 15.40 39.53
CA LEU A 53 11.22 16.78 39.89
C LEU A 53 10.39 17.14 41.11
N THR A 54 11.06 17.77 42.07
CA THR A 54 10.37 18.28 43.24
C THR A 54 10.81 19.71 43.46
N ILE A 55 9.89 20.54 43.92
CA ILE A 55 10.24 21.91 44.23
C ILE A 55 10.66 22.01 45.69
N VAL A 56 11.86 22.58 45.91
CA VAL A 56 12.41 22.74 47.25
C VAL A 56 11.36 23.32 48.21
N GLY A 57 11.18 22.61 49.32
CA GLY A 57 10.10 22.91 50.26
C GLY A 57 10.11 24.33 50.79
N ASP A 58 11.29 24.84 51.13
CA ASP A 58 11.39 26.17 51.71
C ASP A 58 11.65 27.32 50.71
N GLY A 59 11.74 26.98 49.40
CA GLY A 59 11.89 28.00 48.35
C GLY A 59 13.25 28.69 48.34
N LYS A 60 14.22 28.07 49.01
CA LYS A 60 15.56 28.65 49.13
C LYS A 60 16.62 27.88 48.39
N TYR A 61 17.74 28.56 48.14
CA TYR A 61 18.86 27.97 47.44
C TYR A 61 19.72 27.12 48.35
N GLY A 62 20.21 27.72 49.45
CA GLY A 62 20.97 26.94 50.39
C GLY A 62 21.97 27.77 51.13
N ALA A 63 21.75 27.88 52.44
CA ALA A 63 22.63 28.61 53.33
C ALA A 63 22.69 27.83 54.62
N ARG A 64 23.81 27.97 55.32
CA ARG A 64 23.99 27.36 56.62
C ARG A 64 23.76 28.41 57.69
N ASP A 65 22.78 28.15 58.55
CA ASP A 65 22.51 29.03 59.70
C ASP A 65 23.74 29.08 60.61
N ALA A 66 24.19 30.30 60.91
CA ALA A 66 25.40 30.57 61.70
C ALA A 66 25.42 29.88 63.09
N ASP A 67 24.26 29.79 63.72
CA ASP A 67 24.13 29.27 65.08
C ASP A 67 23.82 27.77 65.13
N THR A 68 22.81 27.33 64.36
CA THR A 68 22.35 25.93 64.38
C THR A 68 23.20 25.03 63.49
N LYS A 69 23.91 25.64 62.55
CA LYS A 69 24.70 24.95 61.51
C LYS A 69 23.83 24.10 60.56
N ILE A 70 22.52 24.34 60.58
CA ILE A 70 21.59 23.65 59.69
C ILE A 70 21.55 24.31 58.33
N TRP A 71 21.64 23.48 57.29
CA TRP A 71 21.51 23.92 55.92
C TRP A 71 20.06 23.98 55.49
N ASN A 72 19.67 25.08 54.85
CA ASN A 72 18.34 25.17 54.29
C ASN A 72 18.37 25.01 52.78
N GLY A 73 17.21 25.17 52.15
CA GLY A 73 17.14 25.22 50.70
C GLY A 73 17.50 23.92 50.03
N MET A 74 17.89 24.03 48.76
CA MET A 74 18.19 22.83 48.00
C MET A 74 19.42 22.12 48.54
N VAL A 75 20.40 22.91 48.99
CA VAL A 75 21.58 22.33 49.62
C VAL A 75 21.18 21.47 50.80
N GLY A 76 20.30 21.98 51.66
CA GLY A 76 19.79 21.19 52.79
C GLY A 76 19.11 19.92 52.36
N GLU A 77 18.33 19.98 51.29
CA GLU A 77 17.64 18.77 50.83
C GLU A 77 18.62 17.69 50.41
N LEU A 78 19.75 18.10 49.82
CA LEU A 78 20.82 17.16 49.54
C LEU A 78 21.54 16.68 50.77
N VAL A 79 21.91 17.62 51.64
CA VAL A 79 22.67 17.31 52.84
C VAL A 79 21.90 16.33 53.73
N TYR A 80 20.60 16.56 53.89
CA TYR A 80 19.76 15.76 54.78
C TYR A 80 19.10 14.55 54.13
N GLY A 81 19.42 14.32 52.85
CA GLY A 81 18.97 13.12 52.16
C GLY A 81 17.54 13.15 51.65
N LYS A 82 16.97 14.35 51.56
CA LYS A 82 15.60 14.53 51.06
C LYS A 82 15.54 14.49 49.54
N ALA A 83 16.65 14.83 48.90
CA ALA A 83 16.78 14.74 47.45
C ALA A 83 18.09 14.10 47.05
N ASP A 84 18.12 13.54 45.84
CA ASP A 84 19.32 12.87 45.35
C ASP A 84 20.22 13.75 44.50
N ILE A 85 19.64 14.82 43.95
CA ILE A 85 20.37 15.67 43.02
C ILE A 85 19.63 17.00 42.96
N ALA A 86 20.37 18.09 42.79
CA ALA A 86 19.76 19.39 42.57
C ALA A 86 20.12 19.84 41.18
N ILE A 87 19.08 20.16 40.41
CA ILE A 87 19.27 20.65 39.05
C ILE A 87 18.53 21.97 38.99
N ALA A 88 19.29 23.05 39.14
CA ALA A 88 18.73 24.37 39.42
C ALA A 88 19.82 25.37 39.17
N PRO A 89 19.48 26.67 39.17
CA PRO A 89 20.51 27.71 39.08
C PRO A 89 21.20 27.87 40.44
N LEU A 90 21.91 26.82 40.83
CA LEU A 90 22.55 26.73 42.13
C LEU A 90 24.01 27.04 41.96
N THR A 91 24.43 28.14 42.59
CA THR A 91 25.77 28.64 42.40
C THR A 91 26.79 27.79 43.10
N ILE A 92 27.86 27.47 42.36
CA ILE A 92 29.02 26.79 42.91
C ILE A 92 29.74 27.74 43.84
N THR A 93 29.83 27.34 45.11
CA THR A 93 30.52 28.15 46.12
C THR A 93 31.36 27.23 46.99
N LEU A 94 32.39 27.80 47.61
CA LEU A 94 33.28 27.04 48.48
C LEU A 94 32.50 26.39 49.61
N VAL A 95 31.65 27.15 50.30
CA VAL A 95 30.98 26.60 51.48
C VAL A 95 30.06 25.45 51.11
N ARG A 96 29.47 25.54 49.93
CA ARG A 96 28.63 24.44 49.45
C ARG A 96 29.44 23.24 48.99
N GLU A 97 30.54 23.49 48.28
CA GLU A 97 31.39 22.42 47.77
C GLU A 97 32.06 21.64 48.89
N GLU A 98 32.11 22.24 50.08
CA GLU A 98 32.62 21.53 51.25
C GLU A 98 31.66 20.45 51.74
N VAL A 99 30.37 20.60 51.45
CA VAL A 99 29.34 19.70 51.97
C VAL A 99 28.60 18.89 50.91
N ILE A 100 28.62 19.35 49.66
CA ILE A 100 28.01 18.62 48.55
C ILE A 100 29.00 18.61 47.40
N ASP A 101 28.76 17.80 46.37
CA ASP A 101 29.57 17.86 45.15
C ASP A 101 28.83 18.58 44.07
N PHE A 102 29.55 19.39 43.32
CA PHE A 102 29.03 20.00 42.09
C PHE A 102 29.66 19.41 40.86
N SER A 103 28.85 19.26 39.82
CA SER A 103 29.39 18.99 38.49
C SER A 103 30.20 20.21 38.01
N LYS A 104 30.89 20.05 36.89
CA LYS A 104 31.37 21.20 36.18
C LYS A 104 30.20 22.14 35.89
N PRO A 105 30.49 23.44 35.75
CA PRO A 105 29.38 24.39 35.55
C PRO A 105 28.64 24.14 34.26
N PHE A 106 27.30 24.22 34.31
CA PHE A 106 26.52 24.17 33.09
C PHE A 106 26.19 25.55 32.52
N MET A 107 26.42 26.58 33.32
CA MET A 107 26.14 27.95 32.91
C MET A 107 27.03 28.86 33.71
N SER A 108 27.56 29.86 33.05
CA SER A 108 28.43 30.85 33.70
C SER A 108 27.57 32.04 34.11
N LEU A 109 28.00 32.70 35.18
CA LEU A 109 27.32 33.92 35.64
C LEU A 109 28.27 34.71 36.53
N GLY A 110 27.94 35.98 36.73
CA GLY A 110 28.56 36.78 37.78
C GLY A 110 27.50 37.62 38.44
N ILE A 111 27.79 38.11 39.64
CA ILE A 111 26.89 39.08 40.26
C ILE A 111 26.89 40.36 39.41
N SER A 112 25.71 40.93 39.27
CA SER A 112 25.50 42.05 38.37
C SER A 112 24.49 43.01 38.95
N ILE A 113 24.37 44.18 38.32
CA ILE A 113 23.46 45.23 38.79
C ILE A 113 22.30 45.39 37.83
N MET A 114 21.10 45.29 38.37
CA MET A 114 19.88 45.61 37.64
C MET A 114 19.39 46.97 38.07
N ILE A 115 19.21 47.86 37.10
CA ILE A 115 18.59 49.15 37.34
C ILE A 115 17.29 49.28 36.55
N LYS A 116 16.41 50.12 37.07
CA LYS A 116 15.32 50.64 36.27
C LYS A 116 15.98 51.54 35.23
N LYS A 117 15.57 51.39 33.97
CA LYS A 117 16.15 52.22 32.89
C LYS A 117 16.21 53.70 33.26
N GLY A 118 17.38 54.29 33.04
CA GLY A 118 17.59 55.71 33.29
C GLY A 118 18.15 56.05 34.65
N THR A 119 18.25 55.05 35.53
CA THR A 119 18.91 55.22 36.83
C THR A 119 20.38 55.61 36.60
N PRO A 120 20.86 56.66 37.26
CA PRO A 120 22.22 57.13 37.00
C PRO A 120 23.27 56.35 37.79
N ILE A 121 23.35 55.06 37.46
CA ILE A 121 24.30 54.12 38.05
C ILE A 121 24.94 53.34 36.92
N GLU A 122 26.28 53.31 36.93
CA GLU A 122 27.04 52.58 35.91
C GLU A 122 27.82 51.39 36.48
N SER A 123 27.98 51.35 37.80
CA SER A 123 28.89 50.39 38.43
C SER A 123 28.59 50.20 39.92
N ALA A 124 29.19 49.16 40.50
CA ALA A 124 29.11 48.92 41.94
C ALA A 124 29.74 50.09 42.71
N GLU A 125 30.84 50.62 42.18
CA GLU A 125 31.48 51.83 42.70
C GLU A 125 30.48 52.98 42.82
N ASP A 126 29.71 53.20 41.75
CA ASP A 126 28.68 54.25 41.75
C ASP A 126 27.66 54.05 42.87
N LEU A 127 27.17 52.82 43.02
CA LEU A 127 26.21 52.48 44.07
C LEU A 127 26.78 52.76 45.46
N SER A 128 28.04 52.34 45.67
CA SER A 128 28.71 52.47 46.96
C SER A 128 28.96 53.91 47.37
N LYS A 129 29.08 54.81 46.40
CA LYS A 129 29.45 56.21 46.62
C LYS A 129 28.26 57.16 46.86
N GLN A 130 27.03 56.62 46.83
CA GLN A 130 25.81 57.43 46.94
C GLN A 130 24.79 56.78 47.88
N THR A 131 23.74 57.53 48.23
CA THR A 131 22.71 57.09 49.19
C THR A 131 21.26 57.16 48.65
N GLU A 132 21.02 58.02 47.65
CA GLU A 132 19.65 58.24 47.14
C GLU A 132 19.02 56.96 46.59
N ILE A 133 19.85 56.14 45.95
CA ILE A 133 19.40 54.87 45.37
C ILE A 133 19.76 53.74 46.32
N ALA A 134 18.73 53.04 46.79
CA ALA A 134 18.90 51.87 47.64
C ALA A 134 19.23 50.68 46.76
N TYR A 135 19.83 49.67 47.37
CA TYR A 135 20.17 48.45 46.66
C TYR A 135 20.26 47.29 47.62
N GLY A 136 19.95 46.10 47.11
CA GLY A 136 19.91 44.90 47.92
C GLY A 136 20.10 43.66 47.08
N THR A 137 20.00 42.52 47.76
CA THR A 137 20.20 41.22 47.16
C THR A 137 19.07 40.28 47.60
N LEU A 138 19.06 39.08 47.00
CA LEU A 138 18.23 38.00 47.50
C LEU A 138 18.64 37.70 48.96
N ASP A 139 17.65 37.57 49.85
CA ASP A 139 17.84 37.55 51.32
C ASP A 139 18.58 36.32 51.82
N SER A 140 18.68 35.34 50.95
CA SER A 140 19.41 34.14 51.21
C SER A 140 19.95 33.74 49.86
N GLY A 141 21.23 33.40 49.82
CA GLY A 141 21.86 32.94 48.59
C GLY A 141 23.29 33.38 48.50
N SER A 142 23.91 32.98 47.39
CA SER A 142 25.32 33.21 47.17
C SER A 142 25.65 34.70 46.96
N THR A 143 24.71 35.48 46.45
CA THR A 143 24.99 36.92 46.26
C THR A 143 25.10 37.62 47.60
N LYS A 144 24.15 37.37 48.49
CA LYS A 144 24.22 37.93 49.83
C LYS A 144 25.54 37.54 50.50
N GLU A 145 25.89 36.25 50.40
CA GLU A 145 27.12 35.72 50.99
C GLU A 145 28.39 36.38 50.43
N PHE A 146 28.38 36.68 49.13
CA PHE A 146 29.50 37.37 48.48
C PHE A 146 29.77 38.70 49.19
N PHE A 147 28.71 39.48 49.42
CA PHE A 147 28.84 40.76 50.06
C PHE A 147 29.21 40.64 51.53
N ARG A 148 28.57 39.69 52.23
CA ARG A 148 28.86 39.42 53.63
C ARG A 148 30.35 39.12 53.85
N ARG A 149 30.91 38.32 52.94
CA ARG A 149 32.28 37.81 53.09
C ARG A 149 33.37 38.66 52.43
N SER A 150 32.98 39.63 51.59
CA SER A 150 33.96 40.39 50.82
C SER A 150 34.88 41.26 51.64
N LYS A 151 36.15 41.24 51.24
CA LYS A 151 37.21 42.06 51.81
C LYS A 151 37.63 43.21 50.90
N ILE A 152 37.09 43.21 49.68
CA ILE A 152 37.28 44.30 48.72
C ILE A 152 36.48 45.52 49.20
N ALA A 153 37.13 46.68 49.18
CA ALA A 153 36.61 47.92 49.78
C ALA A 153 35.20 48.30 49.34
N VAL A 154 34.99 48.33 48.01
CA VAL A 154 33.71 48.76 47.41
C VAL A 154 32.60 47.81 47.89
N PHE A 155 32.86 46.52 47.81
CA PHE A 155 31.86 45.52 48.24
C PHE A 155 31.62 45.50 49.76
N ASP A 156 32.68 45.74 50.53
CA ASP A 156 32.56 45.90 51.99
C ASP A 156 31.66 47.09 52.31
N LYS A 157 31.91 48.22 51.63
CA LYS A 157 31.12 49.44 51.83
C LYS A 157 29.65 49.16 51.51
N MET A 158 29.43 48.44 50.40
CA MET A 158 28.09 48.05 50.01
C MET A 158 27.40 47.17 51.05
N TRP A 159 28.14 46.18 51.56
CA TRP A 159 27.59 45.26 52.57
C TRP A 159 27.28 46.01 53.86
N THR A 160 28.20 46.88 54.27
CA THR A 160 28.01 47.70 55.45
C THR A 160 26.70 48.48 55.32
N TYR A 161 26.45 49.07 54.15
CA TYR A 161 25.18 49.74 53.91
C TYR A 161 24.00 48.74 53.95
N MET A 162 24.11 47.65 53.18
CA MET A 162 22.98 46.75 53.00
C MET A 162 22.53 46.09 54.29
N ARG A 163 23.49 45.64 55.09
CA ARG A 163 23.17 44.91 56.31
C ARG A 163 22.45 45.77 57.34
N SER A 164 22.62 47.09 57.25
CA SER A 164 22.08 48.02 58.23
C SER A 164 20.87 48.79 57.71
N ALA A 165 20.60 48.69 56.40
CA ALA A 165 19.56 49.52 55.79
C ALA A 165 18.19 49.14 56.31
N GLU A 166 17.40 50.18 56.62
CA GLU A 166 16.03 50.03 57.07
C GLU A 166 15.11 50.92 56.22
N PRO A 167 13.99 50.39 55.70
CA PRO A 167 13.62 48.98 55.85
C PRO A 167 14.54 48.08 55.03
N SER A 168 14.41 46.77 55.21
CA SER A 168 15.32 45.80 54.59
C SER A 168 15.42 46.01 53.09
N VAL A 169 16.65 45.97 52.62
CA VAL A 169 16.92 46.01 51.17
C VAL A 169 16.94 44.61 50.55
N PHE A 170 16.82 43.58 51.39
CA PHE A 170 16.85 42.22 50.92
C PHE A 170 15.46 41.74 50.55
N VAL A 171 15.44 40.78 49.63
CA VAL A 171 14.18 40.27 49.09
C VAL A 171 14.11 38.76 49.19
N ARG A 172 12.89 38.24 49.25
CA ARG A 172 12.65 36.83 49.46
C ARG A 172 12.85 36.03 48.16
N THR A 173 12.56 36.65 47.03
CA THR A 173 12.67 36.01 45.72
C THR A 173 13.17 37.00 44.69
N THR A 174 13.77 36.46 43.62
CA THR A 174 14.20 37.25 42.48
C THR A 174 13.05 38.10 41.95
N ALA A 175 11.88 37.49 41.77
CA ALA A 175 10.69 38.21 41.33
C ALA A 175 10.38 39.44 42.19
N GLU A 176 10.52 39.29 43.51
CA GLU A 176 10.36 40.41 44.44
C GLU A 176 11.41 41.52 44.23
N GLY A 177 12.66 41.12 43.95
CA GLY A 177 13.73 42.09 43.66
C GLY A 177 13.41 42.90 42.40
N VAL A 178 12.99 42.18 41.36
CA VAL A 178 12.64 42.77 40.07
C VAL A 178 11.46 43.72 40.20
N ALA A 179 10.40 43.26 40.88
CA ALA A 179 9.24 44.10 41.13
C ALA A 179 9.61 45.38 41.88
N ARG A 180 10.56 45.27 42.81
CA ARG A 180 10.98 46.40 43.61
C ARG A 180 11.73 47.45 42.77
N VAL A 181 12.62 46.97 41.91
CA VAL A 181 13.27 47.86 40.94
C VAL A 181 12.21 48.58 40.10
N ARG A 182 11.27 47.79 39.55
CA ARG A 182 10.27 48.33 38.62
C ARG A 182 9.33 49.36 39.23
N LYS A 183 9.01 49.20 40.52
CA LYS A 183 8.07 50.10 41.17
C LYS A 183 8.74 51.27 41.93
N SER A 184 10.07 51.27 42.01
CA SER A 184 10.74 52.26 42.86
C SER A 184 11.28 53.52 42.15
N LYS A 185 10.85 53.70 40.90
CA LYS A 185 11.08 54.94 40.13
C LYS A 185 12.58 55.29 39.98
N GLY A 186 13.40 54.23 39.96
CA GLY A 186 14.85 54.38 39.86
C GLY A 186 15.58 54.46 41.19
N LYS A 187 14.85 54.30 42.30
CA LYS A 187 15.43 54.49 43.64
C LYS A 187 15.82 53.19 44.34
N TYR A 188 15.65 52.07 43.62
CA TYR A 188 16.15 50.79 44.07
C TYR A 188 16.86 50.10 42.92
N ALA A 189 18.06 49.63 43.19
CA ALA A 189 18.81 48.76 42.27
C ALA A 189 18.95 47.38 42.89
N TYR A 190 18.94 46.35 42.06
CA TYR A 190 18.95 44.99 42.58
C TYR A 190 20.22 44.30 42.14
N LEU A 191 20.92 43.70 43.10
CA LEU A 191 22.12 42.91 42.84
C LEU A 191 21.74 41.45 42.68
N LEU A 192 21.98 40.93 41.49
CA LEU A 192 21.55 39.59 41.17
C LEU A 192 22.46 39.01 40.12
N GLU A 193 22.33 37.72 39.89
CA GLU A 193 23.22 37.05 38.97
C GLU A 193 22.91 37.47 37.55
N SER A 194 23.98 37.56 36.75
CA SER A 194 23.89 38.11 35.39
C SER A 194 22.87 37.38 34.52
N THR A 195 22.78 36.07 34.72
CA THR A 195 21.82 35.23 34.01
C THR A 195 20.39 35.69 34.25
N MET A 196 20.06 35.91 35.51
CA MET A 196 18.73 36.32 35.88
C MET A 196 18.49 37.74 35.36
N ASN A 197 19.52 38.59 35.48
CA ASN A 197 19.45 39.97 34.99
C ASN A 197 19.18 40.01 33.48
N GLU A 198 19.93 39.21 32.71
CA GLU A 198 19.80 39.15 31.25
C GLU A 198 18.44 38.64 30.83
N TYR A 199 17.89 37.70 31.60
CA TYR A 199 16.55 37.18 31.32
C TYR A 199 15.52 38.29 31.45
N ILE A 200 15.57 39.00 32.58
CA ILE A 200 14.56 40.01 32.87
C ILE A 200 14.66 41.17 31.88
N GLU A 201 15.89 41.48 31.45
CA GLU A 201 16.09 42.53 30.46
C GLU A 201 15.31 42.22 29.16
N GLN A 202 15.08 40.93 28.89
CA GLN A 202 14.30 40.54 27.70
C GLN A 202 12.82 40.24 28.00
N ARG A 203 12.33 40.71 29.14
CA ARG A 203 10.92 40.54 29.49
C ARG A 203 10.19 41.88 29.52
N LYS A 204 8.96 41.87 29.02
CA LYS A 204 8.06 43.01 29.14
C LYS A 204 7.91 43.34 30.63
N PRO A 205 7.92 44.62 31.02
CA PRO A 205 7.81 45.77 30.11
C PRO A 205 9.13 46.38 29.62
N CYS A 206 10.23 45.63 29.65
CA CYS A 206 11.50 46.06 29.07
C CYS A 206 11.99 47.36 29.70
N ASP A 207 11.82 47.46 31.01
CA ASP A 207 12.12 48.69 31.74
C ASP A 207 13.30 48.56 32.68
N THR A 208 14.00 47.42 32.61
CA THR A 208 15.20 47.19 33.40
C THR A 208 16.36 46.87 32.49
N MET A 209 17.56 47.05 33.01
CA MET A 209 18.75 46.63 32.30
C MET A 209 19.90 46.35 33.23
N LYS A 210 20.79 45.51 32.74
CA LYS A 210 22.06 45.22 33.36
C LYS A 210 22.99 46.39 33.07
N VAL A 211 23.65 46.89 34.11
CA VAL A 211 24.68 47.93 33.94
C VAL A 211 25.98 47.49 34.57
N GLY A 212 27.08 47.93 33.94
CA GLY A 212 28.42 47.63 34.40
C GLY A 212 28.83 46.20 34.15
N GLY A 213 30.08 45.91 34.52
CA GLY A 213 30.61 44.55 34.41
C GLY A 213 30.12 43.73 35.57
N ASN A 214 30.33 42.43 35.48
CA ASN A 214 30.03 41.54 36.60
C ASN A 214 31.04 41.72 37.71
N LEU A 215 30.61 41.43 38.93
CA LEU A 215 31.42 41.64 40.10
C LEU A 215 32.30 40.44 40.39
N ASP A 216 31.91 39.28 39.87
CA ASP A 216 32.69 38.05 40.01
C ASP A 216 32.41 37.13 38.83
N SER A 217 33.06 35.97 38.85
CA SER A 217 32.94 35.01 37.76
C SER A 217 32.82 33.62 38.33
N LYS A 218 31.67 33.00 38.10
CA LYS A 218 31.43 31.68 38.64
C LYS A 218 30.43 30.95 37.74
N GLY A 219 29.71 29.98 38.29
CA GLY A 219 28.86 29.15 37.47
C GLY A 219 27.86 28.42 38.34
N TYR A 220 26.83 27.89 37.68
CA TYR A 220 25.92 26.98 38.34
C TYR A 220 26.35 25.57 38.05
N GLY A 221 26.22 24.68 39.03
CA GLY A 221 26.53 23.28 38.82
C GLY A 221 25.39 22.42 39.30
N ILE A 222 25.36 21.19 38.83
CA ILE A 222 24.42 20.20 39.29
C ILE A 222 25.02 19.59 40.54
N ALA A 223 24.24 19.58 41.62
CA ALA A 223 24.78 19.15 42.91
C ALA A 223 24.23 17.83 43.34
N THR A 224 25.12 17.04 43.91
CA THR A 224 24.79 15.74 44.48
C THR A 224 25.36 15.65 45.89
N PRO A 225 24.72 14.84 46.75
CA PRO A 225 25.27 14.67 48.09
C PRO A 225 26.58 13.91 47.98
N LYS A 226 27.49 14.13 48.92
CA LYS A 226 28.73 13.36 48.94
C LYS A 226 28.42 11.85 48.98
N GLY A 227 29.25 11.10 48.27
CA GLY A 227 29.09 9.65 48.16
C GLY A 227 28.09 9.20 47.12
N SER A 228 27.44 10.15 46.42
CA SER A 228 26.46 9.81 45.40
C SER A 228 27.08 8.96 44.28
N SER A 229 26.36 7.90 43.91
CA SER A 229 26.76 7.06 42.78
C SER A 229 26.57 7.81 41.46
N LEU A 230 25.90 8.96 41.49
CA LEU A 230 25.59 9.72 40.28
C LEU A 230 26.67 10.70 39.92
N ARG A 231 27.59 10.94 40.84
CA ARG A 231 28.53 12.06 40.69
C ARG A 231 29.27 12.10 39.35
N ASN A 232 29.98 11.01 39.04
CA ASN A 232 30.80 10.99 37.82
C ASN A 232 29.94 11.11 36.57
N ALA A 233 28.86 10.33 36.51
CA ALA A 233 28.01 10.32 35.31
C ALA A 233 27.43 11.70 35.04
N VAL A 234 26.98 12.37 36.10
CA VAL A 234 26.39 13.68 35.96
C VAL A 234 27.42 14.68 35.46
N ASN A 235 28.62 14.60 36.03
CA ASN A 235 29.69 15.49 35.63
C ASN A 235 30.03 15.32 34.15
N LEU A 236 30.19 14.08 33.71
CA LEU A 236 30.50 13.82 32.32
C LEU A 236 29.35 14.20 31.40
N ALA A 237 28.12 14.02 31.86
CA ALA A 237 26.96 14.43 31.07
C ALA A 237 26.94 15.95 30.83
N VAL A 238 27.25 16.74 31.86
CA VAL A 238 27.34 18.19 31.67
C VAL A 238 28.38 18.54 30.61
N LEU A 239 29.53 17.90 30.69
CA LEU A 239 30.58 18.17 29.70
C LEU A 239 30.15 17.79 28.30
N LYS A 240 29.54 16.62 28.16
CA LYS A 240 29.03 16.17 26.86
C LYS A 240 28.02 17.17 26.31
N LEU A 241 27.06 17.57 27.14
CA LEU A 241 26.04 18.51 26.69
C LEU A 241 26.60 19.87 26.33
N ASN A 242 27.64 20.33 27.05
CA ASN A 242 28.30 21.58 26.70
C ASN A 242 28.92 21.41 25.31
N GLU A 243 29.69 20.34 25.17
CA GLU A 243 30.49 20.16 23.96
C GLU A 243 29.65 19.95 22.71
N GLN A 244 28.44 19.43 22.90
CA GLN A 244 27.51 19.21 21.79
C GLN A 244 26.65 20.45 21.52
N GLY A 245 26.85 21.50 22.33
CA GLY A 245 26.21 22.79 22.08
C GLY A 245 24.82 22.90 22.66
N LEU A 246 24.38 21.87 23.39
CA LEU A 246 23.00 21.85 23.93
C LEU A 246 22.78 22.93 24.97
N LEU A 247 23.77 23.15 25.82
CA LEU A 247 23.61 24.12 26.89
C LEU A 247 23.42 25.51 26.29
N ASP A 248 24.17 25.83 25.24
CA ASP A 248 23.98 27.13 24.57
C ASP A 248 22.62 27.23 23.89
N LYS A 249 22.19 26.13 23.28
CA LYS A 249 20.87 26.06 22.65
C LYS A 249 19.78 26.29 23.69
N LEU A 250 19.92 25.68 24.87
CA LEU A 250 18.91 25.85 25.91
C LEU A 250 18.86 27.26 26.46
N LYS A 251 20.03 27.89 26.57
CA LYS A 251 20.06 29.28 27.02
C LYS A 251 19.33 30.13 25.99
N ASN A 252 19.65 29.94 24.70
CA ASN A 252 19.00 30.74 23.68
C ASN A 252 17.49 30.56 23.69
N LYS A 253 17.05 29.31 23.86
CA LYS A 253 15.65 28.93 23.86
C LYS A 253 14.88 29.69 24.95
N TRP A 254 15.44 29.70 26.16
CA TRP A 254 14.75 30.23 27.33
C TRP A 254 14.99 31.71 27.64
N TRP A 255 16.05 32.27 27.07
CA TRP A 255 16.35 33.69 27.29
C TRP A 255 15.96 34.58 26.12
N TYR A 256 16.34 34.15 24.91
CA TYR A 256 16.41 35.05 23.75
C TYR A 256 15.43 34.69 22.64
N ASP A 257 15.32 33.40 22.32
CA ASP A 257 14.44 32.94 21.22
C ASP A 257 13.01 33.48 21.31
N LYS A 258 12.46 33.51 22.52
CA LYS A 258 11.13 34.09 22.74
C LYS A 258 11.17 35.34 23.65
N GLY A 259 12.31 36.05 23.61
CA GLY A 259 12.48 37.34 24.29
C GLY A 259 11.47 38.36 23.81
N GLU A 260 10.98 39.18 24.74
CA GLU A 260 9.84 40.08 24.50
C GLU A 260 10.23 41.54 24.25
N CYS A 261 11.55 41.79 24.15
CA CYS A 261 12.08 43.15 24.05
C CYS A 261 12.86 43.40 22.75
N GLY A 262 12.41 42.75 21.67
CA GLY A 262 13.00 42.94 20.33
C GLY A 262 14.36 42.28 20.16
N ASN B 3 55.58 16.42 52.98
CA ASN B 3 56.11 15.04 52.87
C ASN B 3 56.95 14.84 51.58
N LYS B 4 56.30 14.97 50.42
CA LYS B 4 56.95 14.79 49.11
C LYS B 4 56.72 16.02 48.23
N THR B 5 57.76 16.42 47.48
CA THR B 5 57.67 17.51 46.51
C THR B 5 56.79 17.09 45.34
N VAL B 6 55.79 17.92 45.08
CA VAL B 6 54.78 17.68 44.07
C VAL B 6 55.34 18.15 42.73
N VAL B 7 55.31 17.25 41.74
CA VAL B 7 55.80 17.59 40.40
C VAL B 7 54.63 18.20 39.63
N VAL B 8 54.79 19.47 39.27
CA VAL B 8 53.76 20.22 38.56
C VAL B 8 54.19 20.24 37.11
N THR B 9 53.34 19.72 36.22
CA THR B 9 53.57 19.90 34.79
C THR B 9 52.86 21.16 34.33
N THR B 10 53.53 21.93 33.51
CA THR B 10 52.95 23.13 32.95
C THR B 10 53.54 23.32 31.56
N ILE B 11 53.15 24.40 30.91
CA ILE B 11 53.51 24.60 29.50
C ILE B 11 53.93 26.06 29.34
N LEU B 12 54.93 26.29 28.49
CA LEU B 12 55.34 27.67 28.21
C LEU B 12 54.32 28.27 27.26
N GLU B 13 53.47 29.13 27.83
CA GLU B 13 52.37 29.74 27.10
C GLU B 13 52.13 31.08 27.75
N SER B 14 52.34 32.16 27.00
CA SER B 14 52.17 33.50 27.55
C SER B 14 50.69 33.84 27.73
N PRO B 15 50.28 34.47 28.85
CA PRO B 15 51.15 34.90 29.95
C PRO B 15 51.02 33.97 31.17
N TYR B 16 50.67 32.72 30.91
CA TYR B 16 50.48 31.70 31.96
C TYR B 16 51.78 31.26 32.58
N VAL B 17 52.76 30.91 31.72
CA VAL B 17 54.10 30.54 32.19
C VAL B 17 55.07 31.02 31.14
N MET B 18 55.99 31.86 31.58
CA MET B 18 56.99 32.47 30.71
C MET B 18 58.30 32.42 31.44
N MET B 19 59.39 32.33 30.70
CA MET B 19 60.69 32.47 31.34
C MET B 19 60.92 33.94 31.68
N LYS B 20 61.40 34.20 32.90
CA LYS B 20 61.72 35.57 33.31
C LYS B 20 62.84 36.12 32.43
N LYS B 21 62.88 37.44 32.26
CA LYS B 21 63.93 38.10 31.46
C LYS B 21 65.35 37.70 31.85
N ASN B 22 65.56 37.42 33.13
CA ASN B 22 66.88 37.07 33.66
C ASN B 22 67.00 35.59 34.08
N HIS B 23 66.20 34.73 33.44
CA HIS B 23 66.02 33.34 33.85
C HIS B 23 67.29 32.48 33.91
N GLU B 24 68.26 32.80 33.05
CA GLU B 24 69.51 32.04 32.93
C GLU B 24 70.33 32.03 34.23
N MET B 25 70.22 33.10 35.00
CA MET B 25 70.86 33.19 36.32
C MET B 25 69.95 32.73 37.47
N LEU B 26 68.77 32.22 37.14
CA LEU B 26 67.84 31.74 38.15
C LEU B 26 67.75 30.21 38.14
N GLU B 27 67.24 29.67 39.24
CA GLU B 27 67.17 28.22 39.46
C GLU B 27 65.74 27.80 39.81
N GLY B 28 65.39 26.58 39.42
CA GLY B 28 64.12 25.96 39.79
C GLY B 28 62.92 26.81 39.42
N ASN B 29 61.99 26.94 40.37
CA ASN B 29 60.73 27.66 40.13
C ASN B 29 60.90 29.14 39.84
N GLU B 30 62.00 29.71 40.31
CA GLU B 30 62.28 31.13 40.14
C GLU B 30 62.54 31.53 38.68
N ARG B 31 62.80 30.55 37.82
CA ARG B 31 63.04 30.80 36.38
C ARG B 31 61.82 31.37 35.68
N TYR B 32 60.64 31.05 36.21
CA TYR B 32 59.36 31.25 35.54
C TYR B 32 58.52 32.31 36.21
N GLU B 33 57.69 32.96 35.40
CA GLU B 33 56.68 33.88 35.92
C GLU B 33 55.43 33.75 35.09
N GLY B 34 54.32 34.22 35.64
CA GLY B 34 53.10 34.27 34.89
C GLY B 34 51.92 33.93 35.74
N TYR B 35 50.75 33.98 35.12
CA TYR B 35 49.53 33.69 35.80
C TYR B 35 49.55 32.33 36.48
N CYS B 36 49.98 31.29 35.77
CA CYS B 36 49.95 29.93 36.34
C CYS B 36 51.07 29.70 37.34
N VAL B 37 52.15 30.47 37.23
CA VAL B 37 53.23 30.43 38.21
C VAL B 37 52.69 30.99 39.53
N ASP B 38 52.01 32.13 39.45
CA ASP B 38 51.33 32.72 40.60
C ASP B 38 50.25 31.82 41.16
N LEU B 39 49.44 31.22 40.28
CA LEU B 39 48.41 30.29 40.71
C LEU B 39 49.02 29.09 41.43
N ALA B 40 50.09 28.53 40.88
CA ALA B 40 50.72 27.35 41.47
C ALA B 40 51.19 27.64 42.89
N ALA B 41 51.77 28.84 43.09
CA ALA B 41 52.24 29.23 44.41
C ALA B 41 51.08 29.35 45.40
N GLU B 42 49.97 29.89 44.95
CA GLU B 42 48.77 30.04 45.78
C GLU B 42 48.15 28.69 46.13
N ILE B 43 48.03 27.83 45.12
CA ILE B 43 47.45 26.50 45.30
C ILE B 43 48.32 25.73 46.28
N ALA B 44 49.64 25.74 46.06
CA ALA B 44 50.57 25.04 46.96
C ALA B 44 50.47 25.57 48.39
N LYS B 45 50.35 26.88 48.54
CA LYS B 45 50.22 27.51 49.86
C LYS B 45 48.96 27.00 50.57
N HIS B 46 47.81 27.10 49.91
CA HIS B 46 46.53 26.71 50.52
C HIS B 46 46.39 25.21 50.76
N CYS B 47 47.07 24.41 49.95
CA CYS B 47 47.03 22.94 50.07
C CYS B 47 48.17 22.37 50.91
N GLY B 48 49.15 23.22 51.22
CA GLY B 48 50.28 22.86 52.06
C GLY B 48 51.26 21.87 51.46
N PHE B 49 51.60 22.05 50.19
CA PHE B 49 52.66 21.24 49.60
C PHE B 49 53.77 22.09 49.00
N LYS B 50 54.96 21.49 48.94
CA LYS B 50 56.08 22.00 48.17
C LYS B 50 55.99 21.43 46.76
N TYR B 51 56.56 22.13 45.79
CA TYR B 51 56.36 21.74 44.39
C TYR B 51 57.52 22.12 43.51
N LYS B 52 57.62 21.42 42.39
CA LYS B 52 58.59 21.72 41.37
C LYS B 52 57.87 21.90 40.05
N LEU B 53 58.02 23.09 39.47
CA LEU B 53 57.47 23.37 38.15
C LEU B 53 58.34 22.72 37.10
N THR B 54 57.72 21.94 36.24
CA THR B 54 58.41 21.28 35.14
C THR B 54 57.64 21.61 33.88
N ILE B 55 58.37 21.97 32.82
CA ILE B 55 57.73 22.24 31.55
C ILE B 55 57.53 20.91 30.83
N VAL B 56 56.30 20.69 30.38
CA VAL B 56 55.89 19.46 29.69
C VAL B 56 56.89 19.13 28.58
N GLY B 57 57.34 17.89 28.60
CA GLY B 57 58.41 17.40 27.74
C GLY B 57 58.16 17.63 26.27
N ASP B 58 56.95 17.31 25.81
CA ASP B 58 56.66 17.39 24.37
C ASP B 58 56.03 18.71 23.92
N GLY B 59 55.87 19.65 24.87
CA GLY B 59 55.32 20.99 24.60
C GLY B 59 53.85 21.02 24.21
N LYS B 60 53.12 19.96 24.57
CA LYS B 60 51.72 19.80 24.19
C LYS B 60 50.75 19.81 25.35
N TYR B 61 49.52 20.18 25.06
CA TYR B 61 48.45 20.18 26.05
C TYR B 61 48.02 18.77 26.35
N GLY B 62 47.59 18.04 25.33
CA GLY B 62 47.27 16.63 25.52
C GLY B 62 46.14 16.14 24.66
N ALA B 63 46.45 15.13 23.86
CA ALA B 63 45.48 14.45 23.05
C ALA B 63 45.87 12.98 23.00
N ARG B 64 44.87 12.16 22.69
CA ARG B 64 45.06 10.73 22.65
C ARG B 64 45.22 10.28 21.20
N ASP B 65 46.31 9.57 20.93
CA ASP B 65 46.53 9.02 19.60
C ASP B 65 45.40 8.03 19.29
N ALA B 66 44.72 8.22 18.16
CA ALA B 66 43.54 7.42 17.80
C ALA B 66 43.87 5.93 17.61
N ASP B 67 45.12 5.66 17.21
CA ASP B 67 45.56 4.31 16.90
C ASP B 67 46.18 3.59 18.08
N THR B 68 47.11 4.25 18.77
CA THR B 68 47.78 3.65 19.93
C THR B 68 47.00 3.85 21.25
N LYS B 69 46.11 4.83 21.27
CA LYS B 69 45.38 5.28 22.49
C LYS B 69 46.31 5.88 23.56
N ILE B 70 47.50 6.29 23.15
CA ILE B 70 48.48 6.89 24.06
C ILE B 70 48.24 8.39 24.13
N TRP B 71 48.15 8.89 25.36
CA TRP B 71 48.03 10.30 25.63
C TRP B 71 49.37 11.01 25.59
N ASN B 72 49.38 12.16 24.94
CA ASN B 72 50.58 13.01 24.97
C ASN B 72 50.36 14.23 25.84
N GLY B 73 51.34 15.12 25.83
CA GLY B 73 51.20 16.42 26.49
C GLY B 73 51.13 16.31 28.00
N MET B 74 50.61 17.37 28.60
CA MET B 74 50.44 17.40 30.06
C MET B 74 49.48 16.33 30.53
N VAL B 75 48.46 16.06 29.73
CA VAL B 75 47.52 14.99 30.09
C VAL B 75 48.26 13.65 30.18
N GLY B 76 49.10 13.36 29.20
CA GLY B 76 49.92 12.15 29.21
C GLY B 76 50.81 12.09 30.43
N GLU B 77 51.43 13.21 30.78
CA GLU B 77 52.28 13.25 31.97
C GLU B 77 51.52 12.88 33.25
N LEU B 78 50.26 13.30 33.34
CA LEU B 78 49.43 12.90 34.47
C LEU B 78 49.04 11.43 34.41
N VAL B 79 48.58 11.00 33.24
CA VAL B 79 48.08 9.64 33.04
C VAL B 79 49.18 8.61 33.34
N TYR B 80 50.41 8.90 32.92
CA TYR B 80 51.51 7.93 33.05
C TYR B 80 52.36 8.15 34.32
N GLY B 81 51.92 9.08 35.15
CA GLY B 81 52.55 9.30 36.47
C GLY B 81 53.87 10.04 36.46
N LYS B 82 54.13 10.78 35.39
CA LYS B 82 55.33 11.61 35.27
C LYS B 82 55.22 12.93 36.02
N ALA B 83 53.99 13.36 36.29
CA ALA B 83 53.71 14.56 37.06
C ALA B 83 52.51 14.29 37.96
N ASP B 84 52.44 15.03 39.05
CA ASP B 84 51.38 14.86 40.05
C ASP B 84 50.20 15.78 39.82
N ILE B 85 50.41 16.87 39.09
CA ILE B 85 49.38 17.88 38.92
C ILE B 85 49.76 18.74 37.71
N ALA B 86 48.76 19.19 36.98
CA ALA B 86 49.00 20.14 35.89
C ALA B 86 48.37 21.44 36.26
N ILE B 87 49.18 22.49 36.25
CA ILE B 87 48.71 23.85 36.52
C ILE B 87 49.08 24.70 35.31
N ALA B 88 48.10 24.88 34.43
CA ALA B 88 48.32 25.38 33.09
C ALA B 88 46.98 25.81 32.52
N PRO B 89 46.97 26.52 31.38
CA PRO B 89 45.70 26.78 30.69
C PRO B 89 45.22 25.52 29.97
N LEU B 90 44.87 24.50 30.76
CA LEU B 90 44.45 23.19 30.27
C LEU B 90 42.94 23.15 30.28
N THR B 91 42.37 23.01 29.09
CA THR B 91 40.92 23.11 28.91
C THR B 91 40.24 21.86 29.45
N ILE B 92 39.20 22.09 30.25
CA ILE B 92 38.34 21.04 30.73
C ILE B 92 37.55 20.50 29.54
N THR B 93 37.71 19.20 29.26
CA THR B 93 37.00 18.55 28.17
C THR B 93 36.55 17.19 28.64
N LEU B 94 35.51 16.68 27.98
CA LEU B 94 34.98 15.38 28.27
C LEU B 94 36.03 14.28 28.13
N VAL B 95 36.72 14.20 26.99
CA VAL B 95 37.70 13.11 26.80
C VAL B 95 38.79 13.16 27.87
N ARG B 96 39.17 14.36 28.31
CA ARG B 96 40.17 14.46 29.37
C ARG B 96 39.61 14.11 30.74
N GLU B 97 38.40 14.58 31.03
CA GLU B 97 37.79 14.35 32.34
C GLU B 97 37.46 12.85 32.54
N GLU B 98 37.41 12.11 31.44
CA GLU B 98 37.30 10.65 31.52
C GLU B 98 38.55 9.96 32.06
N VAL B 99 39.72 10.61 31.94
CA VAL B 99 41.00 9.98 32.29
C VAL B 99 41.79 10.66 33.41
N ILE B 100 41.51 11.94 33.63
CA ILE B 100 42.12 12.71 34.73
C ILE B 100 40.99 13.48 35.43
N ASP B 101 41.29 14.03 36.60
CA ASP B 101 40.31 14.88 37.25
C ASP B 101 40.68 16.34 37.08
N PHE B 102 39.68 17.18 36.90
CA PHE B 102 39.87 18.63 36.87
C PHE B 102 39.24 19.27 38.08
N SER B 103 39.93 20.28 38.60
CA SER B 103 39.32 21.20 39.56
C SER B 103 38.19 21.98 38.88
N LYS B 104 37.39 22.67 39.68
CA LYS B 104 36.54 23.71 39.14
C LYS B 104 37.41 24.66 38.31
N PRO B 105 36.83 25.30 37.31
CA PRO B 105 37.61 26.18 36.43
C PRO B 105 38.16 27.39 37.16
N PHE B 106 39.43 27.72 36.89
CA PHE B 106 40.03 28.93 37.47
C PHE B 106 39.91 30.11 36.52
N MET B 107 39.56 29.85 35.26
CA MET B 107 39.44 30.88 34.23
C MET B 107 38.52 30.37 33.16
N SER B 108 37.67 31.27 32.69
CA SER B 108 36.76 30.96 31.60
C SER B 108 37.37 31.37 30.27
N LEU B 109 36.99 30.63 29.23
CA LEU B 109 37.37 30.98 27.87
C LEU B 109 36.39 30.38 26.87
N GLY B 110 36.51 30.84 25.65
CA GLY B 110 35.89 30.17 24.52
C GLY B 110 36.78 30.26 23.31
N ILE B 111 36.57 29.38 22.34
CA ILE B 111 37.28 29.45 21.08
C ILE B 111 36.93 30.75 20.38
N SER B 112 37.93 31.38 19.80
CA SER B 112 37.77 32.68 19.15
C SER B 112 38.63 32.76 17.92
N ILE B 113 38.45 33.85 17.17
CA ILE B 113 39.18 34.08 15.93
C ILE B 113 40.13 35.25 16.10
N MET B 114 41.38 35.02 15.77
CA MET B 114 42.38 36.08 15.67
C MET B 114 42.65 36.39 14.20
N ILE B 115 42.55 37.67 13.87
CA ILE B 115 42.94 38.17 12.55
C ILE B 115 44.06 39.19 12.65
N LYS B 116 44.82 39.33 11.56
CA LYS B 116 45.65 40.53 11.41
C LYS B 116 44.68 41.68 11.19
N LYS B 117 44.99 42.83 11.80
CA LYS B 117 44.12 44.01 11.68
C LYS B 117 43.79 44.32 10.22
N GLY B 118 42.49 44.48 9.95
CA GLY B 118 42.02 44.86 8.63
C GLY B 118 41.55 43.70 7.77
N THR B 119 41.76 42.47 8.24
CA THR B 119 41.30 41.27 7.56
C THR B 119 39.77 41.32 7.47
N PRO B 120 39.22 41.16 6.26
CA PRO B 120 37.76 41.27 6.10
C PRO B 120 37.05 39.99 6.53
N ILE B 121 37.14 39.70 7.82
CA ILE B 121 36.53 38.54 8.46
C ILE B 121 35.96 39.02 9.78
N GLU B 122 34.70 38.67 10.03
CA GLU B 122 33.99 39.11 11.22
C GLU B 122 33.46 37.93 12.04
N SER B 123 33.49 36.74 11.45
CA SER B 123 32.89 35.56 12.09
C SER B 123 33.48 34.25 11.56
N ALA B 124 33.15 33.16 12.25
CA ALA B 124 33.48 31.81 11.79
C ALA B 124 32.78 31.53 10.45
N GLU B 125 31.51 31.93 10.36
CA GLU B 125 30.74 31.85 9.09
C GLU B 125 31.47 32.54 7.93
N ASP B 126 32.00 33.74 8.18
CA ASP B 126 32.82 34.47 7.18
C ASP B 126 34.01 33.67 6.69
N LEU B 127 34.76 33.04 7.62
CA LEU B 127 35.90 32.19 7.28
C LEU B 127 35.50 31.01 6.40
N SER B 128 34.39 30.35 6.75
CA SER B 128 33.93 29.13 6.11
C SER B 128 33.42 29.34 4.69
N LYS B 129 32.93 30.55 4.41
CA LYS B 129 32.40 30.93 3.10
C LYS B 129 33.47 31.17 2.02
N GLN B 130 34.69 31.48 2.45
CA GLN B 130 35.75 31.92 1.52
C GLN B 130 36.98 31.01 1.53
N THR B 131 37.93 31.28 0.62
CA THR B 131 39.15 30.47 0.49
C THR B 131 40.46 31.27 0.44
N GLU B 132 40.36 32.58 0.21
CA GLU B 132 41.55 33.45 0.10
C GLU B 132 42.33 33.53 1.41
N ILE B 133 41.60 33.60 2.52
CA ILE B 133 42.21 33.64 3.86
C ILE B 133 42.21 32.23 4.47
N ALA B 134 43.41 31.68 4.64
CA ALA B 134 43.63 30.40 5.33
C ALA B 134 43.37 30.54 6.82
N TYR B 135 43.04 29.44 7.48
CA TYR B 135 42.83 29.45 8.94
C TYR B 135 43.03 28.06 9.53
N GLY B 136 43.53 28.02 10.75
CA GLY B 136 43.85 26.77 11.42
C GLY B 136 43.84 26.89 12.92
N THR B 137 44.29 25.83 13.58
CA THR B 137 44.27 25.71 15.03
C THR B 137 45.59 25.13 15.52
N LEU B 138 45.75 25.12 16.84
CA LEU B 138 46.83 24.39 17.48
C LEU B 138 46.66 22.86 17.37
N ASP B 139 47.76 22.15 17.12
CA ASP B 139 47.80 20.69 17.25
C ASP B 139 47.75 20.19 18.70
N SER B 140 47.13 19.03 18.89
CA SER B 140 47.08 18.30 20.19
C SER B 140 46.40 19.08 21.31
N GLY B 141 45.48 19.95 20.91
CA GLY B 141 44.71 20.72 21.86
C GLY B 141 43.22 20.58 21.70
N SER B 142 42.51 21.27 22.58
CA SER B 142 41.07 21.18 22.65
C SER B 142 40.37 21.90 21.50
N THR B 143 41.02 22.92 20.93
CA THR B 143 40.39 23.66 19.81
C THR B 143 40.32 22.79 18.57
N LYS B 144 41.41 22.09 18.26
CA LYS B 144 41.43 21.17 17.12
C LYS B 144 40.35 20.12 17.28
N GLU B 145 40.21 19.59 18.50
CA GLU B 145 39.20 18.55 18.77
C GLU B 145 37.81 19.09 18.57
N PHE B 146 37.62 20.37 18.93
CA PHE B 146 36.33 21.02 18.74
C PHE B 146 35.92 20.97 17.27
N PHE B 147 36.82 21.34 16.38
CA PHE B 147 36.50 21.34 14.96
C PHE B 147 36.34 19.93 14.40
N ARG B 148 37.25 19.03 14.78
CA ARG B 148 37.18 17.61 14.39
C ARG B 148 35.80 16.97 14.69
N ARG B 149 35.26 17.28 15.88
CA ARG B 149 34.02 16.66 16.35
C ARG B 149 32.73 17.40 15.99
N SER B 150 32.85 18.64 15.52
CA SER B 150 31.67 19.50 15.39
C SER B 150 30.72 19.03 14.30
N LYS B 151 29.44 19.06 14.64
CA LYS B 151 28.36 18.73 13.71
C LYS B 151 27.71 20.00 13.16
N ILE B 152 28.03 21.15 13.77
CA ILE B 152 27.52 22.46 13.34
C ILE B 152 28.07 22.74 11.95
N ALA B 153 27.17 23.04 11.00
CA ALA B 153 27.52 23.12 9.58
C ALA B 153 28.73 24.01 9.28
N VAL B 154 28.74 25.21 9.87
CA VAL B 154 29.83 26.18 9.71
C VAL B 154 31.15 25.55 10.15
N PHE B 155 31.15 24.95 11.34
CA PHE B 155 32.38 24.40 11.92
C PHE B 155 32.80 23.11 11.23
N ASP B 156 31.81 22.32 10.81
CA ASP B 156 32.04 21.12 9.99
C ASP B 156 32.72 21.48 8.66
N LYS B 157 32.21 22.50 7.98
CA LYS B 157 32.82 23.00 6.75
C LYS B 157 34.26 23.49 6.99
N MET B 158 34.46 24.21 8.09
CA MET B 158 35.78 24.71 8.48
C MET B 158 36.77 23.58 8.69
N TRP B 159 36.32 22.54 9.41
CA TRP B 159 37.13 21.36 9.65
C TRP B 159 37.47 20.60 8.36
N THR B 160 36.46 20.39 7.51
CA THR B 160 36.66 19.75 6.21
C THR B 160 37.78 20.48 5.45
N TYR B 161 37.75 21.81 5.49
CA TYR B 161 38.79 22.62 4.88
C TYR B 161 40.14 22.42 5.59
N MET B 162 40.16 22.57 6.91
CA MET B 162 41.42 22.59 7.68
C MET B 162 42.20 21.28 7.63
N ARG B 163 41.49 20.16 7.78
CA ARG B 163 42.10 18.83 7.79
C ARG B 163 42.87 18.48 6.51
N SER B 164 42.51 19.11 5.39
CA SER B 164 43.08 18.81 4.06
C SER B 164 43.99 19.91 3.52
N ALA B 165 43.87 21.11 4.09
CA ALA B 165 44.53 22.33 3.57
C ALA B 165 46.04 22.19 3.43
N GLU B 166 46.54 22.59 2.24
CA GLU B 166 47.97 22.60 1.94
C GLU B 166 48.46 24.00 1.49
N PRO B 167 49.52 24.54 2.11
CA PRO B 167 50.25 23.89 3.21
C PRO B 167 49.44 23.80 4.48
N SER B 168 49.81 22.88 5.36
CA SER B 168 49.13 22.66 6.63
C SER B 168 48.81 23.97 7.36
N VAL B 169 47.57 24.06 7.83
CA VAL B 169 47.09 25.23 8.57
C VAL B 169 47.24 25.07 10.09
N PHE B 170 47.63 23.87 10.51
CA PHE B 170 47.83 23.61 11.94
C PHE B 170 49.23 24.01 12.37
N VAL B 171 49.35 24.35 13.65
CA VAL B 171 50.60 24.82 14.22
C VAL B 171 50.94 24.04 15.49
N ARG B 172 52.23 24.00 15.83
CA ARG B 172 52.72 23.25 17.00
C ARG B 172 52.54 23.98 18.31
N THR B 173 52.58 25.32 18.24
CA THR B 173 52.46 26.18 19.40
C THR B 173 51.59 27.38 19.07
N THR B 174 50.96 27.94 20.11
CA THR B 174 50.22 29.18 20.00
C THR B 174 51.08 30.29 19.41
N ALA B 175 52.32 30.42 19.90
CA ALA B 175 53.26 31.40 19.38
C ALA B 175 53.43 31.28 17.87
N GLU B 176 53.51 30.04 17.37
CA GLU B 176 53.62 29.77 15.92
C GLU B 176 52.37 30.25 15.17
N GLY B 177 51.19 29.99 15.72
CA GLY B 177 49.93 30.48 15.16
C GLY B 177 49.89 32.00 15.06
N VAL B 178 50.31 32.67 16.14
CA VAL B 178 50.27 34.14 16.23
C VAL B 178 51.26 34.76 15.24
N ALA B 179 52.48 34.22 15.20
CA ALA B 179 53.51 34.69 14.26
C ALA B 179 53.02 34.55 12.83
N ARG B 180 52.31 33.45 12.57
CA ARG B 180 51.74 33.18 11.24
C ARG B 180 50.71 34.22 10.83
N VAL B 181 49.80 34.55 11.74
CA VAL B 181 48.84 35.63 11.50
C VAL B 181 49.59 36.92 11.16
N ARG B 182 50.60 37.23 11.97
CA ARG B 182 51.32 38.50 11.86
C ARG B 182 52.12 38.67 10.58
N LYS B 183 52.66 37.57 10.06
CA LYS B 183 53.48 37.62 8.84
C LYS B 183 52.71 37.38 7.52
N SER B 184 51.46 36.93 7.61
CA SER B 184 50.74 36.47 6.41
C SER B 184 49.90 37.54 5.67
N LYS B 185 50.12 38.82 6.01
CA LYS B 185 49.51 39.98 5.31
C LYS B 185 47.97 39.94 5.25
N GLY B 186 47.37 39.29 6.24
CA GLY B 186 45.91 39.14 6.29
C GLY B 186 45.38 37.85 5.69
N LYS B 187 46.26 36.99 5.19
CA LYS B 187 45.85 35.74 4.51
C LYS B 187 45.77 34.51 5.42
N TYR B 188 46.05 34.71 6.71
CA TYR B 188 45.90 33.66 7.71
C TYR B 188 45.15 34.17 8.94
N ALA B 189 44.10 33.44 9.30
CA ALA B 189 43.39 33.66 10.56
C ALA B 189 43.68 32.48 11.47
N TYR B 190 43.71 32.73 12.77
CA TYR B 190 44.04 31.70 13.73
C TYR B 190 42.92 31.47 14.72
N LEU B 191 42.54 30.21 14.91
CA LEU B 191 41.51 29.86 15.86
C LEU B 191 42.16 29.47 17.17
N LEU B 192 41.86 30.21 18.23
CA LEU B 192 42.51 30.00 19.51
C LEU B 192 41.63 30.50 20.63
N GLU B 193 41.98 30.13 21.85
CA GLU B 193 41.15 30.49 22.97
C GLU B 193 41.18 31.99 23.24
N SER B 194 40.03 32.49 23.68
CA SER B 194 39.78 33.93 23.84
C SER B 194 40.77 34.61 24.79
N THR B 195 41.17 33.88 25.82
CA THR B 195 42.16 34.31 26.79
C THR B 195 43.49 34.65 26.12
N MET B 196 43.95 33.73 25.26
CA MET B 196 45.21 33.93 24.58
C MET B 196 45.08 35.01 23.52
N ASN B 197 43.93 35.04 22.85
CA ASN B 197 43.64 36.02 21.82
C ASN B 197 43.67 37.44 22.44
N GLU B 198 42.97 37.62 23.56
CA GLU B 198 42.87 38.92 24.25
C GLU B 198 44.21 39.39 24.76
N TYR B 199 45.03 38.45 25.23
CA TYR B 199 46.38 38.76 25.68
C TYR B 199 47.19 39.36 24.55
N ILE B 200 47.20 38.67 23.40
CA ILE B 200 48.02 39.02 22.25
C ILE B 200 47.56 40.35 21.66
N GLU B 201 46.25 40.59 21.69
CA GLU B 201 45.67 41.87 21.23
C GLU B 201 46.24 43.07 22.00
N GLN B 202 46.63 42.85 23.26
CA GLN B 202 47.24 43.91 24.10
C GLN B 202 48.78 43.91 24.11
N ARG B 203 49.38 43.14 23.20
CA ARG B 203 50.84 43.07 23.05
C ARG B 203 51.30 43.79 21.78
N LYS B 204 52.42 44.50 21.87
CA LYS B 204 53.12 45.03 20.70
C LYS B 204 53.50 43.88 19.77
N PRO B 205 53.36 44.03 18.44
CA PRO B 205 53.09 45.31 17.77
C PRO B 205 51.62 45.75 17.56
N CYS B 206 50.69 45.16 18.31
CA CYS B 206 49.28 45.58 18.32
C CYS B 206 48.65 45.50 16.94
N ASP B 207 48.91 44.39 16.25
CA ASP B 207 48.54 44.23 14.85
C ASP B 207 47.54 43.12 14.65
N THR B 208 47.09 42.53 15.77
CA THR B 208 46.07 41.51 15.72
C THR B 208 44.85 41.95 16.50
N MET B 209 43.74 41.30 16.21
CA MET B 209 42.55 41.47 17.02
C MET B 209 41.63 40.26 16.99
N LYS B 210 40.86 40.17 18.06
CA LYS B 210 39.81 39.19 18.21
C LYS B 210 38.59 39.71 17.46
N VAL B 211 38.01 38.85 16.62
CA VAL B 211 36.77 39.19 15.92
C VAL B 211 35.69 38.16 16.19
N GLY B 212 34.45 38.67 16.28
CA GLY B 212 33.28 37.84 16.49
C GLY B 212 33.16 37.36 17.93
N GLY B 213 32.07 36.65 18.19
CA GLY B 213 31.80 36.09 19.50
C GLY B 213 32.64 34.84 19.70
N ASN B 214 32.67 34.36 20.93
CA ASN B 214 33.29 33.04 21.19
C ASN B 214 32.42 31.93 20.62
N LEU B 215 33.09 30.86 20.17
CA LEU B 215 32.39 29.72 19.56
C LEU B 215 31.83 28.76 20.58
N ASP B 216 32.39 28.78 21.78
CA ASP B 216 31.92 27.95 22.88
C ASP B 216 32.20 28.61 24.21
N SER B 217 31.85 27.92 25.29
CA SER B 217 32.02 28.46 26.63
C SER B 217 32.55 27.36 27.49
N LYS B 218 33.75 27.54 28.02
CA LYS B 218 34.36 26.51 28.85
C LYS B 218 35.35 27.17 29.79
N GLY B 219 36.33 26.40 30.25
CA GLY B 219 37.21 26.88 31.31
C GLY B 219 38.44 26.04 31.37
N TYR B 220 39.47 26.59 32.01
CA TYR B 220 40.67 25.82 32.34
C TYR B 220 40.52 25.32 33.75
N GLY B 221 41.03 24.12 33.98
CA GLY B 221 41.03 23.53 35.32
C GLY B 221 42.41 23.00 35.67
N ILE B 222 42.67 22.88 36.96
CA ILE B 222 43.88 22.25 37.44
C ILE B 222 43.60 20.75 37.41
N ALA B 223 44.51 19.98 36.81
CA ALA B 223 44.25 18.59 36.61
C ALA B 223 45.14 17.71 37.47
N THR B 224 44.55 16.63 37.96
CA THR B 224 45.27 15.65 38.75
C THR B 224 44.97 14.25 38.21
N PRO B 225 45.92 13.30 38.35
CA PRO B 225 45.61 11.93 37.97
C PRO B 225 44.50 11.37 38.85
N LYS B 226 43.73 10.44 38.30
CA LYS B 226 42.70 9.74 39.09
C LYS B 226 43.37 9.15 40.33
N GLY B 227 42.68 9.29 41.44
CA GLY B 227 43.16 8.73 42.71
C GLY B 227 44.08 9.64 43.51
N SER B 228 44.42 10.81 42.94
CA SER B 228 45.29 11.77 43.61
C SER B 228 44.77 12.21 44.97
N SER B 229 45.66 12.17 45.96
CA SER B 229 45.35 12.67 47.31
C SER B 229 45.12 14.20 47.32
N LEU B 230 45.50 14.88 46.24
CA LEU B 230 45.38 16.34 46.13
C LEU B 230 44.06 16.83 45.57
N ARG B 231 43.27 15.93 45.01
CA ARG B 231 42.07 16.33 44.25
C ARG B 231 41.13 17.30 44.99
N ASN B 232 40.68 16.90 46.18
CA ASN B 232 39.70 17.72 46.91
C ASN B 232 40.29 19.06 47.34
N ALA B 233 41.51 19.03 47.88
CA ALA B 233 42.14 20.26 48.39
C ALA B 233 42.35 21.27 47.27
N VAL B 234 42.78 20.77 46.11
CA VAL B 234 43.06 21.63 44.97
C VAL B 234 41.76 22.23 44.48
N ASN B 235 40.72 21.40 44.40
CA ASN B 235 39.42 21.88 43.96
C ASN B 235 38.92 23.01 44.87
N LEU B 236 38.97 22.77 46.17
CA LEU B 236 38.50 23.76 47.15
C LEU B 236 39.36 25.02 47.14
N ALA B 237 40.67 24.84 46.97
CA ALA B 237 41.58 25.99 46.86
C ALA B 237 41.26 26.87 45.65
N VAL B 238 40.92 26.29 44.51
CA VAL B 238 40.49 27.09 43.35
C VAL B 238 39.28 27.96 43.73
N LEU B 239 38.29 27.36 44.37
CA LEU B 239 37.09 28.11 44.77
C LEU B 239 37.42 29.22 45.78
N LYS B 240 38.29 28.91 46.75
CA LYS B 240 38.75 29.91 47.72
C LYS B 240 39.38 31.10 47.02
N LEU B 241 40.30 30.82 46.10
CA LEU B 241 40.99 31.87 45.37
C LEU B 241 40.07 32.68 44.49
N ASN B 242 39.07 32.04 43.91
CA ASN B 242 38.08 32.78 43.15
C ASN B 242 37.30 33.74 44.03
N GLU B 243 36.84 33.21 45.17
CA GLU B 243 35.96 33.95 46.06
C GLU B 243 36.68 35.09 46.75
N GLN B 244 38.00 34.96 46.92
CA GLN B 244 38.84 36.06 47.45
C GLN B 244 39.10 37.16 46.42
N GLY B 245 38.76 36.89 45.16
CA GLY B 245 39.02 37.81 44.07
C GLY B 245 40.44 37.70 43.56
N LEU B 246 41.17 36.69 44.02
CA LEU B 246 42.57 36.52 43.65
C LEU B 246 42.77 36.15 42.19
N LEU B 247 41.87 35.32 41.67
CA LEU B 247 41.98 34.92 40.28
C LEU B 247 41.78 36.10 39.34
N ASP B 248 40.84 36.99 39.69
CA ASP B 248 40.56 38.20 38.93
C ASP B 248 41.74 39.16 38.99
N LYS B 249 42.32 39.29 40.19
CA LYS B 249 43.52 40.08 40.40
C LYS B 249 44.66 39.58 39.50
N LEU B 250 44.85 38.25 39.46
CA LEU B 250 45.90 37.66 38.64
C LEU B 250 45.67 37.86 37.16
N LYS B 251 44.40 37.76 36.73
CA LYS B 251 44.08 38.01 35.33
C LYS B 251 44.40 39.46 34.97
N ASN B 252 43.99 40.40 35.83
CA ASN B 252 44.31 41.81 35.58
C ASN B 252 45.81 42.07 35.54
N LYS B 253 46.55 41.44 36.46
CA LYS B 253 48.01 41.57 36.56
C LYS B 253 48.70 41.16 35.26
N TRP B 254 48.27 40.03 34.69
CA TRP B 254 48.97 39.42 33.57
C TRP B 254 48.44 39.81 32.20
N TRP B 255 47.19 40.27 32.14
CA TRP B 255 46.59 40.67 30.87
C TRP B 255 46.62 42.15 30.56
N TYR B 256 46.20 42.95 31.52
CA TYR B 256 45.81 44.34 31.24
C TYR B 256 46.66 45.41 31.90
N ASP B 257 47.19 45.11 33.10
CA ASP B 257 48.02 46.06 33.85
C ASP B 257 49.34 46.38 33.13
N LYS B 258 49.90 45.36 32.48
CA LYS B 258 51.14 45.46 31.70
C LYS B 258 50.89 45.69 30.20
N GLY B 259 49.61 45.84 29.82
CA GLY B 259 49.17 46.02 28.41
C GLY B 259 49.94 47.07 27.63
N GLU B 260 50.34 46.69 26.41
CA GLU B 260 51.28 47.49 25.60
C GLU B 260 50.63 48.34 24.51
N CYS B 261 49.33 48.17 24.32
CA CYS B 261 48.60 48.79 23.21
C CYS B 261 47.66 49.91 23.67
N GLY B 262 47.97 50.49 24.84
CA GLY B 262 47.22 51.63 25.39
C GLY B 262 46.00 51.24 26.19
N ASN C 3 -11.69 -21.36 28.39
CA ASN C 3 -12.38 -21.28 29.71
C ASN C 3 -11.78 -20.23 30.67
N LYS C 4 -10.71 -19.57 30.24
CA LYS C 4 -10.07 -18.50 31.00
C LYS C 4 -10.15 -17.19 30.23
N THR C 5 -10.28 -16.08 30.95
CA THR C 5 -10.30 -14.76 30.31
C THR C 5 -8.90 -14.44 29.75
N VAL C 6 -8.88 -14.10 28.46
CA VAL C 6 -7.64 -13.82 27.74
C VAL C 6 -7.19 -12.39 28.11
N VAL C 7 -5.95 -12.24 28.57
CA VAL C 7 -5.43 -10.91 28.87
C VAL C 7 -4.85 -10.31 27.61
N VAL C 8 -5.44 -9.21 27.14
CA VAL C 8 -4.99 -8.55 25.92
C VAL C 8 -4.15 -7.37 26.34
N THR C 9 -2.92 -7.31 25.87
CA THR C 9 -2.14 -6.11 26.03
C THR C 9 -2.29 -5.24 24.79
N THR C 10 -2.46 -3.94 25.04
CA THR C 10 -2.57 -2.97 23.98
C THR C 10 -1.98 -1.64 24.48
N ILE C 11 -2.05 -0.61 23.65
CA ILE C 11 -1.35 0.64 23.93
C ILE C 11 -2.27 1.79 23.60
N LEU C 12 -2.18 2.87 24.38
CA LEU C 12 -2.96 4.07 24.09
C LEU C 12 -2.32 4.82 22.95
N GLU C 13 -2.92 4.63 21.77
CA GLU C 13 -2.40 5.15 20.53
C GLU C 13 -3.62 5.43 19.67
N SER C 14 -3.87 6.70 19.37
CA SER C 14 -5.01 7.08 18.55
C SER C 14 -4.78 6.74 17.06
N PRO C 15 -5.78 6.21 16.34
CA PRO C 15 -7.14 5.90 16.79
C PRO C 15 -7.33 4.40 17.08
N TYR C 16 -6.26 3.73 17.47
CA TYR C 16 -6.29 2.30 17.73
C TYR C 16 -6.95 1.98 19.05
N VAL C 17 -6.50 2.63 20.12
CA VAL C 17 -7.11 2.45 21.43
C VAL C 17 -7.06 3.81 22.10
N MET C 18 -8.24 4.27 22.49
CA MET C 18 -8.42 5.57 23.11
C MET C 18 -9.38 5.44 24.27
N MET C 19 -9.11 6.21 25.32
CA MET C 19 -10.02 6.34 26.44
C MET C 19 -11.22 7.14 25.97
N LYS C 20 -12.41 6.55 26.05
CA LYS C 20 -13.63 7.30 25.73
C LYS C 20 -13.75 8.47 26.66
N LYS C 21 -14.25 9.59 26.11
CA LYS C 21 -14.49 10.79 26.90
C LYS C 21 -15.28 10.44 28.16
N ASN C 22 -14.72 10.87 29.30
CA ASN C 22 -15.32 10.73 30.63
C ASN C 22 -15.50 9.30 31.12
N HIS C 23 -14.65 8.37 30.65
CA HIS C 23 -14.76 6.95 31.04
C HIS C 23 -13.68 6.43 31.97
N GLU C 24 -12.83 7.34 32.44
CA GLU C 24 -11.66 6.98 33.25
C GLU C 24 -12.01 6.15 34.49
N MET C 25 -13.20 6.38 35.05
CA MET C 25 -13.62 5.79 36.31
C MET C 25 -14.54 4.59 36.15
N LEU C 26 -14.97 4.34 34.93
CA LEU C 26 -15.74 3.14 34.62
C LEU C 26 -14.82 1.91 34.65
N GLU C 27 -15.38 0.74 34.42
CA GLU C 27 -14.59 -0.49 34.52
C GLU C 27 -14.63 -1.34 33.27
N GLY C 28 -13.51 -2.03 33.03
CA GLY C 28 -13.47 -3.03 32.00
C GLY C 28 -13.40 -2.45 30.60
N ASN C 29 -13.78 -3.29 29.65
CA ASN C 29 -13.49 -3.07 28.26
C ASN C 29 -14.23 -1.88 27.67
N GLU C 30 -15.39 -1.54 28.25
CA GLU C 30 -16.25 -0.48 27.72
C GLU C 30 -15.60 0.90 27.79
N ARG C 31 -14.56 1.04 28.60
CA ARG C 31 -13.83 2.30 28.71
C ARG C 31 -13.16 2.74 27.43
N TYR C 32 -12.80 1.77 26.59
CA TYR C 32 -11.96 2.02 25.45
C TYR C 32 -12.70 1.97 24.14
N GLU C 33 -12.19 2.74 23.19
CA GLU C 33 -12.68 2.70 21.82
C GLU C 33 -11.53 2.80 20.84
N GLY C 34 -11.79 2.37 19.62
CA GLY C 34 -10.82 2.53 18.56
C GLY C 34 -10.72 1.32 17.66
N TYR C 35 -9.88 1.42 16.66
CA TYR C 35 -9.72 0.37 15.68
C TYR C 35 -9.37 -0.98 16.35
N CYS C 36 -8.41 -0.95 17.27
CA CYS C 36 -7.95 -2.19 17.89
C CYS C 36 -8.91 -2.72 18.93
N VAL C 37 -9.72 -1.85 19.52
CA VAL C 37 -10.80 -2.26 20.38
C VAL C 37 -11.84 -3.03 19.56
N ASP C 38 -12.21 -2.49 18.40
CA ASP C 38 -13.14 -3.18 17.50
C ASP C 38 -12.52 -4.47 16.96
N LEU C 39 -11.24 -4.42 16.63
CA LEU C 39 -10.52 -5.59 16.18
C LEU C 39 -10.53 -6.69 17.25
N ALA C 40 -10.19 -6.31 18.49
CA ALA C 40 -10.20 -7.30 19.57
C ALA C 40 -11.54 -7.97 19.73
N ALA C 41 -12.62 -7.19 19.68
CA ALA C 41 -13.95 -7.77 19.80
C ALA C 41 -14.22 -8.78 18.70
N GLU C 42 -13.84 -8.47 17.46
CA GLU C 42 -14.01 -9.39 16.35
C GLU C 42 -13.14 -10.64 16.48
N ILE C 43 -11.87 -10.46 16.83
CA ILE C 43 -11.00 -11.61 17.01
C ILE C 43 -11.52 -12.52 18.10
N ALA C 44 -11.90 -11.96 19.24
CA ALA C 44 -12.41 -12.75 20.33
C ALA C 44 -13.67 -13.50 19.92
N LYS C 45 -14.54 -12.84 19.15
CA LYS C 45 -15.80 -13.45 18.71
C LYS C 45 -15.51 -14.62 17.77
N HIS C 46 -14.64 -14.42 16.79
CA HIS C 46 -14.30 -15.47 15.85
C HIS C 46 -13.55 -16.64 16.50
N CYS C 47 -12.74 -16.35 17.52
CA CYS C 47 -11.93 -17.37 18.18
C CYS C 47 -12.60 -17.97 19.40
N GLY C 48 -13.72 -17.38 19.80
CA GLY C 48 -14.51 -17.89 20.91
C GLY C 48 -13.85 -17.74 22.27
N PHE C 49 -13.24 -16.59 22.54
CA PHE C 49 -12.76 -16.31 23.88
C PHE C 49 -13.30 -15.02 24.47
N LYS C 50 -13.32 -14.99 25.79
CA LYS C 50 -13.57 -13.79 26.61
C LYS C 50 -12.23 -13.15 26.90
N TYR C 51 -12.24 -11.83 27.06
CA TYR C 51 -10.97 -11.11 27.14
C TYR C 51 -11.07 -9.85 27.98
N LYS C 52 -9.92 -9.43 28.49
CA LYS C 52 -9.80 -8.20 29.24
C LYS C 52 -8.75 -7.35 28.56
N LEU C 53 -9.13 -6.13 28.18
CA LEU C 53 -8.19 -5.19 27.60
C LEU C 53 -7.38 -4.55 28.71
N THR C 54 -6.06 -4.58 28.54
CA THR C 54 -5.15 -3.92 29.47
C THR C 54 -4.17 -3.06 28.68
N ILE C 55 -3.80 -1.95 29.27
CA ILE C 55 -2.83 -1.06 28.63
C ILE C 55 -1.46 -1.42 29.14
N VAL C 56 -0.55 -1.65 28.21
CA VAL C 56 0.82 -2.02 28.52
C VAL C 56 1.39 -1.09 29.60
N GLY C 57 1.93 -1.71 30.64
CA GLY C 57 2.37 -1.00 31.84
C GLY C 57 3.40 0.08 31.60
N ASP C 58 4.35 -0.19 30.71
CA ASP C 58 5.42 0.77 30.46
C ASP C 58 5.15 1.72 29.29
N GLY C 59 4.01 1.52 28.62
CA GLY C 59 3.60 2.42 27.54
C GLY C 59 4.39 2.27 26.26
N LYS C 60 5.12 1.16 26.13
CA LYS C 60 6.00 0.95 24.99
C LYS C 60 5.52 -0.19 24.10
N TYR C 61 6.00 -0.16 22.86
CA TYR C 61 5.69 -1.21 21.89
C TYR C 61 6.48 -2.49 22.15
N GLY C 62 7.79 -2.37 22.21
CA GLY C 62 8.60 -3.53 22.52
C GLY C 62 9.94 -3.49 21.85
N ALA C 63 10.97 -3.47 22.68
CA ALA C 63 12.35 -3.55 22.21
C ALA C 63 13.15 -4.34 23.23
N ARG C 64 14.23 -4.94 22.77
CA ARG C 64 15.11 -5.69 23.62
C ARG C 64 16.30 -4.80 24.01
N ASP C 65 16.49 -4.59 25.30
CA ASP C 65 17.65 -3.82 25.77
C ASP C 65 18.95 -4.51 25.35
N ALA C 66 19.87 -3.71 24.78
CA ALA C 66 21.16 -4.18 24.27
C ALA C 66 22.01 -4.90 25.34
N ASP C 67 21.98 -4.37 26.57
CA ASP C 67 22.79 -4.90 27.67
C ASP C 67 22.10 -6.04 28.42
N THR C 68 20.91 -5.77 28.95
CA THR C 68 20.19 -6.75 29.79
C THR C 68 19.54 -7.87 28.98
N LYS C 69 19.29 -7.61 27.68
CA LYS C 69 18.57 -8.53 26.78
C LYS C 69 17.09 -8.73 27.18
N ILE C 70 16.58 -7.80 28.00
CA ILE C 70 15.21 -7.86 28.49
C ILE C 70 14.32 -7.10 27.51
N TRP C 71 13.20 -7.73 27.15
CA TRP C 71 12.17 -7.10 26.34
C TRP C 71 11.25 -6.22 27.16
N ASN C 72 11.02 -5.01 26.65
CA ASN C 72 10.05 -4.15 27.29
C ASN C 72 8.75 -4.12 26.47
N GLY C 73 7.83 -3.25 26.87
CA GLY C 73 6.65 -2.98 26.07
C GLY C 73 5.72 -4.16 25.96
N MET C 74 4.84 -4.11 24.97
CA MET C 74 3.87 -5.17 24.76
C MET C 74 4.56 -6.48 24.45
N VAL C 75 5.66 -6.41 23.70
CA VAL C 75 6.42 -7.62 23.38
C VAL C 75 6.89 -8.29 24.67
N GLY C 76 7.47 -7.49 25.57
CA GLY C 76 7.86 -7.98 26.90
C GLY C 76 6.71 -8.61 27.65
N GLU C 77 5.54 -7.98 27.61
CA GLU C 77 4.41 -8.55 28.32
C GLU C 77 4.03 -9.96 27.81
N LEU C 78 4.17 -10.17 26.51
CA LEU C 78 3.94 -11.50 25.97
C LEU C 78 5.08 -12.46 26.32
N VAL C 79 6.32 -11.98 26.18
CA VAL C 79 7.51 -12.82 26.38
C VAL C 79 7.55 -13.34 27.83
N TYR C 80 7.19 -12.49 28.78
CA TYR C 80 7.29 -12.84 30.19
C TYR C 80 6.00 -13.37 30.80
N GLY C 81 4.99 -13.53 29.95
CA GLY C 81 3.74 -14.17 30.37
C GLY C 81 2.75 -13.27 31.11
N LYS C 82 2.92 -11.96 30.98
CA LYS C 82 2.04 -10.99 31.65
C LYS C 82 0.77 -10.75 30.87
N ALA C 83 0.80 -11.06 29.58
CA ALA C 83 -0.39 -10.99 28.74
C ALA C 83 -0.42 -12.16 27.78
N ASP C 84 -1.61 -12.49 27.30
CA ASP C 84 -1.81 -13.62 26.41
C ASP C 84 -1.79 -13.31 24.93
N ILE C 85 -2.06 -12.04 24.59
CA ILE C 85 -2.16 -11.61 23.22
C ILE C 85 -1.98 -10.11 23.19
N ALA C 86 -1.35 -9.61 22.14
CA ALA C 86 -1.23 -8.16 21.91
C ALA C 86 -2.04 -7.82 20.70
N ILE C 87 -2.98 -6.90 20.88
CA ILE C 87 -3.82 -6.44 19.77
C ILE C 87 -3.67 -4.94 19.74
N ALA C 88 -2.79 -4.48 18.85
CA ALA C 88 -2.27 -3.13 18.87
C ALA C 88 -1.63 -2.86 17.52
N PRO C 89 -1.28 -1.59 17.25
CA PRO C 89 -0.50 -1.33 16.03
C PRO C 89 0.97 -1.70 16.24
N LEU C 90 1.19 -3.00 16.39
CA LEU C 90 2.49 -3.58 16.68
C LEU C 90 3.08 -4.09 15.38
N THR C 91 4.19 -3.48 15.00
CA THR C 91 4.79 -3.77 13.73
C THR C 91 5.45 -5.14 13.72
N ILE C 92 5.18 -5.89 12.65
CA ILE C 92 5.83 -7.17 12.42
C ILE C 92 7.28 -6.92 12.04
N THR C 93 8.20 -7.42 12.86
CA THR C 93 9.62 -7.30 12.61
C THR C 93 10.30 -8.62 12.88
N LEU C 94 11.48 -8.79 12.25
CA LEU C 94 12.27 -9.96 12.43
C LEU C 94 12.61 -10.22 13.89
N VAL C 95 13.14 -9.21 14.60
CA VAL C 95 13.58 -9.47 15.96
C VAL C 95 12.41 -9.85 16.87
N ARG C 96 11.24 -9.31 16.59
CA ARG C 96 10.07 -9.70 17.36
C ARG C 96 9.58 -11.09 16.98
N GLU C 97 9.52 -11.37 15.69
CA GLU C 97 9.03 -12.68 15.23
C GLU C 97 9.93 -13.83 15.66
N GLU C 98 11.15 -13.49 16.06
CA GLU C 98 12.04 -14.49 16.64
C GLU C 98 11.62 -14.92 18.04
N VAL C 99 10.87 -14.07 18.75
CA VAL C 99 10.52 -14.31 20.16
C VAL C 99 9.03 -14.46 20.45
N ILE C 100 8.20 -13.91 19.57
CA ILE C 100 6.74 -14.07 19.65
C ILE C 100 6.24 -14.47 18.27
N ASP C 101 4.97 -14.87 18.18
CA ASP C 101 4.35 -15.15 16.88
C ASP C 101 3.44 -14.03 16.48
N PHE C 102 3.49 -13.65 15.22
CA PHE C 102 2.52 -12.70 14.65
C PHE C 102 1.53 -13.37 13.75
N SER C 103 0.27 -12.92 13.81
CA SER C 103 -0.70 -13.25 12.79
C SER C 103 -0.25 -12.62 11.47
N LYS C 104 -0.93 -13.00 10.40
CA LYS C 104 -0.82 -12.22 9.17
C LYS C 104 -1.22 -10.77 9.46
N PRO C 105 -0.71 -9.85 8.67
CA PRO C 105 -0.96 -8.45 9.01
C PRO C 105 -2.41 -8.07 8.85
N PHE C 106 -2.87 -7.23 9.76
CA PHE C 106 -4.22 -6.74 9.65
C PHE C 106 -4.27 -5.36 9.00
N MET C 107 -3.13 -4.69 8.86
CA MET C 107 -3.08 -3.36 8.26
C MET C 107 -1.67 -3.18 7.75
N SER C 108 -1.54 -2.56 6.59
CA SER C 108 -0.26 -2.25 6.00
C SER C 108 0.16 -0.85 6.38
N LEU C 109 1.47 -0.64 6.44
CA LEU C 109 2.02 0.68 6.70
C LEU C 109 3.44 0.74 6.26
N GLY C 110 3.97 1.95 6.21
CA GLY C 110 5.39 2.15 6.03
C GLY C 110 5.81 3.36 6.82
N ILE C 111 7.10 3.47 7.08
CA ILE C 111 7.64 4.67 7.71
C ILE C 111 7.42 5.85 6.78
N SER C 112 7.03 6.97 7.38
CA SER C 112 6.73 8.16 6.62
C SER C 112 7.18 9.40 7.38
N ILE C 113 7.13 10.54 6.68
CA ILE C 113 7.54 11.83 7.24
C ILE C 113 6.35 12.71 7.50
N MET C 114 6.24 13.18 8.73
CA MET C 114 5.27 14.22 9.06
C MET C 114 5.97 15.55 9.20
N ILE C 115 5.46 16.55 8.49
CA ILE C 115 5.92 17.93 8.66
C ILE C 115 4.80 18.83 9.12
N LYS C 116 5.19 19.93 9.76
CA LYS C 116 4.28 21.04 9.92
C LYS C 116 4.08 21.61 8.52
N LYS C 117 2.82 21.94 8.20
CA LYS C 117 2.53 22.50 6.87
C LYS C 117 3.43 23.68 6.54
N GLY C 118 4.00 23.60 5.33
CA GLY C 118 4.88 24.64 4.80
C GLY C 118 6.35 24.39 5.00
N THR C 119 6.69 23.36 5.77
CA THR C 119 8.09 22.96 5.96
C THR C 119 8.72 22.57 4.62
N PRO C 120 9.89 23.11 4.29
CA PRO C 120 10.48 22.86 2.97
C PRO C 120 11.21 21.52 2.90
N ILE C 121 10.43 20.45 3.06
CA ILE C 121 10.91 19.08 3.05
C ILE C 121 9.91 18.27 2.26
N GLU C 122 10.41 17.50 1.31
CA GLU C 122 9.57 16.63 0.47
C GLU C 122 9.94 15.15 0.59
N SER C 123 11.05 14.84 1.26
CA SER C 123 11.56 13.46 1.25
C SER C 123 12.59 13.23 2.35
N ALA C 124 12.91 11.95 2.56
CA ALA C 124 13.97 11.57 3.51
C ALA C 124 15.29 12.12 3.03
N GLU C 125 15.53 12.03 1.74
CA GLU C 125 16.75 12.59 1.18
C GLU C 125 16.87 14.07 1.55
N ASP C 126 15.78 14.83 1.42
CA ASP C 126 15.75 16.25 1.81
C ASP C 126 16.16 16.44 3.26
N LEU C 127 15.59 15.62 4.15
CA LEU C 127 15.95 15.73 5.57
C LEU C 127 17.44 15.48 5.78
N SER C 128 17.96 14.45 5.13
CA SER C 128 19.35 14.03 5.32
C SER C 128 20.37 15.03 4.81
N LYS C 129 19.96 15.93 3.91
CA LYS C 129 20.86 16.87 3.24
C LYS C 129 20.88 18.28 3.84
N GLN C 130 20.21 18.43 4.98
CA GLN C 130 20.15 19.71 5.67
C GLN C 130 20.26 19.50 7.18
N THR C 131 20.46 20.59 7.91
CA THR C 131 20.56 20.53 9.37
C THR C 131 19.70 21.55 10.12
N GLU C 132 18.99 22.40 9.39
CA GLU C 132 18.12 23.40 10.01
C GLU C 132 16.92 22.76 10.74
N ILE C 133 16.39 21.72 10.13
CA ILE C 133 15.20 21.04 10.61
C ILE C 133 15.65 19.75 11.26
N ALA C 134 15.36 19.64 12.55
CA ALA C 134 15.59 18.43 13.33
C ALA C 134 14.56 17.39 12.96
N TYR C 135 14.85 16.13 13.24
CA TYR C 135 13.90 15.05 12.99
C TYR C 135 14.25 13.85 13.83
N GLY C 136 13.23 13.12 14.22
CA GLY C 136 13.39 11.93 15.02
C GLY C 136 12.24 10.99 14.96
N THR C 137 12.26 10.02 15.86
CA THR C 137 11.32 8.92 15.83
C THR C 137 10.82 8.63 17.26
N LEU C 138 9.85 7.75 17.37
CA LEU C 138 9.49 7.19 18.65
C LEU C 138 10.68 6.41 19.25
N ASP C 139 10.87 6.52 20.57
CA ASP C 139 11.75 5.59 21.30
C ASP C 139 11.11 4.17 21.40
N SER C 140 11.93 3.11 21.39
CA SER C 140 11.47 1.76 21.77
C SER C 140 10.54 1.14 20.73
N GLY C 141 10.65 1.62 19.49
CA GLY C 141 9.79 1.11 18.44
C GLY C 141 10.52 0.65 17.21
N SER C 142 9.75 0.16 16.26
CA SER C 142 10.29 -0.35 15.00
C SER C 142 10.87 0.71 14.09
N THR C 143 10.35 1.95 14.17
CA THR C 143 10.92 2.99 13.31
C THR C 143 12.36 3.31 13.71
N LYS C 144 12.58 3.44 15.01
CA LYS C 144 13.91 3.68 15.51
C LYS C 144 14.84 2.56 15.07
N GLU C 145 14.37 1.32 15.18
CA GLU C 145 15.19 0.17 14.83
C GLU C 145 15.50 0.14 13.33
N PHE C 146 14.55 0.58 12.52
CA PHE C 146 14.78 0.71 11.08
C PHE C 146 15.99 1.59 10.79
N PHE C 147 16.05 2.75 11.42
CA PHE C 147 17.15 3.65 11.17
C PHE C 147 18.44 3.13 11.77
N ARG C 148 18.36 2.57 12.96
CA ARG C 148 19.55 1.99 13.62
C ARG C 148 20.23 0.94 12.72
N ARG C 149 19.40 0.12 12.09
CA ARG C 149 19.89 -1.01 11.29
C ARG C 149 20.18 -0.72 9.81
N SER C 150 19.71 0.42 9.28
CA SER C 150 19.75 0.63 7.84
C SER C 150 21.15 0.79 7.30
N LYS C 151 21.37 0.14 6.16
CA LYS C 151 22.61 0.27 5.40
C LYS C 151 22.36 1.08 4.13
N ILE C 152 21.13 1.56 3.95
CA ILE C 152 20.78 2.45 2.84
C ILE C 152 21.39 3.82 3.12
N ALA C 153 22.11 4.40 2.16
CA ALA C 153 22.91 5.62 2.38
C ALA C 153 22.15 6.73 3.10
N VAL C 154 20.98 7.10 2.57
CA VAL C 154 20.18 8.22 3.12
C VAL C 154 19.76 7.93 4.55
N PHE C 155 19.32 6.71 4.82
CA PHE C 155 18.79 6.33 6.14
C PHE C 155 19.93 6.20 7.17
N ASP C 156 21.07 5.70 6.72
CA ASP C 156 22.29 5.66 7.55
C ASP C 156 22.74 7.06 7.96
N LYS C 157 22.73 7.99 7.01
CA LYS C 157 23.06 9.40 7.27
C LYS C 157 22.08 9.98 8.30
N MET C 158 20.81 9.68 8.11
CA MET C 158 19.78 10.16 9.04
C MET C 158 20.00 9.58 10.43
N TRP C 159 20.32 8.30 10.52
CA TRP C 159 20.58 7.67 11.82
C TRP C 159 21.80 8.29 12.48
N THR C 160 22.86 8.50 11.70
CA THR C 160 24.07 9.10 12.24
C THR C 160 23.75 10.45 12.89
N TYR C 161 22.91 11.24 12.22
CA TYR C 161 22.45 12.48 12.80
C TYR C 161 21.58 12.25 14.05
N MET C 162 20.56 11.41 13.92
CA MET C 162 19.57 11.27 15.01
C MET C 162 20.17 10.73 16.31
N ARG C 163 21.08 9.77 16.18
CA ARG C 163 21.60 9.05 17.35
C ARG C 163 22.37 9.98 18.29
N SER C 164 22.92 11.06 17.76
CA SER C 164 23.73 11.96 18.56
C SER C 164 23.20 13.38 18.64
N ALA C 165 22.01 13.62 18.09
CA ALA C 165 21.45 14.96 18.08
C ALA C 165 21.10 15.40 19.49
N GLU C 166 21.31 16.69 19.74
CA GLU C 166 20.99 17.31 21.04
C GLU C 166 20.18 18.58 20.77
N PRO C 167 19.05 18.74 21.48
CA PRO C 167 18.52 17.76 22.42
C PRO C 167 17.99 16.51 21.72
N SER C 168 17.72 15.46 22.50
CA SER C 168 17.22 14.22 21.93
C SER C 168 16.09 14.47 20.92
N VAL C 169 16.22 13.85 19.76
CA VAL C 169 15.16 13.94 18.74
C VAL C 169 14.12 12.88 18.94
N PHE C 170 14.32 11.96 19.87
CA PHE C 170 13.37 10.88 20.09
C PHE C 170 12.29 11.32 21.05
N VAL C 171 11.14 10.67 20.94
CA VAL C 171 9.98 11.02 21.78
C VAL C 171 9.44 9.77 22.45
N ARG C 172 8.70 9.96 23.55
CA ARG C 172 8.21 8.81 24.31
C ARG C 172 6.95 8.22 23.76
N THR C 173 6.12 9.05 23.15
CA THR C 173 4.86 8.64 22.56
C THR C 173 4.68 9.35 21.23
N THR C 174 3.81 8.77 20.38
CA THR C 174 3.49 9.39 19.11
C THR C 174 2.91 10.77 19.35
N ALA C 175 2.06 10.89 20.36
CA ALA C 175 1.42 12.18 20.63
C ALA C 175 2.47 13.26 20.94
N GLU C 176 3.54 12.87 21.64
CA GLU C 176 4.64 13.80 21.91
C GLU C 176 5.35 14.25 20.62
N GLY C 177 5.56 13.31 19.70
CA GLY C 177 6.18 13.61 18.40
C GLY C 177 5.33 14.58 17.61
N VAL C 178 4.03 14.32 17.59
CA VAL C 178 3.08 15.17 16.86
C VAL C 178 3.05 16.56 17.47
N ALA C 179 2.95 16.64 18.80
CA ALA C 179 3.02 17.91 19.49
C ALA C 179 4.32 18.69 19.19
N ARG C 180 5.43 17.95 19.07
CA ARG C 180 6.72 18.57 18.83
C ARG C 180 6.77 19.16 17.44
N VAL C 181 6.21 18.43 16.47
CA VAL C 181 6.09 19.01 15.12
C VAL C 181 5.25 20.27 15.15
N ARG C 182 4.11 20.20 15.84
CA ARG C 182 3.16 21.32 15.86
C ARG C 182 3.68 22.57 16.55
N LYS C 183 4.55 22.41 17.55
CA LYS C 183 5.08 23.57 18.27
C LYS C 183 6.44 24.08 17.75
N SER C 184 6.98 23.35 16.77
CA SER C 184 8.33 23.57 16.23
C SER C 184 8.50 24.69 15.23
N LYS C 185 7.40 25.28 14.75
CA LYS C 185 7.44 26.32 13.69
C LYS C 185 8.13 25.77 12.43
N GLY C 186 8.01 24.47 12.23
CA GLY C 186 8.58 23.79 11.09
C GLY C 186 10.01 23.31 11.29
N LYS C 187 10.56 23.46 12.50
CA LYS C 187 11.95 23.04 12.75
C LYS C 187 12.13 21.62 13.27
N TYR C 188 11.03 20.87 13.33
CA TYR C 188 11.07 19.47 13.69
C TYR C 188 10.14 18.74 12.77
N ALA C 189 10.63 17.66 12.21
CA ALA C 189 9.83 16.73 11.41
C ALA C 189 9.85 15.39 12.13
N TYR C 190 8.77 14.64 12.00
CA TYR C 190 8.63 13.43 12.79
C TYR C 190 8.50 12.24 11.86
N LEU C 191 9.30 11.20 12.10
CA LEU C 191 9.29 9.99 11.30
C LEU C 191 8.41 9.00 12.04
N LEU C 192 7.30 8.62 11.41
CA LEU C 192 6.31 7.77 12.06
C LEU C 192 5.58 6.98 11.00
N GLU C 193 4.84 5.98 11.46
CA GLU C 193 4.19 5.10 10.50
C GLU C 193 3.07 5.80 9.76
N SER C 194 2.93 5.44 8.50
CA SER C 194 2.02 6.13 7.59
C SER C 194 0.58 6.15 8.09
N THR C 195 0.17 5.07 8.76
CA THR C 195 -1.14 4.96 9.40
C THR C 195 -1.41 6.07 10.39
N MET C 196 -0.45 6.28 11.28
CA MET C 196 -0.57 7.32 12.30
C MET C 196 -0.48 8.70 11.66
N ASN C 197 0.41 8.85 10.70
CA ASN C 197 0.60 10.11 10.00
C ASN C 197 -0.69 10.51 9.30
N GLU C 198 -1.28 9.56 8.56
CA GLU C 198 -2.52 9.82 7.81
C GLU C 198 -3.71 10.14 8.73
N TYR C 199 -3.75 9.49 9.90
CA TYR C 199 -4.79 9.80 10.89
C TYR C 199 -4.68 11.26 11.37
N ILE C 200 -3.47 11.66 11.76
CA ILE C 200 -3.24 13.00 12.32
C ILE C 200 -3.47 14.07 11.27
N GLU C 201 -3.12 13.78 10.03
CA GLU C 201 -3.35 14.71 8.95
C GLU C 201 -4.84 15.09 8.84
N GLN C 202 -5.71 14.18 9.29
CA GLN C 202 -7.16 14.45 9.32
C GLN C 202 -7.71 14.90 10.70
N ARG C 203 -6.82 15.29 11.62
CA ARG C 203 -7.26 15.82 12.91
C ARG C 203 -6.98 17.29 12.99
N LYS C 204 -7.92 18.04 13.58
CA LYS C 204 -7.68 19.43 13.97
C LYS C 204 -6.43 19.49 14.85
N PRO C 205 -5.57 20.50 14.67
CA PRO C 205 -5.86 21.68 13.86
C PRO C 205 -5.46 21.64 12.38
N CYS C 206 -5.29 20.44 11.81
CA CYS C 206 -5.06 20.29 10.37
C CYS C 206 -3.80 21.05 9.92
N ASP C 207 -2.74 20.96 10.73
CA ASP C 207 -1.53 21.73 10.48
C ASP C 207 -0.33 20.86 10.17
N THR C 208 -0.56 19.57 10.01
CA THR C 208 0.50 18.65 9.63
C THR C 208 0.16 17.97 8.35
N MET C 209 1.17 17.41 7.71
CA MET C 209 0.92 16.53 6.61
C MET C 209 2.04 15.56 6.38
N LYS C 210 1.69 14.51 5.66
CA LYS C 210 2.59 13.47 5.24
C LYS C 210 3.22 13.97 3.96
N VAL C 211 4.55 13.82 3.86
CA VAL C 211 5.28 14.15 2.66
C VAL C 211 6.18 13.01 2.19
N GLY C 212 6.29 12.87 0.87
CA GLY C 212 7.09 11.82 0.28
C GLY C 212 6.44 10.46 0.36
N GLY C 213 7.12 9.50 -0.25
CA GLY C 213 6.66 8.12 -0.23
C GLY C 213 7.00 7.51 1.10
N ASN C 214 6.50 6.31 1.32
CA ASN C 214 6.89 5.57 2.50
C ASN C 214 8.31 5.03 2.32
N LEU C 215 9.02 4.88 3.43
CA LEU C 215 10.40 4.41 3.36
C LEU C 215 10.53 2.91 3.33
N ASP C 216 9.47 2.22 3.77
CA ASP C 216 9.43 0.77 3.75
C ASP C 216 8.00 0.30 3.62
N SER C 217 7.81 -1.01 3.63
CA SER C 217 6.51 -1.60 3.46
C SER C 217 6.38 -2.78 4.39
N LYS C 218 5.45 -2.67 5.32
CA LYS C 218 5.29 -3.71 6.32
C LYS C 218 3.87 -3.68 6.83
N GLY C 219 3.65 -4.20 8.05
CA GLY C 219 2.29 -4.37 8.52
C GLY C 219 2.28 -4.55 10.01
N TYR C 220 1.10 -4.36 10.58
CA TYR C 220 0.87 -4.67 11.98
C TYR C 220 0.29 -6.05 12.08
N GLY C 221 0.69 -6.79 13.10
CA GLY C 221 0.11 -8.11 13.33
C GLY C 221 -0.33 -8.25 14.77
N ILE C 222 -1.22 -9.21 14.99
CA ILE C 222 -1.62 -9.63 16.33
C ILE C 222 -0.57 -10.59 16.84
N ALA C 223 -0.07 -10.33 18.03
CA ALA C 223 1.02 -11.15 18.54
C ALA C 223 0.61 -12.00 19.70
N THR C 224 1.15 -13.22 19.71
CA THR C 224 0.94 -14.18 20.79
C THR C 224 2.28 -14.73 21.23
N PRO C 225 2.40 -15.10 22.52
CA PRO C 225 3.64 -15.73 22.98
C PRO C 225 3.83 -17.05 22.27
N LYS C 226 5.07 -17.47 22.07
CA LYS C 226 5.28 -18.78 21.48
C LYS C 226 4.59 -19.85 22.33
N GLY C 227 4.01 -20.83 21.63
CA GLY C 227 3.33 -21.93 22.30
C GLY C 227 1.86 -21.68 22.57
N SER C 228 1.40 -20.44 22.30
CA SER C 228 0.00 -20.09 22.57
C SER C 228 -0.97 -20.98 21.81
N SER C 229 -2.01 -21.41 22.53
CA SER C 229 -3.09 -22.18 21.90
C SER C 229 -3.92 -21.30 20.96
N LEU C 230 -3.72 -19.98 21.03
CA LEU C 230 -4.50 -19.05 20.24
C LEU C 230 -3.93 -18.80 18.86
N ARG C 231 -2.68 -19.21 18.64
CA ARG C 231 -1.95 -18.76 17.47
C ARG C 231 -2.69 -19.00 16.14
N ASN C 232 -3.07 -20.25 15.89
CA ASN C 232 -3.67 -20.57 14.60
C ASN C 232 -5.02 -19.93 14.42
N ALA C 233 -5.85 -19.94 15.47
CA ALA C 233 -7.19 -19.37 15.35
C ALA C 233 -7.12 -17.88 15.08
N VAL C 234 -6.22 -17.19 15.79
CA VAL C 234 -6.05 -15.75 15.60
C VAL C 234 -5.58 -15.44 14.19
N ASN C 235 -4.64 -16.23 13.69
CA ASN C 235 -4.14 -16.02 12.35
C ASN C 235 -5.26 -16.18 11.31
N LEU C 236 -6.03 -17.26 11.43
CA LEU C 236 -7.13 -17.48 10.48
C LEU C 236 -8.22 -16.40 10.63
N ALA C 237 -8.43 -15.93 11.85
CA ALA C 237 -9.43 -14.89 12.06
C ALA C 237 -9.03 -13.58 11.37
N VAL C 238 -7.76 -13.20 11.43
CA VAL C 238 -7.33 -11.99 10.75
C VAL C 238 -7.62 -12.10 9.25
N LEU C 239 -7.31 -13.26 8.66
CA LEU C 239 -7.59 -13.46 7.24
C LEU C 239 -9.07 -13.38 6.93
N LYS C 240 -9.89 -13.98 7.79
CA LYS C 240 -11.34 -13.90 7.61
C LYS C 240 -11.82 -12.46 7.67
N LEU C 241 -11.37 -11.72 8.68
CA LEU C 241 -11.78 -10.32 8.82
C LEU C 241 -11.36 -9.48 7.62
N ASN C 242 -10.16 -9.74 7.09
CA ASN C 242 -9.75 -9.04 5.89
C ASN C 242 -10.65 -9.37 4.71
N GLU C 243 -10.89 -10.65 4.50
CA GLU C 243 -11.66 -11.10 3.34
C GLU C 243 -13.12 -10.68 3.41
N GLN C 244 -13.62 -10.48 4.62
CA GLN C 244 -15.01 -10.03 4.79
C GLN C 244 -15.13 -8.51 4.59
N GLY C 245 -13.99 -7.84 4.43
CA GLY C 245 -13.95 -6.39 4.28
C GLY C 245 -14.09 -5.66 5.59
N LEU C 246 -14.08 -6.42 6.70
CA LEU C 246 -14.20 -5.84 8.04
C LEU C 246 -13.04 -4.91 8.37
N LEU C 247 -11.80 -5.32 8.03
CA LEU C 247 -10.68 -4.47 8.33
C LEU C 247 -10.70 -3.14 7.57
N ASP C 248 -11.15 -3.16 6.31
CA ASP C 248 -11.34 -1.93 5.54
C ASP C 248 -12.42 -1.04 6.15
N LYS C 249 -13.50 -1.67 6.61
CA LYS C 249 -14.60 -0.96 7.27
C LYS C 249 -14.06 -0.26 8.51
N LEU C 250 -13.23 -0.95 9.30
CA LEU C 250 -12.70 -0.36 10.51
C LEU C 250 -11.74 0.80 10.25
N LYS C 251 -10.91 0.66 9.21
CA LYS C 251 -9.99 1.72 8.81
C LYS C 251 -10.77 3.00 8.46
N ASN C 252 -11.76 2.82 7.61
CA ASN C 252 -12.59 3.95 7.19
C ASN C 252 -13.33 4.59 8.37
N LYS C 253 -13.80 3.75 9.29
CA LYS C 253 -14.51 4.22 10.50
C LYS C 253 -13.65 5.15 11.34
N TRP C 254 -12.41 4.73 11.58
CA TRP C 254 -11.52 5.42 12.50
C TRP C 254 -10.59 6.45 11.86
N TRP C 255 -10.41 6.40 10.54
CA TRP C 255 -9.53 7.38 9.89
C TRP C 255 -10.28 8.51 9.22
N TYR C 256 -11.24 8.12 8.40
CA TYR C 256 -11.79 9.01 7.39
C TYR C 256 -13.22 9.42 7.68
N ASP C 257 -14.04 8.50 8.20
CA ASP C 257 -15.42 8.84 8.63
C ASP C 257 -15.41 9.83 9.79
N LYS C 258 -14.35 9.78 10.59
CA LYS C 258 -14.14 10.66 11.74
C LYS C 258 -13.47 11.99 11.34
N GLY C 259 -12.81 12.01 10.17
CA GLY C 259 -11.99 13.12 9.67
C GLY C 259 -12.50 14.52 9.98
N GLU C 260 -11.58 15.39 10.41
CA GLU C 260 -11.94 16.73 10.90
C GLU C 260 -11.45 17.85 9.99
N CYS C 261 -10.73 17.48 8.93
CA CYS C 261 -10.05 18.43 8.07
C CYS C 261 -10.69 18.53 6.67
N GLY C 262 -12.01 18.32 6.63
CA GLY C 262 -12.79 18.42 5.38
C GLY C 262 -13.05 17.10 4.70
N ASN D 3 19.32 -31.52 3.40
CA ASN D 3 20.34 -32.34 2.67
C ASN D 3 19.84 -32.88 1.30
N LYS D 4 18.56 -32.66 1.00
CA LYS D 4 18.03 -32.94 -0.34
C LYS D 4 17.62 -31.65 -1.06
N THR D 5 17.58 -31.71 -2.38
CA THR D 5 17.19 -30.57 -3.21
C THR D 5 15.71 -30.27 -3.00
N VAL D 6 15.43 -29.02 -2.71
CA VAL D 6 14.08 -28.55 -2.43
C VAL D 6 13.39 -28.32 -3.78
N VAL D 7 12.20 -28.90 -3.95
CA VAL D 7 11.45 -28.69 -5.19
C VAL D 7 10.60 -27.45 -5.02
N VAL D 8 10.86 -26.42 -5.83
CA VAL D 8 10.14 -25.16 -5.75
C VAL D 8 9.13 -25.19 -6.87
N THR D 9 7.85 -25.02 -6.53
CA THR D 9 6.87 -24.80 -7.56
C THR D 9 6.66 -23.30 -7.73
N THR D 10 6.53 -22.89 -8.98
CA THR D 10 6.30 -21.51 -9.34
C THR D 10 5.52 -21.48 -10.64
N ILE D 11 5.27 -20.28 -11.16
CA ILE D 11 4.35 -20.11 -12.27
C ILE D 11 4.93 -19.09 -13.23
N LEU D 12 4.72 -19.32 -14.54
CA LEU D 12 5.18 -18.37 -15.55
C LEU D 12 4.24 -17.19 -15.55
N GLU D 13 4.70 -16.12 -14.90
CA GLU D 13 3.91 -14.92 -14.68
C GLU D 13 4.91 -13.79 -14.65
N SER D 14 4.83 -12.90 -15.64
CA SER D 14 5.76 -11.77 -15.74
C SER D 14 5.41 -10.70 -14.70
N PRO D 15 6.39 -10.09 -14.03
CA PRO D 15 7.84 -10.33 -14.15
C PRO D 15 8.38 -11.21 -13.00
N TYR D 16 7.53 -12.06 -12.47
CA TYR D 16 7.91 -12.92 -11.35
C TYR D 16 8.80 -14.06 -11.80
N VAL D 17 8.36 -14.81 -12.81
CA VAL D 17 9.15 -15.89 -13.38
C VAL D 17 8.90 -15.86 -14.88
N MET D 18 10.00 -15.75 -15.62
CA MET D 18 9.96 -15.65 -17.07
C MET D 18 11.07 -16.51 -17.65
N MET D 19 10.76 -17.13 -18.78
CA MET D 19 11.77 -17.84 -19.56
C MET D 19 12.70 -16.81 -20.18
N LYS D 20 14.00 -16.90 -19.89
CA LYS D 20 14.97 -15.99 -20.53
C LYS D 20 14.95 -16.25 -22.02
N LYS D 21 15.10 -15.16 -22.78
CA LYS D 21 15.17 -15.27 -24.22
C LYS D 21 16.18 -16.34 -24.64
N ASN D 22 15.70 -17.26 -25.47
CA ASN D 22 16.50 -18.33 -26.07
C ASN D 22 17.04 -19.38 -25.09
N HIS D 23 16.36 -19.56 -23.95
CA HIS D 23 16.83 -20.51 -22.92
C HIS D 23 16.02 -21.79 -22.77
N GLU D 24 15.04 -21.96 -23.65
CA GLU D 24 14.10 -23.10 -23.60
C GLU D 24 14.78 -24.47 -23.55
N MET D 25 15.94 -24.59 -24.17
CA MET D 25 16.63 -25.87 -24.32
C MET D 25 17.79 -26.05 -23.34
N LEU D 26 18.10 -24.99 -22.60
CA LEU D 26 19.07 -25.07 -21.52
C LEU D 26 18.43 -25.81 -20.35
N GLU D 27 19.20 -26.05 -19.29
CA GLU D 27 18.67 -26.85 -18.19
C GLU D 27 18.79 -26.18 -16.84
N GLY D 28 17.86 -26.52 -15.96
CA GLY D 28 17.95 -26.09 -14.59
C GLY D 28 17.56 -24.64 -14.39
N ASN D 29 17.95 -24.13 -13.24
CA ASN D 29 17.45 -22.86 -12.72
C ASN D 29 17.82 -21.66 -13.58
N GLU D 30 18.93 -21.77 -14.30
CA GLU D 30 19.47 -20.64 -15.09
C GLU D 30 18.55 -20.21 -16.23
N ARG D 31 17.61 -21.07 -16.60
CA ARG D 31 16.65 -20.77 -17.66
C ARG D 31 15.74 -19.61 -17.32
N TYR D 32 15.50 -19.40 -16.04
CA TYR D 32 14.47 -18.49 -15.59
C TYR D 32 15.03 -17.21 -15.01
N GLU D 33 14.23 -16.15 -15.12
CA GLU D 33 14.55 -14.86 -14.51
C GLU D 33 13.30 -14.22 -13.98
N GLY D 34 13.49 -13.31 -13.06
CA GLY D 34 12.37 -12.54 -12.55
C GLY D 34 12.44 -12.34 -11.06
N TYR D 35 11.48 -11.59 -10.56
CA TYR D 35 11.41 -11.28 -9.15
C TYR D 35 11.43 -12.53 -8.27
N CYS D 36 10.62 -13.52 -8.61
CA CYS D 36 10.52 -14.72 -7.79
C CYS D 36 11.71 -15.63 -7.95
N VAL D 37 12.39 -15.55 -9.09
CA VAL D 37 13.62 -16.26 -9.29
C VAL D 37 14.70 -15.67 -8.36
N ASP D 38 14.79 -14.34 -8.32
CA ASP D 38 15.74 -13.70 -7.41
C ASP D 38 15.35 -13.94 -5.95
N LEU D 39 14.05 -13.94 -5.68
CA LEU D 39 13.56 -14.19 -4.34
C LEU D 39 13.95 -15.61 -3.92
N ALA D 40 13.70 -16.58 -4.80
CA ALA D 40 14.07 -17.97 -4.46
C ALA D 40 15.54 -18.11 -4.12
N ALA D 41 16.39 -17.46 -4.91
CA ALA D 41 17.83 -17.53 -4.64
C ALA D 41 18.17 -16.99 -3.27
N GLU D 42 17.58 -15.87 -2.90
CA GLU D 42 17.79 -15.30 -1.59
C GLU D 42 17.24 -16.15 -0.46
N ILE D 43 16.02 -16.64 -0.60
CA ILE D 43 15.43 -17.51 0.43
C ILE D 43 16.28 -18.74 0.62
N ALA D 44 16.68 -19.38 -0.47
CA ALA D 44 17.49 -20.57 -0.39
C ALA D 44 18.83 -20.29 0.29
N LYS D 45 19.44 -19.15 -0.04
CA LYS D 45 20.72 -18.77 0.56
C LYS D 45 20.56 -18.55 2.07
N HIS D 46 19.56 -17.78 2.47
CA HIS D 46 19.33 -17.51 3.89
C HIS D 46 18.93 -18.77 4.68
N CYS D 47 18.22 -19.69 4.03
CA CYS D 47 17.75 -20.91 4.70
C CYS D 47 18.69 -22.09 4.53
N GLY D 48 19.71 -21.92 3.69
CA GLY D 48 20.74 -22.94 3.51
C GLY D 48 20.24 -24.19 2.82
N PHE D 49 19.45 -24.04 1.77
CA PHE D 49 19.07 -25.19 0.95
C PHE D 49 19.39 -25.01 -0.53
N LYS D 50 19.58 -26.14 -1.20
CA LYS D 50 19.67 -26.23 -2.66
C LYS D 50 18.28 -26.49 -3.19
N TYR D 51 18.00 -26.05 -4.42
CA TYR D 51 16.63 -26.06 -4.92
C TYR D 51 16.58 -26.20 -6.42
N LYS D 52 15.43 -26.68 -6.89
CA LYS D 52 15.16 -26.82 -8.30
C LYS D 52 13.85 -26.08 -8.55
N LEU D 53 13.90 -25.11 -9.47
CA LEU D 53 12.71 -24.41 -9.89
C LEU D 53 11.93 -25.25 -10.88
N THR D 54 10.64 -25.40 -10.61
CA THR D 54 9.75 -26.13 -11.49
C THR D 54 8.51 -25.29 -11.74
N ILE D 55 7.97 -25.40 -12.94
CA ILE D 55 6.77 -24.65 -13.27
C ILE D 55 5.58 -25.55 -13.03
N VAL D 56 4.63 -25.04 -12.24
CA VAL D 56 3.43 -25.78 -11.88
C VAL D 56 2.81 -26.42 -13.14
N GLY D 57 2.57 -27.72 -13.03
CA GLY D 57 2.15 -28.52 -14.18
C GLY D 57 0.89 -28.06 -14.87
N ASP D 58 -0.09 -27.61 -14.09
CA ASP D 58 -1.37 -27.21 -14.65
C ASP D 58 -1.46 -25.71 -14.93
N GLY D 59 -0.40 -24.97 -14.60
CA GLY D 59 -0.37 -23.53 -14.90
C GLY D 59 -1.28 -22.67 -14.05
N LYS D 60 -1.77 -23.22 -12.95
CA LYS D 60 -2.72 -22.53 -12.09
C LYS D 60 -2.12 -22.17 -10.73
N TYR D 61 -2.74 -21.19 -10.10
CA TYR D 61 -2.34 -20.75 -8.76
C TYR D 61 -2.80 -21.72 -7.67
N GLY D 62 -4.08 -22.01 -7.63
CA GLY D 62 -4.55 -22.99 -6.69
C GLY D 62 -5.94 -22.69 -6.23
N ALA D 63 -6.85 -23.61 -6.51
CA ALA D 63 -8.22 -23.53 -6.03
C ALA D 63 -8.67 -24.95 -5.73
N ARG D 64 -9.66 -25.07 -4.84
CA ARG D 64 -10.23 -26.35 -4.49
C ARG D 64 -11.50 -26.55 -5.31
N ASP D 65 -11.55 -27.61 -6.09
CA ASP D 65 -12.78 -27.93 -6.83
C ASP D 65 -13.95 -28.14 -5.86
N ALA D 66 -15.08 -27.48 -6.14
CA ALA D 66 -16.29 -27.53 -5.28
C ALA D 66 -16.83 -28.95 -5.08
N ASP D 67 -16.80 -29.76 -6.13
CA ASP D 67 -17.30 -31.13 -6.08
C ASP D 67 -16.28 -32.17 -5.59
N THR D 68 -15.12 -32.24 -6.25
CA THR D 68 -14.09 -33.23 -5.89
C THR D 68 -13.33 -32.86 -4.62
N LYS D 69 -13.30 -31.57 -4.30
CA LYS D 69 -12.53 -31.02 -3.16
C LYS D 69 -11.01 -31.19 -3.34
N ILE D 70 -10.60 -31.38 -4.60
CA ILE D 70 -9.19 -31.54 -4.95
C ILE D 70 -8.62 -30.16 -5.25
N TRP D 71 -7.44 -29.90 -4.69
CA TRP D 71 -6.70 -28.67 -4.94
C TRP D 71 -5.90 -28.79 -6.23
N ASN D 72 -6.00 -27.76 -7.06
CA ASN D 72 -5.17 -27.70 -8.24
C ASN D 72 -4.05 -26.67 -8.05
N GLY D 73 -3.28 -26.45 -9.11
CA GLY D 73 -2.31 -25.37 -9.12
C GLY D 73 -1.17 -25.60 -8.17
N MET D 74 -0.47 -24.51 -7.86
CA MET D 74 0.66 -24.60 -6.96
C MET D 74 0.25 -25.07 -5.59
N VAL D 75 -0.92 -24.62 -5.12
CA VAL D 75 -1.43 -25.06 -3.83
C VAL D 75 -1.56 -26.58 -3.82
N GLY D 76 -2.19 -27.13 -4.88
CA GLY D 76 -2.29 -28.59 -5.02
C GLY D 76 -0.94 -29.28 -5.00
N GLU D 77 0.05 -28.70 -5.67
CA GLU D 77 1.35 -29.31 -5.66
C GLU D 77 1.95 -29.41 -4.26
N LEU D 78 1.69 -28.42 -3.43
CA LEU D 78 2.13 -28.52 -2.04
C LEU D 78 1.30 -29.51 -1.25
N VAL D 79 -0.02 -29.44 -1.40
CA VAL D 79 -0.96 -30.24 -0.61
C VAL D 79 -0.69 -31.73 -0.86
N TYR D 80 -0.40 -32.10 -2.11
CA TYR D 80 -0.23 -33.50 -2.48
C TYR D 80 1.21 -33.98 -2.46
N GLY D 81 2.10 -33.07 -2.05
CA GLY D 81 3.52 -33.45 -1.86
C GLY D 81 4.37 -33.47 -3.12
N LYS D 82 3.91 -32.83 -4.18
CA LYS D 82 4.64 -32.79 -5.46
C LYS D 82 5.72 -31.72 -5.46
N ALA D 83 5.58 -30.75 -4.56
CA ALA D 83 6.61 -29.72 -4.39
C ALA D 83 6.77 -29.41 -2.93
N ASP D 84 7.93 -28.87 -2.56
CA ASP D 84 8.26 -28.58 -1.17
C ASP D 84 7.96 -27.17 -0.74
N ILE D 85 7.88 -26.25 -1.70
CA ILE D 85 7.71 -24.85 -1.42
C ILE D 85 7.19 -24.19 -2.69
N ALA D 86 6.36 -23.19 -2.52
CA ALA D 86 5.90 -22.38 -3.66
C ALA D 86 6.45 -21.00 -3.47
N ILE D 87 7.17 -20.53 -4.48
CA ILE D 87 7.75 -19.18 -4.45
C ILE D 87 7.26 -18.49 -5.73
N ALA D 88 6.19 -17.70 -5.58
CA ALA D 88 5.40 -17.25 -6.70
C ALA D 88 4.54 -16.10 -6.19
N PRO D 89 3.88 -15.38 -7.11
CA PRO D 89 2.91 -14.36 -6.64
C PRO D 89 1.61 -15.04 -6.22
N LEU D 90 1.69 -15.80 -5.14
CA LEU D 90 0.60 -16.60 -4.63
C LEU D 90 -0.03 -15.83 -3.49
N THR D 91 -1.29 -15.47 -3.67
CA THR D 91 -1.98 -14.63 -2.71
C THR D 91 -2.30 -15.39 -1.43
N ILE D 92 -2.03 -14.74 -0.30
CA ILE D 92 -2.38 -15.28 1.00
C ILE D 92 -3.91 -15.15 1.15
N THR D 93 -4.57 -16.28 1.31
CA THR D 93 -6.02 -16.32 1.51
C THR D 93 -6.36 -17.26 2.61
N LEU D 94 -7.53 -17.05 3.22
CA LEU D 94 -8.01 -17.93 4.25
C LEU D 94 -8.08 -19.39 3.81
N VAL D 95 -8.70 -19.65 2.67
CA VAL D 95 -8.91 -21.04 2.29
C VAL D 95 -7.59 -21.75 2.02
N ARG D 96 -6.60 -21.00 1.56
CA ARG D 96 -5.29 -21.61 1.36
C ARG D 96 -4.56 -21.78 2.69
N GLU D 97 -4.63 -20.77 3.55
CA GLU D 97 -3.94 -20.84 4.85
C GLU D 97 -4.49 -21.95 5.73
N GLU D 98 -5.70 -22.41 5.42
CA GLU D 98 -6.25 -23.56 6.11
C GLU D 98 -5.56 -24.87 5.75
N VAL D 99 -4.92 -24.94 4.57
CA VAL D 99 -4.33 -26.18 4.07
C VAL D 99 -2.83 -26.16 3.86
N ILE D 100 -2.25 -24.97 3.70
CA ILE D 100 -0.80 -24.80 3.59
C ILE D 100 -0.40 -23.68 4.54
N ASP D 101 0.90 -23.51 4.75
CA ASP D 101 1.37 -22.37 5.55
C ASP D 101 1.96 -21.33 4.65
N PHE D 102 1.66 -20.08 4.95
CA PHE D 102 2.30 -18.95 4.27
C PHE D 102 3.29 -18.24 5.16
N SER D 103 4.40 -17.82 4.58
CA SER D 103 5.27 -16.86 5.23
C SER D 103 4.54 -15.54 5.36
N LYS D 104 5.14 -14.63 6.12
CA LYS D 104 4.72 -13.26 6.06
C LYS D 104 4.81 -12.78 4.61
N PRO D 105 4.00 -11.79 4.25
CA PRO D 105 3.98 -11.37 2.85
C PRO D 105 5.28 -10.75 2.41
N PHE D 106 5.66 -11.07 1.18
CA PHE D 106 6.84 -10.44 0.63
C PHE D 106 6.51 -9.24 -0.26
N MET D 107 5.23 -9.09 -0.61
CA MET D 107 4.81 -7.99 -1.49
C MET D 107 3.35 -7.78 -1.20
N SER D 108 2.96 -6.51 -1.14
CA SER D 108 1.57 -6.14 -0.96
C SER D 108 0.91 -5.95 -2.31
N LEU D 109 -0.39 -6.20 -2.35
CA LEU D 109 -1.18 -5.94 -3.56
C LEU D 109 -2.64 -5.84 -3.19
N GLY D 110 -3.43 -5.34 -4.15
CA GLY D 110 -4.86 -5.45 -4.06
C GLY D 110 -5.43 -5.67 -5.44
N ILE D 111 -6.66 -6.15 -5.50
CA ILE D 111 -7.36 -6.29 -6.77
C ILE D 111 -7.55 -4.90 -7.37
N SER D 112 -7.35 -4.82 -8.68
CA SER D 112 -7.43 -3.55 -9.37
C SER D 112 -8.04 -3.75 -10.75
N ILE D 113 -8.34 -2.62 -11.40
CA ILE D 113 -8.92 -2.63 -12.73
C ILE D 113 -7.94 -2.20 -13.78
N MET D 114 -7.78 -3.02 -14.81
CA MET D 114 -7.03 -2.62 -15.98
C MET D 114 -8.00 -2.31 -17.10
N ILE D 115 -7.82 -1.14 -17.70
CA ILE D 115 -8.54 -0.76 -18.92
C ILE D 115 -7.60 -0.51 -20.08
N LYS D 116 -8.12 -0.66 -21.28
CA LYS D 116 -7.47 -0.09 -22.44
C LYS D 116 -7.59 1.42 -22.30
N LYS D 117 -6.50 2.13 -22.58
CA LYS D 117 -6.49 3.59 -22.46
C LYS D 117 -7.68 4.22 -23.20
N GLY D 118 -8.37 5.10 -22.47
CA GLY D 118 -9.51 5.83 -22.99
C GLY D 118 -10.87 5.21 -22.69
N THR D 119 -10.86 4.01 -22.12
CA THR D 119 -12.11 3.36 -21.70
C THR D 119 -12.81 4.22 -20.64
N PRO D 120 -14.10 4.48 -20.79
CA PRO D 120 -14.78 5.39 -19.83
C PRO D 120 -15.20 4.67 -18.54
N ILE D 121 -14.20 4.25 -17.79
CA ILE D 121 -14.38 3.54 -16.53
C ILE D 121 -13.31 4.06 -15.60
N GLU D 122 -13.73 4.40 -14.39
CA GLU D 122 -12.84 4.92 -13.34
C GLU D 122 -12.88 4.10 -12.07
N SER D 123 -13.79 3.13 -11.98
CA SER D 123 -13.99 2.40 -10.73
C SER D 123 -14.78 1.11 -10.94
N ALA D 124 -14.77 0.27 -9.91
CA ALA D 124 -15.59 -0.93 -9.86
C ALA D 124 -17.05 -0.57 -9.94
N GLU D 125 -17.44 0.47 -9.20
CA GLU D 125 -18.81 0.94 -9.27
C GLU D 125 -19.20 1.26 -10.72
N ASP D 126 -18.33 1.95 -11.47
CA ASP D 126 -18.57 2.25 -12.88
C ASP D 126 -18.81 0.98 -13.69
N LEU D 127 -17.97 -0.02 -13.47
CA LEU D 127 -18.15 -1.28 -14.20
C LEU D 127 -19.50 -1.91 -13.90
N SER D 128 -19.85 -1.92 -12.61
CA SER D 128 -21.06 -2.57 -12.14
C SER D 128 -22.35 -1.92 -12.63
N LYS D 129 -22.28 -0.65 -13.03
CA LYS D 129 -23.49 0.13 -13.40
C LYS D 129 -23.72 0.24 -14.90
N GLN D 130 -22.96 -0.53 -15.68
CA GLN D 130 -23.08 -0.51 -17.13
C GLN D 130 -22.95 -1.93 -17.66
N THR D 131 -23.27 -2.12 -18.94
CA THR D 131 -23.19 -3.44 -19.57
C THR D 131 -22.46 -3.44 -20.93
N GLU D 132 -22.07 -2.27 -21.42
CA GLU D 132 -21.36 -2.17 -22.71
C GLU D 132 -19.97 -2.80 -22.67
N ILE D 133 -19.30 -2.61 -21.54
CA ILE D 133 -17.94 -3.09 -21.32
C ILE D 133 -18.01 -4.33 -20.44
N ALA D 134 -17.51 -5.44 -21.00
CA ALA D 134 -17.39 -6.70 -20.30
C ALA D 134 -16.18 -6.64 -19.37
N TYR D 135 -16.14 -7.51 -18.37
CA TYR D 135 -15.02 -7.55 -17.44
C TYR D 135 -14.99 -8.89 -16.76
N GLY D 136 -13.79 -9.33 -16.45
CA GLY D 136 -13.60 -10.61 -15.81
C GLY D 136 -12.28 -10.71 -15.12
N THR D 137 -11.97 -11.93 -14.71
CA THR D 137 -10.81 -12.22 -13.86
C THR D 137 -10.08 -13.45 -14.37
N LEU D 138 -8.93 -13.72 -13.78
CA LEU D 138 -8.28 -15.02 -13.95
C LEU D 138 -9.17 -16.15 -13.40
N ASP D 139 -9.19 -17.30 -14.08
CA ASP D 139 -9.71 -18.55 -13.49
C ASP D 139 -8.76 -19.11 -12.41
N SER D 140 -9.31 -19.80 -11.39
CA SER D 140 -8.53 -20.61 -10.43
C SER D 140 -7.62 -19.76 -9.56
N GLY D 141 -8.02 -18.51 -9.36
CA GLY D 141 -7.22 -17.62 -8.53
C GLY D 141 -8.01 -16.93 -7.46
N SER D 142 -7.30 -16.14 -6.68
CA SER D 142 -7.89 -15.43 -5.56
C SER D 142 -8.79 -14.28 -5.97
N THR D 143 -8.54 -13.67 -7.14
CA THR D 143 -9.43 -12.59 -7.58
C THR D 143 -10.84 -13.11 -7.85
N LYS D 144 -10.91 -14.24 -8.56
CA LYS D 144 -12.19 -14.85 -8.84
C LYS D 144 -12.90 -15.18 -7.52
N GLU D 145 -12.15 -15.74 -6.57
CA GLU D 145 -12.75 -16.13 -5.29
C GLU D 145 -13.24 -14.90 -4.51
N PHE D 146 -12.51 -13.78 -4.61
CA PHE D 146 -12.96 -12.53 -4.01
C PHE D 146 -14.37 -12.15 -4.44
N PHE D 147 -14.60 -12.17 -5.76
CA PHE D 147 -15.89 -11.81 -6.28
C PHE D 147 -16.95 -12.83 -5.95
N ARG D 148 -16.58 -14.12 -6.05
CA ARG D 148 -17.50 -15.23 -5.72
C ARG D 148 -18.05 -15.08 -4.29
N ARG D 149 -17.16 -14.72 -3.38
CA ARG D 149 -17.48 -14.62 -1.95
C ARG D 149 -18.06 -13.28 -1.47
N SER D 150 -17.90 -12.21 -2.25
CA SER D 150 -18.19 -10.87 -1.72
C SER D 150 -19.65 -10.63 -1.41
N LYS D 151 -19.86 -10.01 -0.25
CA LYS D 151 -21.18 -9.57 0.17
C LYS D 151 -21.31 -8.06 0.03
N ILE D 152 -20.24 -7.40 -0.42
CA ILE D 152 -20.25 -5.95 -0.72
C ILE D 152 -21.10 -5.73 -1.98
N ALA D 153 -22.02 -4.76 -1.93
CA ALA D 153 -23.05 -4.61 -2.98
C ALA D 153 -22.47 -4.57 -4.40
N VAL D 154 -21.52 -3.65 -4.63
CA VAL D 154 -20.92 -3.47 -5.96
C VAL D 154 -20.24 -4.75 -6.44
N PHE D 155 -19.53 -5.43 -5.55
CA PHE D 155 -18.75 -6.62 -5.95
C PHE D 155 -19.67 -7.83 -6.19
N ASP D 156 -20.74 -7.91 -5.38
CA ASP D 156 -21.78 -8.95 -5.57
C ASP D 156 -22.46 -8.77 -6.93
N LYS D 157 -22.79 -7.53 -7.27
CA LYS D 157 -23.38 -7.19 -8.55
C LYS D 157 -22.43 -7.58 -9.69
N MET D 158 -21.15 -7.29 -9.51
CA MET D 158 -20.15 -7.65 -10.52
C MET D 158 -20.06 -9.15 -10.68
N TRP D 159 -20.04 -9.89 -9.58
CA TRP D 159 -20.02 -11.35 -9.63
C TRP D 159 -21.24 -11.92 -10.31
N THR D 160 -22.41 -11.37 -9.98
CA THR D 160 -23.64 -11.83 -10.61
C THR D 160 -23.53 -11.71 -12.13
N TYR D 161 -22.96 -10.60 -12.59
CA TYR D 161 -22.73 -10.43 -14.01
C TYR D 161 -21.68 -11.43 -14.51
N MET D 162 -20.52 -11.47 -13.87
CA MET D 162 -19.39 -12.26 -14.42
C MET D 162 -19.70 -13.75 -14.48
N ARG D 163 -20.41 -14.26 -13.47
CA ARG D 163 -20.58 -15.70 -13.34
C ARG D 163 -21.39 -16.29 -14.49
N SER D 164 -22.23 -15.48 -15.12
CA SER D 164 -23.08 -15.99 -16.18
C SER D 164 -22.89 -15.27 -17.51
N ALA D 165 -21.86 -14.42 -17.60
CA ALA D 165 -21.65 -13.67 -18.83
C ALA D 165 -21.21 -14.60 -19.95
N GLU D 166 -21.66 -14.29 -21.15
CA GLU D 166 -21.31 -15.06 -22.36
C GLU D 166 -20.82 -14.09 -23.43
N PRO D 167 -19.68 -14.37 -24.05
CA PRO D 167 -18.84 -15.52 -23.74
C PRO D 167 -18.14 -15.35 -22.39
N SER D 168 -17.54 -16.43 -21.89
CA SER D 168 -16.89 -16.39 -20.60
C SER D 168 -15.98 -15.16 -20.48
N VAL D 169 -16.11 -14.46 -19.36
CA VAL D 169 -15.23 -13.32 -19.09
C VAL D 169 -13.95 -13.73 -18.40
N PHE D 170 -13.83 -15.00 -18.04
CA PHE D 170 -12.66 -15.46 -17.32
C PHE D 170 -11.59 -15.86 -18.31
N VAL D 171 -10.35 -15.81 -17.84
CA VAL D 171 -9.20 -16.12 -18.71
C VAL D 171 -8.29 -17.13 -18.03
N ARG D 172 -7.49 -17.83 -18.83
CA ARG D 172 -6.66 -18.89 -18.30
C ARG D 172 -5.38 -18.41 -17.66
N THR D 173 -4.84 -17.31 -18.20
CA THR D 173 -3.61 -16.73 -17.70
C THR D 173 -3.75 -15.21 -17.71
N THR D 174 -2.92 -14.54 -16.92
CA THR D 174 -2.91 -13.09 -16.88
C THR D 174 -2.62 -12.56 -18.28
N ALA D 175 -1.70 -13.19 -18.99
CA ALA D 175 -1.34 -12.70 -20.31
C ALA D 175 -2.55 -12.71 -21.26
N GLU D 176 -3.40 -13.73 -21.11
CA GLU D 176 -4.63 -13.78 -21.90
C GLU D 176 -5.60 -12.63 -21.56
N GLY D 177 -5.72 -12.31 -20.27
CA GLY D 177 -6.56 -11.19 -19.84
C GLY D 177 -6.04 -9.88 -20.41
N VAL D 178 -4.72 -9.69 -20.33
CA VAL D 178 -4.08 -8.47 -20.85
C VAL D 178 -4.29 -8.35 -22.37
N ALA D 179 -4.06 -9.46 -23.09
CA ALA D 179 -4.29 -9.50 -24.51
C ALA D 179 -5.76 -9.18 -24.86
N ARG D 180 -6.70 -9.67 -24.04
CA ARG D 180 -8.10 -9.45 -24.28
C ARG D 180 -8.46 -7.99 -24.12
N VAL D 181 -7.88 -7.35 -23.10
CA VAL D 181 -8.06 -5.89 -22.94
C VAL D 181 -7.53 -5.17 -24.17
N ARG D 182 -6.33 -5.56 -24.60
CA ARG D 182 -5.66 -4.85 -25.70
C ARG D 182 -6.35 -5.01 -27.04
N LYS D 183 -7.02 -6.13 -27.26
CA LYS D 183 -7.70 -6.39 -28.54
C LYS D 183 -9.20 -5.99 -28.55
N SER D 184 -9.69 -5.54 -27.39
CA SER D 184 -11.11 -5.30 -27.13
C SER D 184 -11.68 -3.99 -27.60
N LYS D 185 -10.81 -3.06 -28.03
CA LYS D 185 -11.21 -1.68 -28.40
C LYS D 185 -11.92 -0.98 -27.24
N GLY D 186 -11.54 -1.33 -26.02
CA GLY D 186 -12.12 -0.78 -24.83
C GLY D 186 -13.35 -1.51 -24.30
N LYS D 187 -13.73 -2.63 -24.92
CA LYS D 187 -14.95 -3.33 -24.50
C LYS D 187 -14.74 -4.47 -23.51
N TYR D 188 -13.50 -4.63 -23.05
CA TYR D 188 -13.18 -5.56 -22.00
C TYR D 188 -12.23 -4.89 -21.06
N ALA D 189 -12.56 -4.97 -19.77
CA ALA D 189 -11.69 -4.54 -18.69
C ALA D 189 -11.32 -5.77 -17.86
N TYR D 190 -10.12 -5.77 -17.31
CA TYR D 190 -9.64 -6.95 -16.64
C TYR D 190 -9.36 -6.65 -15.18
N LEU D 191 -9.85 -7.51 -14.30
CA LEU D 191 -9.67 -7.36 -12.86
C LEU D 191 -8.51 -8.25 -12.49
N LEU D 192 -7.44 -7.62 -12.01
CA LEU D 192 -6.20 -8.35 -11.70
C LEU D 192 -5.46 -7.63 -10.61
N GLU D 193 -4.46 -8.30 -10.08
CA GLU D 193 -3.78 -7.72 -8.93
C GLU D 193 -2.95 -6.51 -9.33
N SER D 194 -2.91 -5.55 -8.42
CA SER D 194 -2.28 -4.26 -8.70
C SER D 194 -0.82 -4.36 -9.15
N THR D 195 -0.11 -5.33 -8.59
CA THR D 195 1.27 -5.65 -8.98
C THR D 195 1.42 -5.94 -10.47
N MET D 196 0.55 -6.82 -10.94
CA MET D 196 0.55 -7.23 -12.35
C MET D 196 0.09 -6.08 -13.24
N ASN D 197 -0.93 -5.36 -12.76
CA ASN D 197 -1.48 -4.23 -13.50
C ASN D 197 -0.43 -3.15 -13.69
N GLU D 198 0.26 -2.82 -12.59
CA GLU D 198 1.30 -1.79 -12.62
C GLU D 198 2.51 -2.20 -13.49
N TYR D 199 2.85 -3.49 -13.48
CA TYR D 199 3.88 -3.98 -14.38
C TYR D 199 3.52 -3.76 -15.85
N ILE D 200 2.31 -4.17 -16.23
CA ILE D 200 1.87 -4.11 -17.62
C ILE D 200 1.73 -2.67 -18.08
N GLU D 201 1.31 -1.80 -17.17
CA GLU D 201 1.19 -0.38 -17.48
C GLU D 201 2.52 0.20 -17.98
N GLN D 202 3.64 -0.39 -17.54
CA GLN D 202 4.97 0.04 -17.99
C GLN D 202 5.58 -0.84 -19.09
N ARG D 203 4.76 -1.66 -19.74
CA ARG D 203 5.23 -2.48 -20.87
C ARG D 203 4.63 -1.93 -22.15
N LYS D 204 5.45 -1.92 -23.20
CA LYS D 204 4.97 -1.66 -24.55
C LYS D 204 3.84 -2.67 -24.88
N PRO D 205 2.79 -2.23 -25.57
CA PRO D 205 2.72 -0.93 -26.22
C PRO D 205 2.11 0.23 -25.41
N CYS D 206 2.15 0.15 -24.08
CA CYS D 206 1.77 1.27 -23.22
C CYS D 206 0.33 1.72 -23.50
N ASP D 207 -0.56 0.75 -23.66
CA ASP D 207 -1.94 1.02 -24.06
C ASP D 207 -2.95 0.64 -23.01
N THR D 208 -2.46 0.23 -21.85
CA THR D 208 -3.34 -0.08 -20.74
C THR D 208 -3.03 0.82 -19.58
N MET D 209 -3.98 0.91 -18.66
CA MET D 209 -3.68 1.52 -17.40
C MET D 209 -4.56 1.01 -16.28
N LYS D 210 -4.05 1.23 -15.09
CA LYS D 210 -4.76 0.96 -13.87
C LYS D 210 -5.69 2.13 -13.59
N VAL D 211 -6.94 1.84 -13.27
CA VAL D 211 -7.88 2.88 -12.85
C VAL D 211 -8.53 2.57 -11.51
N GLY D 212 -8.79 3.64 -10.75
CA GLY D 212 -9.39 3.53 -9.44
C GLY D 212 -8.45 3.01 -8.38
N GLY D 213 -8.96 2.94 -7.17
CA GLY D 213 -8.22 2.39 -6.04
C GLY D 213 -8.27 0.88 -6.10
N ASN D 214 -7.47 0.26 -5.24
CA ASN D 214 -7.54 -1.19 -5.12
C ASN D 214 -8.80 -1.58 -4.37
N LEU D 215 -9.31 -2.77 -4.67
CA LEU D 215 -10.56 -3.22 -4.07
C LEU D 215 -10.36 -3.90 -2.73
N ASP D 216 -9.12 -4.34 -2.51
CA ASP D 216 -8.75 -4.97 -1.25
C ASP D 216 -7.29 -4.76 -0.95
N SER D 217 -6.82 -5.32 0.16
CA SER D 217 -5.46 -5.14 0.60
C SER D 217 -4.96 -6.44 1.15
N LYS D 218 -3.95 -7.00 0.49
CA LYS D 218 -3.45 -8.30 0.87
C LYS D 218 -2.02 -8.41 0.40
N GLY D 219 -1.53 -9.65 0.24
CA GLY D 219 -0.11 -9.83 -0.04
C GLY D 219 0.13 -11.21 -0.58
N TYR D 220 1.31 -11.36 -1.16
CA TYR D 220 1.79 -12.67 -1.61
C TYR D 220 2.68 -13.24 -0.55
N GLY D 221 2.58 -14.55 -0.34
CA GLY D 221 3.44 -15.21 0.64
C GLY D 221 4.09 -16.42 0.01
N ILE D 222 5.19 -16.85 0.62
CA ILE D 222 5.85 -18.10 0.25
C ILE D 222 5.12 -19.21 0.97
N ALA D 223 4.73 -20.24 0.24
CA ALA D 223 3.92 -21.28 0.85
C ALA D 223 4.66 -22.58 0.98
N THR D 224 4.41 -23.25 2.11
CA THR D 224 4.95 -24.56 2.39
C THR D 224 3.84 -25.50 2.83
N PRO D 225 3.99 -26.81 2.53
CA PRO D 225 2.98 -27.76 3.02
C PRO D 225 2.99 -27.76 4.53
N LYS D 226 1.86 -28.06 5.14
CA LYS D 226 1.87 -28.19 6.59
C LYS D 226 2.87 -29.27 7.02
N GLY D 227 3.56 -28.97 8.11
CA GLY D 227 4.54 -29.89 8.65
C GLY D 227 5.93 -29.70 8.10
N SER D 228 6.09 -28.79 7.13
CA SER D 228 7.40 -28.55 6.51
C SER D 228 8.44 -28.07 7.52
N SER D 229 9.63 -28.67 7.41
CA SER D 229 10.77 -28.23 8.22
C SER D 229 11.26 -26.84 7.81
N LEU D 230 10.78 -26.35 6.66
CA LEU D 230 11.23 -25.07 6.14
C LEU D 230 10.44 -23.88 6.66
N ARG D 231 9.30 -24.16 7.29
CA ARG D 231 8.34 -23.10 7.57
C ARG D 231 8.92 -21.89 8.32
N ASN D 232 9.54 -22.15 9.48
CA ASN D 232 10.01 -21.04 10.31
C ASN D 232 11.16 -20.31 9.66
N ALA D 233 12.11 -21.04 9.07
CA ALA D 233 13.26 -20.39 8.43
C ALA D 233 12.82 -19.50 7.28
N VAL D 234 11.90 -20.00 6.45
CA VAL D 234 11.39 -19.24 5.32
C VAL D 234 10.68 -17.98 5.80
N ASN D 235 9.87 -18.10 6.86
CA ASN D 235 9.16 -16.96 7.39
C ASN D 235 10.15 -15.87 7.88
N LEU D 236 11.16 -16.29 8.64
CA LEU D 236 12.15 -15.34 9.16
C LEU D 236 12.96 -14.75 8.01
N ALA D 237 13.21 -15.54 6.98
CA ALA D 237 13.98 -15.05 5.84
C ALA D 237 13.23 -13.95 5.10
N VAL D 238 11.92 -14.11 4.91
CA VAL D 238 11.16 -13.08 4.23
C VAL D 238 11.27 -11.78 5.03
N LEU D 239 11.14 -11.87 6.34
CA LEU D 239 11.27 -10.66 7.18
C LEU D 239 12.63 -10.01 7.06
N LYS D 240 13.68 -10.84 7.04
CA LYS D 240 15.04 -10.31 6.88
C LYS D 240 15.21 -9.61 5.55
N LEU D 241 14.76 -10.26 4.47
CA LEU D 241 14.84 -9.67 3.13
C LEU D 241 14.10 -8.35 3.06
N ASN D 242 12.93 -8.26 3.68
CA ASN D 242 12.21 -7.00 3.71
C ASN D 242 13.00 -5.93 4.45
N GLU D 243 13.47 -6.27 5.63
CA GLU D 243 14.16 -5.29 6.46
C GLU D 243 15.50 -4.84 5.88
N GLN D 244 16.12 -5.69 5.08
CA GLN D 244 17.40 -5.36 4.45
C GLN D 244 17.18 -4.52 3.19
N GLY D 245 15.91 -4.29 2.84
CA GLY D 245 15.52 -3.54 1.67
C GLY D 245 15.65 -4.31 0.38
N LEU D 246 15.92 -5.61 0.49
CA LEU D 246 16.11 -6.46 -0.69
C LEU D 246 14.81 -6.58 -1.49
N LEU D 247 13.67 -6.74 -0.81
CA LEU D 247 12.42 -6.86 -1.54
C LEU D 247 12.05 -5.61 -2.32
N ASP D 248 12.33 -4.44 -1.75
CA ASP D 248 12.15 -3.17 -2.48
C ASP D 248 13.10 -3.05 -3.68
N LYS D 249 14.35 -3.48 -3.49
CA LYS D 249 15.35 -3.53 -4.57
C LYS D 249 14.81 -4.40 -5.71
N LEU D 250 14.26 -5.56 -5.37
CA LEU D 250 13.76 -6.46 -6.42
C LEU D 250 12.56 -5.92 -7.16
N LYS D 251 11.64 -5.27 -6.43
CA LYS D 251 10.47 -4.65 -7.05
C LYS D 251 10.91 -3.60 -8.07
N ASN D 252 11.83 -2.74 -7.63
CA ASN D 252 12.32 -1.66 -8.50
C ASN D 252 13.01 -2.25 -9.73
N LYS D 253 13.77 -3.31 -9.52
CA LYS D 253 14.50 -3.99 -10.61
C LYS D 253 13.56 -4.49 -11.71
N TRP D 254 12.49 -5.15 -11.30
CA TRP D 254 11.62 -5.85 -12.22
C TRP D 254 10.40 -5.05 -12.67
N TRP D 255 10.07 -3.95 -11.97
CA TRP D 255 8.92 -3.14 -12.39
C TRP D 255 9.29 -1.89 -13.16
N TYR D 256 10.20 -1.14 -12.57
CA TYR D 256 10.39 0.26 -12.92
C TYR D 256 11.71 0.51 -13.61
N ASP D 257 12.77 -0.17 -13.16
CA ASP D 257 14.09 -0.08 -13.83
C ASP D 257 14.02 -0.65 -15.25
N LYS D 258 13.11 -1.61 -15.45
CA LYS D 258 12.85 -2.23 -16.74
C LYS D 258 11.87 -1.42 -17.62
N GLY D 259 11.05 -0.60 -16.97
CA GLY D 259 9.95 0.18 -17.59
C GLY D 259 10.18 0.64 -19.02
N GLU D 260 9.19 0.40 -19.88
CA GLU D 260 9.31 0.67 -21.32
C GLU D 260 8.48 1.87 -21.77
N CYS D 261 7.73 2.48 -20.84
CA CYS D 261 6.74 3.50 -21.18
C CYS D 261 7.13 4.90 -20.69
N GLY D 262 8.44 5.13 -20.59
CA GLY D 262 9.00 6.41 -20.13
C GLY D 262 9.52 6.34 -18.71
N ASN E 3 -12.58 -37.32 -18.14
CA ASN E 3 -11.14 -37.45 -17.77
C ASN E 3 -10.20 -37.53 -18.99
N LYS E 4 -10.76 -37.84 -20.16
CA LYS E 4 -9.98 -37.91 -21.39
C LYS E 4 -10.27 -36.71 -22.30
N THR E 5 -9.24 -36.29 -23.02
CA THR E 5 -9.36 -35.18 -23.96
C THR E 5 -10.25 -35.60 -25.14
N VAL E 6 -11.24 -34.77 -25.40
CA VAL E 6 -12.22 -34.99 -26.44
C VAL E 6 -11.64 -34.55 -27.78
N VAL E 7 -11.67 -35.44 -28.78
CA VAL E 7 -11.14 -35.09 -30.07
C VAL E 7 -12.27 -34.47 -30.89
N VAL E 8 -12.07 -33.21 -31.28
CA VAL E 8 -13.07 -32.47 -32.03
C VAL E 8 -12.62 -32.48 -33.47
N THR E 9 -13.47 -32.97 -34.37
CA THR E 9 -13.21 -32.81 -35.79
C THR E 9 -13.90 -31.53 -36.28
N THR E 10 -13.21 -30.80 -37.11
CA THR E 10 -13.75 -29.60 -37.73
C THR E 10 -13.13 -29.44 -39.11
N ILE E 11 -13.48 -28.37 -39.79
CA ILE E 11 -13.08 -28.21 -41.17
C ILE E 11 -12.63 -26.77 -41.36
N LEU E 12 -11.59 -26.59 -42.16
CA LEU E 12 -11.12 -25.25 -42.52
C LEU E 12 -12.08 -24.63 -43.52
N GLU E 13 -12.99 -23.82 -42.99
CA GLU E 13 -14.04 -23.18 -43.76
C GLU E 13 -14.20 -21.83 -43.10
N SER E 14 -13.92 -20.74 -43.83
CA SER E 14 -14.05 -19.39 -43.23
C SER E 14 -15.52 -18.99 -43.13
N PRO E 15 -15.96 -18.32 -42.05
CA PRO E 15 -15.14 -17.88 -40.92
C PRO E 15 -15.28 -18.82 -39.73
N TYR E 16 -15.67 -20.06 -39.97
CA TYR E 16 -15.89 -21.02 -38.89
C TYR E 16 -14.57 -21.47 -38.26
N VAL E 17 -13.62 -21.89 -39.08
CA VAL E 17 -12.28 -22.26 -38.59
C VAL E 17 -11.29 -21.80 -39.63
N MET E 18 -10.28 -21.06 -39.18
CA MET E 18 -9.24 -20.50 -40.04
C MET E 18 -7.93 -20.64 -39.32
N MET E 19 -6.85 -20.76 -40.08
CA MET E 19 -5.54 -20.69 -39.47
C MET E 19 -5.25 -19.26 -39.05
N LYS E 20 -4.80 -19.10 -37.81
CA LYS E 20 -4.28 -17.81 -37.38
C LYS E 20 -3.06 -17.45 -38.19
N LYS E 21 -2.91 -16.17 -38.50
CA LYS E 21 -1.74 -15.67 -39.26
C LYS E 21 -0.41 -16.19 -38.71
N ASN E 22 -0.32 -16.27 -37.39
CA ASN E 22 0.92 -16.69 -36.71
C ASN E 22 0.86 -18.14 -36.19
N HIS E 23 0.02 -18.97 -36.82
CA HIS E 23 -0.20 -20.34 -36.36
C HIS E 23 1.05 -21.21 -36.17
N GLU E 24 2.05 -21.03 -37.03
CA GLU E 24 3.28 -21.83 -36.95
C GLU E 24 4.04 -21.65 -35.62
N MET E 25 3.79 -20.53 -34.96
CA MET E 25 4.40 -20.20 -33.69
C MET E 25 3.51 -20.51 -32.50
N LEU E 26 2.33 -21.07 -32.80
CA LEU E 26 1.34 -21.41 -31.78
C LEU E 26 1.17 -22.92 -31.69
N GLU E 27 0.55 -23.38 -30.61
CA GLU E 27 0.43 -24.81 -30.30
C GLU E 27 -1.02 -25.20 -30.21
N GLY E 28 -1.33 -26.41 -30.69
CA GLY E 28 -2.62 -27.04 -30.43
C GLY E 28 -3.80 -26.18 -30.84
N ASN E 29 -4.76 -26.03 -29.92
CA ASN E 29 -6.00 -25.30 -30.23
C ASN E 29 -5.77 -23.83 -30.55
N GLU E 30 -4.67 -23.29 -30.07
CA GLU E 30 -4.34 -21.88 -30.29
C GLU E 30 -3.99 -21.57 -31.73
N ARG E 31 -3.77 -22.60 -32.55
CA ARG E 31 -3.46 -22.39 -33.97
C ARG E 31 -4.62 -21.87 -34.80
N TYR E 32 -5.85 -22.02 -34.29
CA TYR E 32 -7.05 -21.76 -35.08
C TYR E 32 -7.88 -20.63 -34.51
N GLU E 33 -8.68 -20.00 -35.38
CA GLU E 33 -9.64 -19.00 -34.92
C GLU E 33 -10.88 -19.09 -35.78
N GLY E 34 -11.97 -18.56 -35.25
CA GLY E 34 -13.22 -18.51 -36.00
C GLY E 34 -14.41 -18.81 -35.14
N TYR E 35 -15.57 -18.76 -35.77
CA TYR E 35 -16.83 -18.97 -35.08
C TYR E 35 -16.84 -20.34 -34.37
N CYS E 36 -16.45 -21.40 -35.09
CA CYS E 36 -16.49 -22.74 -34.48
C CYS E 36 -15.40 -22.97 -33.45
N VAL E 37 -14.31 -22.22 -33.54
CA VAL E 37 -13.25 -22.27 -32.55
C VAL E 37 -13.78 -21.66 -31.25
N ASP E 38 -14.43 -20.51 -31.37
CA ASP E 38 -15.07 -19.87 -30.23
C ASP E 38 -16.18 -20.75 -29.66
N LEU E 39 -16.97 -21.36 -30.54
CA LEU E 39 -18.07 -22.22 -30.10
C LEU E 39 -17.52 -23.46 -29.39
N ALA E 40 -16.48 -24.07 -29.93
CA ALA E 40 -15.90 -25.26 -29.30
C ALA E 40 -15.43 -24.96 -27.89
N ALA E 41 -14.77 -23.81 -27.69
CA ALA E 41 -14.28 -23.46 -26.37
C ALA E 41 -15.44 -23.34 -25.40
N GLU E 42 -16.55 -22.77 -25.89
CA GLU E 42 -17.73 -22.59 -25.04
C GLU E 42 -18.45 -23.89 -24.75
N ILE E 43 -18.59 -24.74 -25.76
CA ILE E 43 -19.21 -26.06 -25.54
C ILE E 43 -18.41 -26.84 -24.53
N ALA E 44 -17.08 -26.86 -24.70
CA ALA E 44 -16.21 -27.60 -23.80
C ALA E 44 -16.30 -27.09 -22.36
N LYS E 45 -16.35 -25.77 -22.18
CA LYS E 45 -16.45 -25.16 -20.84
C LYS E 45 -17.76 -25.53 -20.16
N HIS E 46 -18.86 -25.46 -20.92
CA HIS E 46 -20.17 -25.75 -20.36
C HIS E 46 -20.38 -27.23 -20.09
N CYS E 47 -19.74 -28.08 -20.87
CA CYS E 47 -19.85 -29.53 -20.67
C CYS E 47 -18.75 -30.09 -19.81
N GLY E 48 -17.78 -29.27 -19.46
CA GLY E 48 -16.68 -29.66 -18.57
C GLY E 48 -15.72 -30.68 -19.16
N PHE E 49 -15.35 -30.51 -20.44
CA PHE E 49 -14.31 -31.37 -21.00
C PHE E 49 -13.15 -30.61 -21.59
N LYS E 50 -11.98 -31.24 -21.58
CA LYS E 50 -10.82 -30.77 -22.32
C LYS E 50 -10.93 -31.34 -23.73
N TYR E 51 -10.35 -30.64 -24.70
CA TYR E 51 -10.55 -31.00 -26.09
C TYR E 51 -9.35 -30.65 -26.96
N LYS E 52 -9.27 -31.35 -28.08
CA LYS E 52 -8.25 -31.10 -29.09
C LYS E 52 -8.94 -30.88 -30.42
N LEU E 53 -8.78 -29.70 -31.00
CA LEU E 53 -9.28 -29.45 -32.33
C LEU E 53 -8.42 -30.17 -33.34
N THR E 54 -9.08 -30.90 -34.24
CA THR E 54 -8.36 -31.52 -35.35
C THR E 54 -9.07 -31.15 -36.63
N ILE E 55 -8.30 -30.98 -37.71
CA ILE E 55 -8.91 -30.69 -38.99
C ILE E 55 -9.16 -31.99 -39.73
N VAL E 56 -10.40 -32.18 -40.19
CA VAL E 56 -10.80 -33.39 -40.90
C VAL E 56 -9.80 -33.73 -42.01
N GLY E 57 -9.33 -34.98 -41.95
CA GLY E 57 -8.24 -35.43 -42.79
C GLY E 57 -8.47 -35.25 -44.28
N ASP E 58 -9.68 -35.58 -44.74
CA ASP E 58 -9.98 -35.49 -46.16
C ASP E 58 -10.62 -34.15 -46.61
N GLY E 59 -10.79 -33.21 -45.67
CA GLY E 59 -11.32 -31.87 -46.00
C GLY E 59 -12.78 -31.87 -46.43
N LYS E 60 -13.49 -32.95 -46.10
CA LYS E 60 -14.89 -33.08 -46.50
C LYS E 60 -15.86 -33.02 -45.34
N TYR E 61 -17.12 -32.75 -45.67
CA TYR E 61 -18.17 -32.64 -44.65
C TYR E 61 -18.69 -34.01 -44.26
N GLY E 62 -19.13 -34.79 -45.24
CA GLY E 62 -19.57 -36.13 -44.91
C GLY E 62 -20.63 -36.62 -45.84
N ALA E 63 -20.28 -37.64 -46.61
CA ALA E 63 -21.18 -38.28 -47.56
C ALA E 63 -20.91 -39.76 -47.50
N ARG E 64 -21.92 -40.56 -47.82
CA ARG E 64 -21.76 -41.98 -47.90
C ARG E 64 -21.64 -42.38 -49.36
N ASP E 65 -20.54 -43.04 -49.68
CA ASP E 65 -20.33 -43.58 -51.03
C ASP E 65 -21.41 -44.63 -51.33
N ALA E 66 -22.10 -44.47 -52.47
CA ALA E 66 -23.20 -45.34 -52.87
C ALA E 66 -22.82 -46.82 -52.98
N ASP E 67 -21.59 -47.08 -53.45
CA ASP E 67 -21.09 -48.43 -53.68
C ASP E 67 -20.52 -49.09 -52.41
N THR E 68 -19.56 -48.42 -51.76
CA THR E 68 -18.82 -48.98 -50.61
C THR E 68 -19.59 -48.81 -49.29
N LYS E 69 -20.54 -47.89 -49.28
CA LYS E 69 -21.28 -47.48 -48.08
C LYS E 69 -20.39 -46.83 -46.99
N ILE E 70 -19.17 -46.45 -47.38
CA ILE E 70 -18.22 -45.79 -46.47
C ILE E 70 -18.52 -44.30 -46.39
N TRP E 71 -18.57 -43.80 -45.17
CA TRP E 71 -18.71 -42.39 -44.90
C TRP E 71 -17.38 -41.67 -44.95
N ASN E 72 -17.33 -40.54 -45.65
CA ASN E 72 -16.13 -39.73 -45.63
C ASN E 72 -16.31 -38.51 -44.74
N GLY E 73 -15.30 -37.64 -44.71
CA GLY E 73 -15.46 -36.32 -44.08
C GLY E 73 -15.61 -36.41 -42.58
N MET E 74 -16.16 -35.34 -42.01
CA MET E 74 -16.31 -35.28 -40.54
C MET E 74 -17.28 -36.35 -40.05
N VAL E 75 -18.32 -36.61 -40.83
CA VAL E 75 -19.28 -37.66 -40.46
C VAL E 75 -18.52 -38.99 -40.35
N GLY E 76 -17.67 -39.28 -41.34
CA GLY E 76 -16.86 -40.51 -41.28
C GLY E 76 -15.99 -40.56 -40.05
N GLU E 77 -15.37 -39.43 -39.70
CA GLU E 77 -14.51 -39.42 -38.51
C GLU E 77 -15.27 -39.79 -37.25
N LEU E 78 -16.52 -39.35 -37.15
CA LEU E 78 -17.37 -39.74 -36.04
C LEU E 78 -17.79 -41.20 -36.12
N VAL E 79 -18.28 -41.60 -37.30
CA VAL E 79 -18.77 -42.96 -37.52
C VAL E 79 -17.69 -44.00 -37.20
N TYR E 80 -16.46 -43.72 -37.62
CA TYR E 80 -15.37 -44.68 -37.50
C TYR E 80 -14.53 -44.52 -36.24
N GLY E 81 -14.95 -43.60 -35.36
CA GLY E 81 -14.31 -43.45 -34.05
C GLY E 81 -13.03 -42.66 -34.04
N LYS E 82 -12.75 -41.92 -35.11
CA LYS E 82 -11.55 -41.08 -35.21
C LYS E 82 -11.69 -39.78 -34.42
N ALA E 83 -12.92 -39.31 -34.28
CA ALA E 83 -13.21 -38.13 -33.47
C ALA E 83 -14.39 -38.37 -32.56
N ASP E 84 -14.46 -37.60 -31.48
CA ASP E 84 -15.52 -37.73 -30.50
C ASP E 84 -16.70 -36.80 -30.75
N ILE E 85 -16.47 -35.73 -31.52
CA ILE E 85 -17.48 -34.68 -31.68
C ILE E 85 -17.05 -33.87 -32.88
N ALA E 86 -18.02 -33.38 -33.64
CA ALA E 86 -17.76 -32.48 -34.75
C ALA E 86 -18.39 -31.15 -34.42
N ILE E 87 -17.56 -30.11 -34.46
CA ILE E 87 -18.04 -28.76 -34.20
C ILE E 87 -17.61 -27.96 -35.42
N ALA E 88 -18.57 -27.74 -36.31
CA ALA E 88 -18.29 -27.28 -37.65
C ALA E 88 -19.60 -26.85 -38.27
N PRO E 89 -19.56 -26.19 -39.45
CA PRO E 89 -20.80 -25.89 -40.17
C PRO E 89 -21.33 -27.14 -40.88
N LEU E 90 -21.72 -28.12 -40.07
CA LEU E 90 -22.17 -29.41 -40.53
C LEU E 90 -23.66 -29.44 -40.51
N THR E 91 -24.24 -29.59 -41.71
CA THR E 91 -25.67 -29.50 -41.88
C THR E 91 -26.35 -30.72 -41.34
N ILE E 92 -27.40 -30.46 -40.56
CA ILE E 92 -28.31 -31.49 -40.09
C ILE E 92 -29.10 -32.03 -41.28
N THR E 93 -28.91 -33.32 -41.55
CA THR E 93 -29.64 -33.99 -42.62
C THR E 93 -30.11 -35.35 -42.14
N LEU E 94 -31.16 -35.85 -42.79
CA LEU E 94 -31.74 -37.14 -42.45
C LEU E 94 -30.70 -38.26 -42.54
N VAL E 95 -29.96 -38.31 -43.64
CA VAL E 95 -29.04 -39.43 -43.81
C VAL E 95 -27.93 -39.42 -42.77
N ARG E 96 -27.53 -38.23 -42.33
CA ARG E 96 -26.54 -38.12 -41.28
C ARG E 96 -27.12 -38.46 -39.91
N GLU E 97 -28.32 -37.96 -39.63
CA GLU E 97 -28.96 -38.18 -38.33
C GLU E 97 -29.32 -39.65 -38.12
N GLU E 98 -29.35 -40.43 -39.20
CA GLU E 98 -29.53 -41.87 -39.10
C GLU E 98 -28.31 -42.57 -38.51
N VAL E 99 -27.13 -41.95 -38.66
CA VAL E 99 -25.86 -42.58 -38.29
C VAL E 99 -25.08 -41.87 -37.18
N ILE E 100 -25.35 -40.58 -36.98
CA ILE E 100 -24.77 -39.82 -35.87
C ILE E 100 -25.88 -39.04 -35.19
N ASP E 101 -25.60 -38.48 -34.03
CA ASP E 101 -26.56 -37.59 -33.41
C ASP E 101 -26.15 -36.16 -33.60
N PHE E 102 -27.14 -35.30 -33.82
CA PHE E 102 -26.93 -33.85 -33.84
C PHE E 102 -27.56 -33.19 -32.64
N SER E 103 -26.87 -32.17 -32.11
CA SER E 103 -27.50 -31.26 -31.17
C SER E 103 -28.62 -30.48 -31.88
N LYS E 104 -29.40 -29.73 -31.11
CA LYS E 104 -30.22 -28.71 -31.70
C LYS E 104 -29.34 -27.77 -32.53
N PRO E 105 -29.92 -27.14 -33.54
CA PRO E 105 -29.09 -26.30 -34.41
C PRO E 105 -28.49 -25.12 -33.68
N PHE E 106 -27.21 -24.84 -33.95
CA PHE E 106 -26.60 -23.63 -33.41
C PHE E 106 -26.67 -22.44 -34.38
N MET E 107 -27.03 -22.72 -35.62
CA MET E 107 -27.12 -21.67 -36.64
C MET E 107 -28.06 -22.16 -37.70
N SER E 108 -28.89 -21.25 -38.19
CA SER E 108 -29.83 -21.57 -39.25
C SER E 108 -29.22 -21.22 -40.59
N LEU E 109 -29.64 -21.95 -41.62
CA LEU E 109 -29.21 -21.64 -42.99
C LEU E 109 -30.17 -22.26 -43.96
N GLY E 110 -30.10 -21.78 -45.20
CA GLY E 110 -30.74 -22.47 -46.32
C GLY E 110 -29.83 -22.42 -47.51
N ILE E 111 -30.03 -23.30 -48.47
CA ILE E 111 -29.31 -23.20 -49.73
C ILE E 111 -29.70 -21.91 -50.43
N SER E 112 -28.71 -21.27 -51.01
CA SER E 112 -28.88 -19.96 -51.60
C SER E 112 -28.03 -19.79 -52.84
N ILE E 113 -28.27 -18.71 -53.57
CA ILE E 113 -27.56 -18.44 -54.82
C ILE E 113 -26.59 -17.29 -54.64
N MET E 114 -25.33 -17.53 -54.97
CA MET E 114 -24.34 -16.48 -55.05
C MET E 114 -24.09 -16.14 -56.50
N ILE E 115 -24.25 -14.85 -56.82
CA ILE E 115 -23.89 -14.35 -58.12
C ILE E 115 -22.78 -13.32 -58.04
N LYS E 116 -22.05 -13.19 -59.13
CA LYS E 116 -21.22 -12.02 -59.37
C LYS E 116 -22.20 -10.86 -59.55
N LYS E 117 -21.95 -9.75 -58.87
CA LYS E 117 -22.84 -8.58 -58.99
C LYS E 117 -23.14 -8.26 -60.44
N GLY E 118 -24.44 -8.08 -60.71
CA GLY E 118 -24.89 -7.68 -62.04
C GLY E 118 -25.36 -8.84 -62.91
N THR E 119 -25.08 -10.07 -62.46
CA THR E 119 -25.60 -11.28 -63.14
C THR E 119 -27.13 -11.23 -63.17
N PRO E 120 -27.74 -11.44 -64.35
CA PRO E 120 -29.20 -11.31 -64.48
C PRO E 120 -29.94 -12.59 -64.03
N ILE E 121 -29.81 -12.86 -62.73
CA ILE E 121 -30.43 -14.02 -62.07
C ILE E 121 -31.02 -13.51 -60.76
N GLU E 122 -32.30 -13.83 -60.55
CA GLU E 122 -33.01 -13.43 -59.33
C GLU E 122 -33.41 -14.63 -58.46
N SER E 123 -33.37 -15.83 -59.04
CA SER E 123 -33.95 -17.00 -58.39
C SER E 123 -33.43 -18.32 -58.98
N ALA E 124 -33.71 -19.42 -58.29
CA ALA E 124 -33.38 -20.76 -58.79
C ALA E 124 -34.15 -21.04 -60.07
N GLU E 125 -35.40 -20.59 -60.13
CA GLU E 125 -36.21 -20.70 -61.34
C GLU E 125 -35.50 -20.02 -62.52
N ASP E 126 -34.96 -18.83 -62.30
CA ASP E 126 -34.20 -18.11 -63.33
C ASP E 126 -33.03 -18.94 -63.84
N LEU E 127 -32.25 -19.52 -62.91
CA LEU E 127 -31.12 -20.37 -63.27
C LEU E 127 -31.56 -21.58 -64.11
N SER E 128 -32.65 -22.23 -63.66
CA SER E 128 -33.15 -23.44 -64.30
C SER E 128 -33.67 -23.21 -65.72
N LYS E 129 -34.07 -21.97 -66.03
CA LYS E 129 -34.70 -21.62 -67.31
C LYS E 129 -33.74 -21.11 -68.39
N GLN E 130 -32.44 -21.09 -68.07
CA GLN E 130 -31.43 -20.55 -69.01
C GLN E 130 -30.19 -21.43 -69.04
N THR E 131 -29.30 -21.17 -70.01
CA THR E 131 -28.09 -21.98 -70.21
C THR E 131 -26.78 -21.18 -70.20
N GLU E 132 -26.85 -19.87 -70.46
CA GLU E 132 -25.63 -19.07 -70.60
C GLU E 132 -24.82 -19.00 -69.30
N ILE E 133 -25.52 -18.96 -68.17
CA ILE E 133 -24.89 -18.92 -66.86
C ILE E 133 -24.86 -20.33 -66.29
N ALA E 134 -23.64 -20.82 -66.05
CA ALA E 134 -23.43 -22.11 -65.42
C ALA E 134 -23.60 -21.98 -63.93
N TYR E 135 -23.86 -23.10 -63.27
CA TYR E 135 -24.03 -23.09 -61.84
C TYR E 135 -23.75 -24.45 -61.28
N GLY E 136 -23.26 -24.49 -60.04
CA GLY E 136 -22.89 -25.72 -59.39
C GLY E 136 -22.88 -25.59 -57.89
N THR E 137 -22.42 -26.64 -57.24
CA THR E 137 -22.40 -26.75 -55.80
C THR E 137 -21.06 -27.31 -55.34
N LEU E 138 -20.86 -27.32 -54.02
CA LEU E 138 -19.75 -28.05 -53.44
C LEU E 138 -19.89 -29.53 -53.82
N ASP E 139 -18.79 -30.15 -54.27
CA ASP E 139 -18.80 -31.48 -54.94
C ASP E 139 -19.16 -32.62 -54.00
N SER E 140 -19.13 -32.34 -52.71
CA SER E 140 -19.51 -33.27 -51.69
C SER E 140 -20.13 -32.40 -50.62
N GLY E 141 -21.28 -32.79 -50.14
CA GLY E 141 -21.97 -32.06 -49.08
C GLY E 141 -23.46 -32.09 -49.24
N SER E 142 -24.11 -31.45 -48.29
CA SER E 142 -25.55 -31.47 -48.20
C SER E 142 -26.23 -30.70 -49.33
N THR E 143 -25.58 -29.67 -49.89
CA THR E 143 -26.20 -28.96 -51.01
C THR E 143 -26.31 -29.83 -52.26
N LYS E 144 -25.21 -30.51 -52.60
CA LYS E 144 -25.23 -31.43 -53.73
C LYS E 144 -26.32 -32.47 -53.52
N GLU E 145 -26.38 -33.04 -52.31
CA GLU E 145 -27.38 -34.06 -51.98
C GLU E 145 -28.82 -33.55 -52.09
N PHE E 146 -29.03 -32.30 -51.73
CA PHE E 146 -30.35 -31.67 -51.86
C PHE E 146 -30.80 -31.75 -53.31
N PHE E 147 -29.91 -31.38 -54.23
CA PHE E 147 -30.26 -31.39 -55.63
C PHE E 147 -30.40 -32.79 -56.17
N ARG E 148 -29.48 -33.66 -55.77
CA ARG E 148 -29.51 -35.08 -56.20
C ARG E 148 -30.86 -35.73 -55.83
N ARG E 149 -31.37 -35.39 -54.65
CA ARG E 149 -32.54 -36.07 -54.10
C ARG E 149 -33.87 -35.37 -54.38
N SER E 150 -33.82 -34.13 -54.85
CA SER E 150 -35.03 -33.32 -54.98
C SER E 150 -36.01 -33.86 -56.00
N LYS E 151 -37.29 -33.83 -55.61
CA LYS E 151 -38.39 -34.22 -56.48
C LYS E 151 -39.18 -33.00 -57.00
N ILE E 152 -38.82 -31.83 -56.49
CA ILE E 152 -39.36 -30.54 -56.93
C ILE E 152 -38.83 -30.23 -58.34
N ALA E 153 -39.73 -29.84 -59.23
CA ALA E 153 -39.44 -29.67 -60.66
C ALA E 153 -38.23 -28.79 -60.95
N VAL E 154 -38.19 -27.57 -60.38
CA VAL E 154 -37.12 -26.59 -60.64
C VAL E 154 -35.79 -27.18 -60.21
N PHE E 155 -35.76 -27.79 -59.03
CA PHE E 155 -34.52 -28.36 -58.50
C PHE E 155 -34.06 -29.61 -59.24
N ASP E 156 -35.03 -30.45 -59.66
CA ASP E 156 -34.74 -31.60 -60.51
C ASP E 156 -34.11 -31.15 -61.83
N LYS E 157 -34.70 -30.12 -62.45
CA LYS E 157 -34.19 -29.56 -63.70
C LYS E 157 -32.75 -29.07 -63.50
N MET E 158 -32.52 -28.39 -62.39
CA MET E 158 -31.19 -27.91 -62.04
C MET E 158 -30.19 -29.06 -61.87
N TRP E 159 -30.59 -30.10 -61.15
CA TRP E 159 -29.73 -31.27 -60.93
C TRP E 159 -29.41 -31.97 -62.24
N THR E 160 -30.44 -32.13 -63.07
CA THR E 160 -30.28 -32.74 -64.38
C THR E 160 -29.21 -32.01 -65.18
N TYR E 161 -29.24 -30.68 -65.14
CA TYR E 161 -28.19 -29.89 -65.78
C TYR E 161 -26.83 -30.11 -65.09
N MET E 162 -26.80 -29.96 -63.76
CA MET E 162 -25.53 -29.96 -63.04
C MET E 162 -24.79 -31.29 -63.15
N ARG E 163 -25.51 -32.39 -63.00
CA ARG E 163 -24.89 -33.71 -63.00
C ARG E 163 -24.23 -34.04 -64.34
N SER E 164 -24.71 -33.42 -65.42
CA SER E 164 -24.22 -33.71 -66.76
C SER E 164 -23.30 -32.64 -67.33
N ALA E 165 -23.18 -31.50 -66.66
CA ALA E 165 -22.45 -30.36 -67.23
C ALA E 165 -20.97 -30.68 -67.33
N GLU E 166 -20.39 -30.32 -68.47
CA GLU E 166 -18.97 -30.47 -68.74
C GLU E 166 -18.41 -29.14 -69.23
N PRO E 167 -17.29 -28.66 -68.67
CA PRO E 167 -16.58 -29.31 -67.57
C PRO E 167 -17.39 -29.24 -66.28
N SER E 168 -16.96 -29.97 -65.26
CA SER E 168 -17.70 -30.08 -64.02
C SER E 168 -18.04 -28.70 -63.45
N VAL E 169 -19.28 -28.58 -63.03
CA VAL E 169 -19.73 -27.36 -62.31
C VAL E 169 -19.53 -27.46 -60.80
N PHE E 170 -19.08 -28.61 -60.33
CA PHE E 170 -18.89 -28.83 -58.91
C PHE E 170 -17.50 -28.41 -58.49
N VAL E 171 -17.38 -28.02 -57.22
CA VAL E 171 -16.13 -27.52 -56.68
C VAL E 171 -15.71 -28.29 -55.43
N ARG E 172 -14.40 -28.29 -55.18
CA ARG E 172 -13.85 -29.06 -54.08
C ARG E 172 -14.04 -28.34 -52.74
N THR E 173 -14.04 -27.01 -52.78
CA THR E 173 -14.16 -26.19 -51.57
C THR E 173 -15.01 -24.96 -51.87
N THR E 174 -15.59 -24.41 -50.82
CA THR E 174 -16.36 -23.17 -50.91
C THR E 174 -15.51 -22.06 -51.54
N ALA E 175 -14.26 -21.93 -51.08
CA ALA E 175 -13.34 -20.95 -51.65
C ALA E 175 -13.17 -21.07 -53.17
N GLU E 176 -13.09 -22.32 -53.66
CA GLU E 176 -13.07 -22.59 -55.09
C GLU E 176 -14.35 -22.13 -55.80
N GLY E 177 -15.50 -22.34 -55.18
CA GLY E 177 -16.78 -21.90 -55.74
C GLY E 177 -16.84 -20.38 -55.87
N VAL E 178 -16.43 -19.71 -54.78
CA VAL E 178 -16.41 -18.24 -54.71
C VAL E 178 -15.46 -17.68 -55.75
N ALA E 179 -14.25 -18.23 -55.82
CA ALA E 179 -13.28 -17.80 -56.81
C ALA E 179 -13.80 -17.98 -58.23
N ARG E 180 -14.57 -19.05 -58.46
CA ARG E 180 -15.12 -19.32 -59.77
C ARG E 180 -16.17 -18.29 -60.18
N VAL E 181 -17.04 -17.97 -59.24
CA VAL E 181 -17.99 -16.89 -59.45
C VAL E 181 -17.24 -15.60 -59.79
N ARG E 182 -16.23 -15.27 -59.00
CA ARG E 182 -15.50 -14.02 -59.15
C ARG E 182 -14.75 -13.89 -60.47
N LYS E 183 -14.24 -15.00 -60.99
CA LYS E 183 -13.43 -15.00 -62.21
C LYS E 183 -14.25 -15.20 -63.50
N SER E 184 -15.52 -15.57 -63.38
CA SER E 184 -16.28 -16.01 -64.57
C SER E 184 -17.17 -14.95 -65.24
N LYS E 185 -16.97 -13.68 -64.86
CA LYS E 185 -17.58 -12.50 -65.53
C LYS E 185 -19.11 -12.55 -65.57
N GLY E 186 -19.68 -13.18 -64.54
CA GLY E 186 -21.12 -13.36 -64.42
C GLY E 186 -21.66 -14.66 -65.02
N LYS E 187 -20.76 -15.51 -65.53
CA LYS E 187 -21.19 -16.73 -66.25
C LYS E 187 -21.20 -18.01 -65.39
N TYR E 188 -20.90 -17.84 -64.11
CA TYR E 188 -21.02 -18.91 -63.14
C TYR E 188 -21.69 -18.37 -61.88
N ALA E 189 -22.72 -19.08 -61.45
CA ALA E 189 -23.38 -18.85 -60.15
C ALA E 189 -23.12 -20.02 -59.23
N TYR E 190 -23.01 -19.77 -57.95
CA TYR E 190 -22.65 -20.82 -57.02
C TYR E 190 -23.78 -21.04 -56.04
N LEU E 191 -24.19 -22.30 -55.89
CA LEU E 191 -25.22 -22.68 -54.92
C LEU E 191 -24.54 -23.10 -53.64
N LEU E 192 -24.79 -22.36 -52.58
CA LEU E 192 -24.13 -22.59 -51.32
C LEU E 192 -25.03 -22.12 -50.19
N GLU E 193 -24.66 -22.50 -48.99
CA GLU E 193 -25.48 -22.18 -47.85
C GLU E 193 -25.46 -20.69 -47.56
N SER E 194 -26.62 -20.19 -47.12
CA SER E 194 -26.84 -18.75 -46.96
C SER E 194 -25.83 -18.11 -46.02
N THR E 195 -25.42 -18.85 -45.00
CA THR E 195 -24.39 -18.41 -44.06
C THR E 195 -23.08 -18.09 -44.76
N MET E 196 -22.65 -19.00 -45.61
CA MET E 196 -21.39 -18.84 -46.32
C MET E 196 -21.55 -17.72 -47.34
N ASN E 197 -22.71 -17.65 -47.98
CA ASN E 197 -23.00 -16.62 -48.97
C ASN E 197 -22.94 -15.23 -48.31
N GLU E 198 -23.59 -15.09 -47.15
CA GLU E 198 -23.65 -13.82 -46.41
C GLU E 198 -22.28 -13.37 -45.94
N TYR E 199 -21.44 -14.33 -45.56
CA TYR E 199 -20.08 -14.04 -45.16
C TYR E 199 -19.30 -13.42 -46.31
N ILE E 200 -19.37 -14.07 -47.47
CA ILE E 200 -18.57 -13.67 -48.61
C ILE E 200 -19.03 -12.32 -49.13
N GLU E 201 -20.34 -12.08 -49.05
CA GLU E 201 -20.92 -10.79 -49.44
C GLU E 201 -20.29 -9.63 -48.65
N GLN E 202 -19.81 -9.93 -47.43
CA GLN E 202 -19.12 -8.93 -46.61
C GLN E 202 -17.58 -8.96 -46.68
N ARG E 203 -17.06 -9.63 -47.71
CA ARG E 203 -15.61 -9.71 -47.90
C ARG E 203 -15.20 -8.98 -49.17
N LYS E 204 -14.08 -8.27 -49.09
CA LYS E 204 -13.45 -7.67 -50.26
C LYS E 204 -13.18 -8.78 -51.29
N PRO E 205 -13.41 -8.53 -52.59
CA PRO E 205 -13.68 -7.20 -53.16
C PRO E 205 -15.16 -6.78 -53.29
N CYS E 206 -16.04 -7.41 -52.50
CA CYS E 206 -17.45 -7.00 -52.42
C CYS E 206 -18.12 -7.08 -53.80
N ASP E 207 -17.80 -8.13 -54.54
CA ASP E 207 -18.28 -8.29 -55.91
C ASP E 207 -19.29 -9.42 -56.08
N THR E 208 -19.69 -10.03 -54.98
CA THR E 208 -20.71 -11.06 -55.02
C THR E 208 -21.89 -10.66 -54.17
N MET E 209 -23.02 -11.30 -54.42
CA MET E 209 -24.16 -11.16 -53.55
C MET E 209 -25.09 -12.34 -53.61
N LYS E 210 -25.83 -12.48 -52.51
CA LYS E 210 -26.90 -13.43 -52.39
C LYS E 210 -28.10 -12.87 -53.13
N VAL E 211 -28.69 -13.69 -53.99
CA VAL E 211 -29.95 -13.31 -54.65
C VAL E 211 -31.06 -14.32 -54.40
N GLY E 212 -32.29 -13.80 -54.30
CA GLY E 212 -33.47 -14.62 -54.10
C GLY E 212 -33.58 -15.16 -52.69
N GLY E 213 -34.65 -15.92 -52.48
CA GLY E 213 -34.90 -16.55 -51.18
C GLY E 213 -34.08 -17.82 -51.08
N ASN E 214 -33.99 -18.34 -49.88
CA ASN E 214 -33.34 -19.63 -49.69
C ASN E 214 -34.21 -20.74 -50.24
N LEU E 215 -33.57 -21.83 -50.66
CA LEU E 215 -34.26 -22.92 -51.30
C LEU E 215 -34.80 -23.90 -50.26
N ASP E 216 -34.25 -23.87 -49.06
CA ASP E 216 -34.72 -24.71 -47.96
C ASP E 216 -34.40 -24.05 -46.62
N SER E 217 -34.74 -24.74 -45.55
CA SER E 217 -34.57 -24.20 -44.21
C SER E 217 -34.09 -25.29 -43.30
N LYS E 218 -32.86 -25.11 -42.81
CA LYS E 218 -32.26 -26.12 -41.96
C LYS E 218 -31.25 -25.46 -41.04
N GLY E 219 -30.26 -26.21 -40.56
CA GLY E 219 -29.37 -25.67 -39.57
C GLY E 219 -28.14 -26.52 -39.48
N TYR E 220 -27.11 -25.97 -38.82
CA TYR E 220 -25.94 -26.76 -38.47
C TYR E 220 -26.10 -27.25 -37.05
N GLY E 221 -25.65 -28.47 -36.79
CA GLY E 221 -25.65 -28.98 -35.42
C GLY E 221 -24.30 -29.53 -35.08
N ILE E 222 -24.07 -29.66 -33.78
CA ILE E 222 -22.89 -30.31 -33.25
C ILE E 222 -23.18 -31.79 -33.27
N ALA E 223 -22.28 -32.57 -33.86
CA ALA E 223 -22.54 -33.99 -34.03
C ALA E 223 -21.65 -34.84 -33.16
N THR E 224 -22.25 -35.90 -32.66
CA THR E 224 -21.57 -36.88 -31.85
C THR E 224 -21.91 -38.27 -32.38
N PRO E 225 -21.01 -39.24 -32.19
CA PRO E 225 -21.31 -40.61 -32.61
C PRO E 225 -22.43 -41.14 -31.74
N LYS E 226 -23.21 -42.08 -32.25
CA LYS E 226 -24.25 -42.68 -31.44
C LYS E 226 -23.64 -43.34 -30.20
N GLY E 227 -24.36 -43.22 -29.09
CA GLY E 227 -23.89 -43.76 -27.80
C GLY E 227 -22.94 -42.84 -27.04
N SER E 228 -22.61 -41.67 -27.63
CA SER E 228 -21.72 -40.73 -26.96
C SER E 228 -22.28 -40.28 -25.60
N SER E 229 -21.40 -40.28 -24.61
CA SER E 229 -21.75 -39.76 -23.29
C SER E 229 -21.93 -38.25 -23.31
N LEU E 230 -21.50 -37.60 -24.40
CA LEU E 230 -21.55 -36.13 -24.51
C LEU E 230 -22.86 -35.62 -25.04
N ARG E 231 -23.69 -36.52 -25.58
CA ARG E 231 -24.83 -36.09 -26.35
C ARG E 231 -25.76 -35.07 -25.63
N ASN E 232 -26.22 -35.44 -24.43
CA ASN E 232 -27.20 -34.60 -23.73
C ASN E 232 -26.58 -33.27 -23.34
N ALA E 233 -25.36 -33.30 -22.81
CA ALA E 233 -24.70 -32.08 -22.31
C ALA E 233 -24.46 -31.12 -23.45
N VAL E 234 -24.03 -31.65 -24.60
CA VAL E 234 -23.77 -30.81 -25.74
C VAL E 234 -25.06 -30.16 -26.23
N ASN E 235 -26.12 -30.95 -26.29
CA ASN E 235 -27.39 -30.44 -26.71
C ASN E 235 -27.89 -29.28 -25.80
N LEU E 236 -27.82 -29.50 -24.49
CA LEU E 236 -28.28 -28.49 -23.56
C LEU E 236 -27.38 -27.26 -23.60
N ALA E 237 -26.08 -27.46 -23.83
CA ALA E 237 -25.14 -26.35 -23.95
C ALA E 237 -25.48 -25.46 -25.15
N VAL E 238 -25.83 -26.06 -26.30
CA VAL E 238 -26.24 -25.26 -27.46
C VAL E 238 -27.47 -24.41 -27.10
N LEU E 239 -28.43 -25.03 -26.42
CA LEU E 239 -29.64 -24.29 -26.04
C LEU E 239 -29.33 -23.16 -25.07
N LYS E 240 -28.49 -23.42 -24.08
CA LYS E 240 -28.09 -22.38 -23.14
C LYS E 240 -27.40 -21.23 -23.86
N LEU E 241 -26.48 -21.57 -24.76
CA LEU E 241 -25.74 -20.53 -25.48
C LEU E 241 -26.63 -19.71 -26.41
N ASN E 242 -27.64 -20.36 -27.01
CA ASN E 242 -28.58 -19.64 -27.85
C ASN E 242 -29.34 -18.68 -26.95
N GLU E 243 -29.85 -19.20 -25.85
CA GLU E 243 -30.76 -18.41 -25.00
C GLU E 243 -30.06 -17.23 -24.33
N GLN E 244 -28.75 -17.38 -24.12
CA GLN E 244 -27.95 -16.31 -23.53
C GLN E 244 -27.43 -15.32 -24.56
N GLY E 245 -27.75 -15.56 -25.84
CA GLY E 245 -27.44 -14.64 -26.91
C GLY E 245 -26.04 -14.80 -27.47
N LEU E 246 -25.31 -15.80 -27.00
CA LEU E 246 -23.91 -15.99 -27.43
C LEU E 246 -23.80 -16.35 -28.91
N LEU E 247 -24.68 -17.21 -29.38
CA LEU E 247 -24.60 -17.63 -30.76
C LEU E 247 -24.80 -16.45 -31.69
N ASP E 248 -25.74 -15.56 -31.36
CA ASP E 248 -25.95 -14.36 -32.20
C ASP E 248 -24.74 -13.43 -32.14
N LYS E 249 -24.16 -13.29 -30.94
CA LYS E 249 -22.95 -12.50 -30.75
C LYS E 249 -21.81 -13.06 -31.60
N LEU E 250 -21.64 -14.38 -31.61
CA LEU E 250 -20.56 -15.00 -32.39
C LEU E 250 -20.75 -14.81 -33.88
N LYS E 251 -22.00 -14.88 -34.35
CA LYS E 251 -22.29 -14.65 -35.74
C LYS E 251 -21.92 -13.21 -36.09
N ASN E 252 -22.34 -12.26 -35.27
CA ASN E 252 -22.03 -10.87 -35.56
C ASN E 252 -20.51 -10.63 -35.59
N LYS E 253 -19.81 -11.25 -34.64
CA LYS E 253 -18.37 -11.10 -34.50
C LYS E 253 -17.66 -11.53 -35.78
N TRP E 254 -18.05 -12.68 -36.31
CA TRP E 254 -17.34 -13.32 -37.42
C TRP E 254 -17.85 -12.96 -38.83
N TRP E 255 -19.08 -12.45 -38.90
CA TRP E 255 -19.66 -12.06 -40.20
C TRP E 255 -19.62 -10.56 -40.46
N TYR E 256 -20.04 -9.79 -39.46
CA TYR E 256 -20.44 -8.40 -39.67
C TYR E 256 -19.57 -7.39 -38.94
N ASP E 257 -19.18 -7.68 -37.71
CA ASP E 257 -18.31 -6.78 -36.92
C ASP E 257 -16.98 -6.50 -37.65
N LYS E 258 -16.47 -7.53 -38.32
CA LYS E 258 -15.21 -7.46 -39.10
C LYS E 258 -15.45 -7.24 -40.61
N GLY E 259 -16.72 -7.06 -41.00
CA GLY E 259 -17.13 -6.94 -42.41
C GLY E 259 -16.39 -5.87 -43.18
N GLU E 260 -16.00 -6.19 -44.41
CA GLU E 260 -15.12 -5.34 -45.24
C GLU E 260 -15.85 -4.55 -46.33
N CYS E 261 -17.18 -4.65 -46.35
CA CYS E 261 -17.99 -4.07 -47.43
C CYS E 261 -18.95 -2.97 -46.94
N GLY E 262 -18.56 -2.28 -45.87
CA GLY E 262 -19.35 -1.17 -45.32
C GLY E 262 -20.60 -1.62 -44.60
N ASN F 3 -49.26 -50.47 -31.91
CA ASN F 3 -50.05 -51.26 -30.92
C ASN F 3 -51.20 -50.43 -30.33
N LYS F 4 -50.89 -49.30 -29.69
CA LYS F 4 -51.90 -48.45 -29.05
C LYS F 4 -52.01 -47.07 -29.71
N THR F 5 -53.18 -46.46 -29.55
CA THR F 5 -53.45 -45.11 -30.05
C THR F 5 -52.65 -44.09 -29.23
N VAL F 6 -51.89 -43.29 -29.96
CA VAL F 6 -51.01 -42.28 -29.39
C VAL F 6 -51.85 -41.04 -29.06
N VAL F 7 -51.75 -40.58 -27.82
CA VAL F 7 -52.49 -39.39 -27.39
C VAL F 7 -51.60 -38.18 -27.71
N VAL F 8 -52.09 -37.33 -28.61
CA VAL F 8 -51.34 -36.15 -29.03
C VAL F 8 -51.94 -34.98 -28.30
N THR F 9 -51.12 -34.28 -27.52
CA THR F 9 -51.55 -33.01 -26.96
C THR F 9 -51.21 -31.88 -27.93
N THR F 10 -52.14 -30.97 -28.09
CA THR F 10 -51.94 -29.82 -28.95
C THR F 10 -52.73 -28.65 -28.39
N ILE F 11 -52.68 -27.52 -29.06
CA ILE F 11 -53.27 -26.29 -28.52
C ILE F 11 -54.01 -25.59 -29.62
N LEU F 12 -55.13 -24.95 -29.30
CA LEU F 12 -55.88 -24.20 -30.29
C LEU F 12 -55.16 -22.88 -30.48
N GLU F 13 -54.42 -22.81 -31.58
CA GLU F 13 -53.61 -21.66 -31.91
C GLU F 13 -53.60 -21.56 -33.42
N SER F 14 -54.13 -20.46 -33.96
CA SER F 14 -54.19 -20.31 -35.42
C SER F 14 -52.81 -20.00 -36.01
N PRO F 15 -52.41 -20.58 -37.15
CA PRO F 15 -53.18 -21.54 -37.94
C PRO F 15 -52.69 -22.98 -37.74
N TYR F 16 -52.13 -23.25 -36.57
CA TYR F 16 -51.57 -24.55 -36.24
C TYR F 16 -52.66 -25.58 -35.98
N VAL F 17 -53.64 -25.22 -35.13
CA VAL F 17 -54.79 -26.08 -34.85
C VAL F 17 -55.97 -25.17 -34.66
N MET F 18 -56.99 -25.38 -35.47
CA MET F 18 -58.19 -24.57 -35.44
C MET F 18 -59.35 -25.52 -35.57
N MET F 19 -60.49 -25.15 -35.00
CA MET F 19 -61.68 -25.94 -35.24
C MET F 19 -62.20 -25.64 -36.65
N LYS F 20 -62.55 -26.68 -37.39
CA LYS F 20 -63.13 -26.49 -38.73
C LYS F 20 -64.44 -25.73 -38.64
N LYS F 21 -64.78 -24.98 -39.69
CA LYS F 21 -66.07 -24.25 -39.76
C LYS F 21 -67.29 -25.09 -39.42
N ASN F 22 -67.27 -26.35 -39.81
CA ASN F 22 -68.40 -27.26 -39.58
C ASN F 22 -68.14 -28.31 -38.47
N HIS F 23 -67.31 -27.94 -37.49
CA HIS F 23 -66.77 -28.88 -36.52
C HIS F 23 -67.79 -29.59 -35.63
N GLU F 24 -68.90 -28.92 -35.34
CA GLU F 24 -69.95 -29.47 -34.46
C GLU F 24 -70.55 -30.80 -34.98
N MET F 25 -70.56 -30.96 -36.30
CA MET F 25 -71.01 -32.21 -36.92
C MET F 25 -69.88 -33.19 -37.22
N LEU F 26 -68.67 -32.86 -36.78
CA LEU F 26 -67.52 -33.73 -36.96
C LEU F 26 -67.11 -34.38 -35.64
N GLU F 27 -66.36 -35.47 -35.76
CA GLU F 27 -65.92 -36.25 -34.60
C GLU F 27 -64.41 -36.47 -34.60
N GLY F 28 -63.83 -36.58 -33.40
CA GLY F 28 -62.43 -36.93 -33.22
C GLY F 28 -61.51 -35.98 -33.95
N ASN F 29 -60.51 -36.52 -34.64
CA ASN F 29 -59.50 -35.70 -35.31
C ASN F 29 -60.03 -34.83 -36.43
N GLU F 30 -61.15 -35.23 -37.01
CA GLU F 30 -61.75 -34.51 -38.14
C GLU F 30 -62.28 -33.14 -37.75
N ARG F 31 -62.43 -32.89 -36.44
CA ARG F 31 -62.92 -31.59 -35.94
C ARG F 31 -61.95 -30.46 -36.24
N TYR F 32 -60.67 -30.81 -36.38
CA TYR F 32 -59.57 -29.84 -36.40
C TYR F 32 -58.92 -29.74 -37.76
N GLU F 33 -58.36 -28.57 -38.03
CA GLU F 33 -57.53 -28.37 -39.21
C GLU F 33 -56.42 -27.41 -38.86
N GLY F 34 -55.37 -27.46 -39.66
CA GLY F 34 -54.29 -26.50 -39.54
C GLY F 34 -52.96 -27.15 -39.78
N TYR F 35 -51.93 -26.33 -39.68
CA TYR F 35 -50.58 -26.77 -39.92
C TYR F 35 -50.21 -27.99 -39.09
N CYS F 36 -50.47 -27.92 -37.79
CA CYS F 36 -50.09 -29.03 -36.89
C CYS F 36 -51.00 -30.25 -37.02
N VAL F 37 -52.23 -30.04 -37.47
CA VAL F 37 -53.13 -31.15 -37.78
C VAL F 37 -52.55 -31.92 -38.99
N ASP F 38 -52.16 -31.17 -40.03
CA ASP F 38 -51.48 -31.76 -41.18
C ASP F 38 -50.16 -32.41 -40.80
N LEU F 39 -49.37 -31.73 -39.97
CA LEU F 39 -48.10 -32.29 -39.51
C LEU F 39 -48.33 -33.58 -38.73
N ALA F 40 -49.33 -33.61 -37.86
CA ALA F 40 -49.59 -34.79 -37.03
C ALA F 40 -49.92 -35.99 -37.90
N ALA F 41 -50.70 -35.77 -38.97
CA ALA F 41 -51.07 -36.84 -39.89
C ALA F 41 -49.85 -37.38 -40.61
N GLU F 42 -48.94 -36.48 -40.98
CA GLU F 42 -47.72 -36.88 -41.68
C GLU F 42 -46.78 -37.64 -40.78
N ILE F 43 -46.59 -37.13 -39.55
CA ILE F 43 -45.72 -37.76 -38.58
C ILE F 43 -46.26 -39.14 -38.26
N ALA F 44 -47.57 -39.25 -38.01
CA ALA F 44 -48.19 -40.54 -37.71
C ALA F 44 -48.03 -41.54 -38.87
N LYS F 45 -48.17 -41.05 -40.09
CA LYS F 45 -48.03 -41.88 -41.29
C LYS F 45 -46.61 -42.45 -41.36
N HIS F 46 -45.61 -41.57 -41.24
CA HIS F 46 -44.21 -41.98 -41.39
C HIS F 46 -43.72 -42.85 -40.23
N CYS F 47 -44.29 -42.65 -39.05
CA CYS F 47 -43.91 -43.42 -37.85
C CYS F 47 -44.78 -44.64 -37.61
N GLY F 48 -45.86 -44.76 -38.38
CA GLY F 48 -46.78 -45.89 -38.34
C GLY F 48 -47.59 -46.02 -37.06
N PHE F 49 -48.11 -44.90 -36.55
CA PHE F 49 -49.02 -44.98 -35.42
C PHE F 49 -50.38 -44.34 -35.72
N LYS F 50 -51.39 -44.82 -35.01
CA LYS F 50 -52.71 -44.19 -34.94
C LYS F 50 -52.68 -43.20 -33.78
N TYR F 51 -53.51 -42.17 -33.85
CA TYR F 51 -53.41 -41.11 -32.86
C TYR F 51 -54.75 -40.43 -32.60
N LYS F 52 -54.83 -39.78 -31.44
CA LYS F 52 -55.98 -38.98 -31.08
C LYS F 52 -55.50 -37.59 -30.68
N LEU F 53 -55.99 -36.58 -31.40
CA LEU F 53 -55.67 -35.20 -31.08
C LEU F 53 -56.52 -34.77 -29.89
N THR F 54 -55.86 -34.22 -28.88
CA THR F 54 -56.53 -33.73 -27.68
C THR F 54 -56.02 -32.33 -27.45
N ILE F 55 -56.93 -31.41 -27.18
CA ILE F 55 -56.53 -30.05 -26.87
C ILE F 55 -56.14 -29.99 -25.41
N VAL F 56 -54.97 -29.42 -25.16
CA VAL F 56 -54.40 -29.28 -23.82
C VAL F 56 -55.45 -28.68 -22.87
N GLY F 57 -55.61 -29.35 -21.74
CA GLY F 57 -56.68 -29.05 -20.80
C GLY F 57 -56.66 -27.62 -20.28
N ASP F 58 -55.48 -27.13 -19.95
CA ASP F 58 -55.39 -25.79 -19.36
C ASP F 58 -55.11 -24.68 -20.39
N GLY F 59 -55.06 -25.04 -21.67
CA GLY F 59 -54.85 -24.07 -22.76
C GLY F 59 -53.49 -23.40 -22.83
N LYS F 60 -52.50 -24.02 -22.17
CA LYS F 60 -51.16 -23.44 -22.01
C LYS F 60 -50.08 -24.24 -22.71
N TYR F 61 -49.01 -23.54 -23.04
CA TYR F 61 -47.84 -24.18 -23.66
C TYR F 61 -47.07 -24.98 -22.65
N GLY F 62 -46.62 -24.32 -21.59
CA GLY F 62 -45.98 -25.04 -20.50
C GLY F 62 -44.90 -24.27 -19.79
N ALA F 63 -45.10 -24.09 -18.49
CA ALA F 63 -44.11 -23.48 -17.62
C ALA F 63 -44.18 -24.20 -16.29
N ARG F 64 -43.08 -24.09 -15.56
CA ARG F 64 -42.94 -24.73 -14.29
C ARG F 64 -43.17 -23.71 -13.20
N ASP F 65 -44.10 -24.02 -12.30
CA ASP F 65 -44.37 -23.16 -11.15
C ASP F 65 -43.11 -23.11 -10.28
N ALA F 66 -42.64 -21.89 -9.99
CA ALA F 66 -41.37 -21.68 -9.28
C ALA F 66 -41.37 -22.27 -7.86
N ASP F 67 -42.57 -22.30 -7.25
CA ASP F 67 -42.71 -22.75 -5.87
C ASP F 67 -43.01 -24.23 -5.76
N THR F 68 -43.97 -24.72 -6.54
CA THR F 68 -44.35 -26.14 -6.48
C THR F 68 -43.47 -27.03 -7.39
N LYS F 69 -42.81 -26.41 -8.37
CA LYS F 69 -42.08 -27.10 -9.45
C LYS F 69 -42.97 -27.99 -10.35
N ILE F 70 -44.27 -27.72 -10.35
CA ILE F 70 -45.22 -28.45 -11.19
C ILE F 70 -45.30 -27.79 -12.56
N TRP F 71 -45.16 -28.60 -13.60
CA TRP F 71 -45.32 -28.16 -14.97
C TRP F 71 -46.77 -28.12 -15.39
N ASN F 72 -47.13 -27.03 -16.07
CA ASN F 72 -48.47 -26.92 -16.64
C ASN F 72 -48.42 -27.09 -18.15
N GLY F 73 -49.55 -26.88 -18.80
CA GLY F 73 -49.63 -26.86 -20.27
C GLY F 73 -49.32 -28.20 -20.90
N MET F 74 -48.97 -28.13 -22.17
CA MET F 74 -48.65 -29.34 -22.93
C MET F 74 -47.42 -30.02 -22.36
N VAL F 75 -46.46 -29.22 -21.88
CA VAL F 75 -45.28 -29.80 -21.26
C VAL F 75 -45.67 -30.64 -20.05
N GLY F 76 -46.54 -30.11 -19.19
CA GLY F 76 -47.07 -30.85 -18.05
C GLY F 76 -47.75 -32.13 -18.47
N GLU F 77 -48.55 -32.05 -19.54
CA GLU F 77 -49.23 -33.25 -20.03
C GLU F 77 -48.25 -34.36 -20.43
N LEU F 78 -47.11 -33.98 -21.01
CA LEU F 78 -46.07 -34.96 -21.31
C LEU F 78 -45.39 -35.46 -20.06
N VAL F 79 -45.03 -34.55 -19.17
CA VAL F 79 -44.26 -34.88 -17.97
C VAL F 79 -45.04 -35.85 -17.07
N TYR F 80 -46.34 -35.62 -16.94
CA TYR F 80 -47.19 -36.40 -16.02
C TYR F 80 -47.88 -37.58 -16.72
N GLY F 81 -47.54 -37.79 -18.00
CA GLY F 81 -48.02 -38.97 -18.74
C GLY F 81 -49.47 -38.92 -19.20
N LYS F 82 -50.03 -37.71 -19.31
CA LYS F 82 -51.38 -37.52 -19.81
C LYS F 82 -51.47 -37.56 -21.33
N ALA F 83 -50.34 -37.32 -21.99
CA ALA F 83 -50.23 -37.39 -23.44
C ALA F 83 -48.92 -38.02 -23.79
N ASP F 84 -48.85 -38.60 -24.98
CA ASP F 84 -47.65 -39.32 -25.44
C ASP F 84 -46.74 -38.46 -26.28
N ILE F 85 -47.29 -37.39 -26.85
CA ILE F 85 -46.55 -36.55 -27.77
C ILE F 85 -47.26 -35.21 -27.87
N ALA F 86 -46.49 -34.15 -28.06
CA ALA F 86 -47.08 -32.83 -28.30
C ALA F 86 -46.71 -32.43 -29.70
N ILE F 87 -47.73 -32.13 -30.51
CA ILE F 87 -47.52 -31.65 -31.86
C ILE F 87 -48.22 -30.30 -31.95
N ALA F 88 -47.43 -29.25 -31.78
CA ALA F 88 -47.94 -27.91 -31.55
C ALA F 88 -46.81 -26.93 -31.84
N PRO F 89 -47.11 -25.62 -31.92
CA PRO F 89 -46.04 -24.62 -31.97
C PRO F 89 -45.40 -24.44 -30.59
N LEU F 90 -44.72 -25.52 -30.15
CA LEU F 90 -44.10 -25.58 -28.84
C LEU F 90 -42.64 -25.27 -29.00
N THR F 91 -42.22 -24.18 -28.39
CA THR F 91 -40.85 -23.67 -28.57
C THR F 91 -39.85 -24.54 -27.84
N ILE F 92 -38.77 -24.88 -28.57
CA ILE F 92 -37.65 -25.59 -28.00
C ILE F 92 -36.91 -24.63 -27.06
N THR F 93 -36.84 -25.00 -25.78
CA THR F 93 -36.14 -24.19 -24.79
C THR F 93 -35.34 -25.11 -23.89
N LEU F 94 -34.32 -24.52 -23.27
CA LEU F 94 -33.48 -25.27 -22.35
C LEU F 94 -34.28 -25.89 -21.21
N VAL F 95 -35.08 -25.08 -20.51
CA VAL F 95 -35.79 -25.62 -19.34
C VAL F 95 -36.72 -26.78 -19.72
N ARG F 96 -37.31 -26.70 -20.92
CA ARG F 96 -38.15 -27.79 -21.41
C ARG F 96 -37.35 -29.00 -21.85
N GLU F 97 -36.24 -28.77 -22.56
CA GLU F 97 -35.42 -29.87 -23.05
C GLU F 97 -34.76 -30.64 -21.90
N GLU F 98 -34.70 -30.03 -20.72
CA GLU F 98 -34.24 -30.72 -19.52
C GLU F 98 -35.21 -31.78 -19.03
N VAL F 99 -36.50 -31.65 -19.36
CA VAL F 99 -37.56 -32.53 -18.83
C VAL F 99 -38.32 -33.35 -19.86
N ILE F 100 -38.31 -32.91 -21.12
CA ILE F 100 -38.92 -33.64 -22.21
C ILE F 100 -37.91 -33.65 -23.37
N ASP F 101 -38.16 -34.47 -24.37
CA ASP F 101 -37.33 -34.45 -25.57
C ASP F 101 -38.03 -33.73 -26.70
N PHE F 102 -37.27 -32.96 -27.47
CA PHE F 102 -37.76 -32.33 -28.68
C PHE F 102 -37.15 -32.95 -29.92
N SER F 103 -37.97 -33.10 -30.95
CA SER F 103 -37.46 -33.41 -32.28
C SER F 103 -36.62 -32.22 -32.77
N LYS F 104 -35.90 -32.41 -33.87
CA LYS F 104 -35.38 -31.27 -34.60
C LYS F 104 -36.54 -30.30 -34.91
N PRO F 105 -36.24 -29.02 -35.06
CA PRO F 105 -37.31 -28.05 -35.28
C PRO F 105 -38.02 -28.28 -36.61
N PHE F 106 -39.35 -28.17 -36.58
CA PHE F 106 -40.12 -28.24 -37.82
C PHE F 106 -40.40 -26.86 -38.42
N MET F 107 -40.19 -25.81 -37.63
CA MET F 107 -40.43 -24.45 -38.08
C MET F 107 -39.57 -23.54 -37.25
N SER F 108 -39.01 -22.54 -37.90
CA SER F 108 -38.20 -21.54 -37.22
C SER F 108 -39.05 -20.35 -36.85
N LEU F 109 -38.66 -19.69 -35.76
CA LEU F 109 -39.29 -18.44 -35.36
C LEU F 109 -38.34 -17.64 -34.49
N GLY F 110 -38.73 -16.38 -34.28
CA GLY F 110 -38.11 -15.55 -33.26
C GLY F 110 -39.16 -14.69 -32.61
N ILE F 111 -38.88 -14.19 -31.41
CA ILE F 111 -39.77 -13.24 -30.77
C ILE F 111 -39.79 -11.96 -31.61
N SER F 112 -40.98 -11.39 -31.74
CA SER F 112 -41.21 -10.22 -32.58
C SER F 112 -42.22 -9.29 -31.95
N ILE F 113 -42.37 -8.12 -32.54
CA ILE F 113 -43.30 -7.13 -32.06
C ILE F 113 -44.45 -6.95 -33.02
N MET F 114 -45.67 -7.04 -32.48
CA MET F 114 -46.87 -6.71 -33.21
C MET F 114 -47.40 -5.36 -32.75
N ILE F 115 -47.63 -4.47 -33.71
CA ILE F 115 -48.29 -3.20 -33.46
C ILE F 115 -49.59 -3.07 -34.25
N LYS F 116 -50.50 -2.22 -33.77
CA LYS F 116 -51.57 -1.75 -34.60
C LYS F 116 -50.92 -0.81 -35.63
N LYS F 117 -51.37 -0.90 -36.88
CA LYS F 117 -50.83 -0.05 -37.95
C LYS F 117 -50.78 1.41 -37.56
N GLY F 118 -49.61 2.01 -37.75
CA GLY F 118 -49.41 3.43 -37.47
C GLY F 118 -48.80 3.75 -36.12
N THR F 119 -48.68 2.73 -35.26
CA THR F 119 -48.05 2.89 -33.95
C THR F 119 -46.59 3.32 -34.15
N PRO F 120 -46.17 4.40 -33.50
CA PRO F 120 -44.81 4.93 -33.71
C PRO F 120 -43.76 4.16 -32.91
N ILE F 121 -43.61 2.88 -33.26
CA ILE F 121 -42.67 1.93 -32.66
C ILE F 121 -42.06 1.14 -33.80
N GLU F 122 -40.74 1.05 -33.81
CA GLU F 122 -40.04 0.31 -34.86
C GLU F 122 -39.18 -0.82 -34.28
N SER F 123 -39.03 -0.84 -32.96
CA SER F 123 -38.11 -1.78 -32.31
C SER F 123 -38.44 -2.00 -30.84
N ALA F 124 -37.80 -3.03 -30.27
CA ALA F 124 -37.87 -3.27 -28.83
C ALA F 124 -37.31 -2.09 -28.04
N GLU F 125 -36.18 -1.53 -28.51
CA GLU F 125 -35.61 -0.31 -27.92
C GLU F 125 -36.61 0.84 -27.87
N ASP F 126 -37.33 1.07 -28.98
CA ASP F 126 -38.41 2.07 -29.02
C ASP F 126 -39.45 1.85 -27.94
N LEU F 127 -39.89 0.60 -27.74
CA LEU F 127 -40.86 0.26 -26.70
C LEU F 127 -40.33 0.58 -25.30
N SER F 128 -39.06 0.22 -25.07
CA SER F 128 -38.42 0.33 -23.77
C SER F 128 -38.16 1.78 -23.36
N LYS F 129 -37.94 2.64 -24.37
CA LYS F 129 -37.67 4.08 -24.16
C LYS F 129 -38.89 4.91 -23.76
N GLN F 130 -40.10 4.36 -23.95
CA GLN F 130 -41.33 5.13 -23.74
C GLN F 130 -42.30 4.43 -22.79
N THR F 131 -43.41 5.11 -22.48
CA THR F 131 -44.39 4.65 -21.51
C THR F 131 -45.86 4.73 -21.97
N GLU F 132 -46.12 5.55 -22.98
CA GLU F 132 -47.48 5.78 -23.53
C GLU F 132 -48.09 4.51 -24.12
N ILE F 133 -47.26 3.74 -24.83
CA ILE F 133 -47.70 2.48 -25.43
C ILE F 133 -47.32 1.32 -24.50
N ALA F 134 -48.35 0.66 -23.97
CA ALA F 134 -48.20 -0.56 -23.15
C ALA F 134 -47.78 -1.72 -24.03
N TYR F 135 -47.11 -2.72 -23.45
CA TYR F 135 -46.73 -3.92 -24.18
C TYR F 135 -46.57 -5.10 -23.24
N GLY F 136 -46.85 -6.29 -23.74
CA GLY F 136 -46.80 -7.51 -22.95
C GLY F 136 -46.63 -8.75 -23.78
N THR F 137 -46.73 -9.90 -23.12
CA THR F 137 -46.51 -11.20 -23.72
C THR F 137 -47.60 -12.19 -23.26
N LEU F 138 -47.57 -13.36 -23.86
CA LEU F 138 -48.35 -14.51 -23.39
C LEU F 138 -47.86 -15.05 -22.02
N ASP F 139 -48.79 -15.38 -21.15
CA ASP F 139 -48.48 -16.17 -19.93
C ASP F 139 -48.12 -17.63 -20.22
N SER F 140 -47.25 -18.18 -19.37
CA SER F 140 -46.88 -19.62 -19.37
C SER F 140 -46.24 -20.10 -20.67
N GLY F 141 -45.57 -19.17 -21.35
CA GLY F 141 -44.89 -19.48 -22.58
C GLY F 141 -43.44 -19.06 -22.59
N SER F 142 -42.80 -19.36 -23.69
CA SER F 142 -41.37 -19.12 -23.85
C SER F 142 -41.02 -17.65 -24.03
N THR F 143 -41.94 -16.85 -24.57
CA THR F 143 -41.66 -15.42 -24.74
C THR F 143 -41.57 -14.73 -23.39
N LYS F 144 -42.50 -15.03 -22.49
CA LYS F 144 -42.46 -14.46 -21.14
C LYS F 144 -41.16 -14.82 -20.44
N GLU F 145 -40.76 -16.09 -20.57
CA GLU F 145 -39.52 -16.56 -19.94
C GLU F 145 -38.30 -15.84 -20.51
N PHE F 146 -38.34 -15.53 -21.81
CA PHE F 146 -37.28 -14.77 -22.46
C PHE F 146 -37.05 -13.44 -21.75
N PHE F 147 -38.12 -12.70 -21.51
CA PHE F 147 -38.01 -11.40 -20.89
C PHE F 147 -37.62 -11.51 -19.42
N ARG F 148 -38.28 -12.43 -18.71
CA ARG F 148 -37.95 -12.71 -17.29
C ARG F 148 -36.44 -12.98 -17.06
N ARG F 149 -35.84 -13.76 -17.96
CA ARG F 149 -34.44 -14.17 -17.85
C ARG F 149 -33.40 -13.23 -18.48
N SER F 150 -33.84 -12.29 -19.32
CA SER F 150 -32.91 -11.53 -20.14
C SER F 150 -32.01 -10.60 -19.34
N LYS F 151 -30.74 -10.61 -19.70
CA LYS F 151 -29.73 -9.71 -19.12
C LYS F 151 -29.47 -8.51 -20.03
N ILE F 152 -29.97 -8.59 -21.27
CA ILE F 152 -29.80 -7.51 -22.26
C ILE F 152 -30.58 -6.30 -21.76
N ALA F 153 -29.90 -5.15 -21.69
CA ALA F 153 -30.44 -3.95 -21.04
C ALA F 153 -31.85 -3.59 -21.52
N VAL F 154 -32.04 -3.54 -22.84
CA VAL F 154 -33.33 -3.22 -23.46
C VAL F 154 -34.40 -4.19 -22.94
N PHE F 155 -34.10 -5.49 -22.98
CA PHE F 155 -35.10 -6.50 -22.63
C PHE F 155 -35.30 -6.58 -21.13
N ASP F 156 -34.24 -6.35 -20.36
CA ASP F 156 -34.32 -6.23 -18.90
C ASP F 156 -35.23 -5.05 -18.49
N LYS F 157 -35.05 -3.90 -19.14
CA LYS F 157 -35.89 -2.72 -18.92
C LYS F 157 -37.36 -3.03 -19.24
N MET F 158 -37.58 -3.75 -20.35
CA MET F 158 -38.92 -4.15 -20.78
C MET F 158 -39.59 -5.05 -19.77
N TRP F 159 -38.84 -6.03 -19.29
CA TRP F 159 -39.34 -6.95 -18.27
C TRP F 159 -39.65 -6.24 -16.95
N THR F 160 -38.74 -5.38 -16.50
CA THR F 160 -38.96 -4.56 -15.30
C THR F 160 -40.30 -3.83 -15.41
N TYR F 161 -40.58 -3.27 -16.60
CA TYR F 161 -41.85 -2.61 -16.84
C TYR F 161 -43.02 -3.61 -16.83
N MET F 162 -42.91 -4.68 -17.62
CA MET F 162 -44.04 -5.61 -17.83
C MET F 162 -44.49 -6.31 -16.57
N ARG F 163 -43.52 -6.81 -15.78
CA ARG F 163 -43.80 -7.56 -14.56
C ARG F 163 -44.63 -6.77 -13.52
N SER F 164 -44.56 -5.44 -13.58
CA SER F 164 -45.20 -4.55 -12.60
C SER F 164 -46.38 -3.75 -13.19
N ALA F 165 -46.48 -3.73 -14.52
CA ALA F 165 -47.47 -2.89 -15.22
C ALA F 165 -48.91 -3.16 -14.80
N GLU F 166 -49.64 -2.08 -14.52
CA GLU F 166 -51.05 -2.14 -14.15
C GLU F 166 -51.89 -1.20 -15.05
N PRO F 167 -52.95 -1.70 -15.70
CA PRO F 167 -53.39 -3.11 -15.59
C PRO F 167 -52.44 -4.08 -16.26
N SER F 168 -52.52 -5.35 -15.85
CA SER F 168 -51.66 -6.40 -16.37
C SER F 168 -51.55 -6.36 -17.89
N VAL F 169 -50.31 -6.45 -18.37
CA VAL F 169 -50.01 -6.46 -19.80
C VAL F 169 -49.94 -7.87 -20.37
N PHE F 170 -49.97 -8.88 -19.49
CA PHE F 170 -49.92 -10.26 -19.92
C PHE F 170 -51.30 -10.77 -20.30
N VAL F 171 -51.30 -11.74 -21.20
CA VAL F 171 -52.54 -12.30 -21.75
C VAL F 171 -52.51 -13.83 -21.62
N ARG F 172 -53.70 -14.42 -21.60
CA ARG F 172 -53.84 -15.87 -21.41
C ARG F 172 -53.68 -16.66 -22.71
N THR F 173 -54.03 -16.03 -23.83
CA THR F 173 -53.93 -16.64 -25.16
C THR F 173 -53.38 -15.61 -26.14
N THR F 174 -52.78 -16.12 -27.22
CA THR F 174 -52.35 -15.28 -28.33
C THR F 174 -53.51 -14.47 -28.88
N ALA F 175 -54.67 -15.11 -29.06
CA ALA F 175 -55.87 -14.44 -29.56
C ALA F 175 -56.21 -13.20 -28.71
N GLU F 176 -56.08 -13.35 -27.38
CA GLU F 176 -56.31 -12.23 -26.45
C GLU F 176 -55.32 -11.08 -26.66
N GLY F 177 -54.04 -11.42 -26.88
CA GLY F 177 -53.01 -10.42 -27.19
C GLY F 177 -53.33 -9.66 -28.46
N VAL F 178 -53.73 -10.39 -29.49
CA VAL F 178 -54.03 -9.82 -30.82
C VAL F 178 -55.24 -8.90 -30.73
N ALA F 179 -56.31 -9.39 -30.10
CA ALA F 179 -57.52 -8.59 -29.90
C ALA F 179 -57.18 -7.29 -29.15
N ARG F 180 -56.27 -7.39 -28.19
CA ARG F 180 -55.86 -6.24 -27.37
C ARG F 180 -55.13 -5.19 -28.20
N VAL F 181 -54.21 -5.64 -29.06
CA VAL F 181 -53.55 -4.75 -30.00
C VAL F 181 -54.62 -4.04 -30.85
N ARG F 182 -55.54 -4.82 -31.40
CA ARG F 182 -56.54 -4.30 -32.33
C ARG F 182 -57.52 -3.32 -31.70
N LYS F 183 -57.86 -3.55 -30.43
CA LYS F 183 -58.79 -2.70 -29.67
C LYS F 183 -58.19 -1.43 -29.08
N SER F 184 -56.86 -1.40 -28.90
CA SER F 184 -56.25 -0.38 -28.02
C SER F 184 -55.78 0.91 -28.69
N LYS F 185 -56.22 1.15 -29.93
CA LYS F 185 -55.98 2.40 -30.68
C LYS F 185 -54.49 2.79 -30.79
N GLY F 186 -53.62 1.79 -30.85
CA GLY F 186 -52.18 2.01 -30.90
C GLY F 186 -51.48 2.06 -29.56
N LYS F 187 -52.22 1.89 -28.46
CA LYS F 187 -51.67 2.01 -27.10
C LYS F 187 -51.19 0.69 -26.48
N TYR F 188 -51.28 -0.38 -27.25
CA TYR F 188 -50.77 -1.68 -26.82
C TYR F 188 -50.00 -2.35 -27.95
N ALA F 189 -48.78 -2.76 -27.65
CA ALA F 189 -48.00 -3.61 -28.55
C ALA F 189 -47.86 -4.99 -27.94
N TYR F 190 -47.75 -5.99 -28.79
CA TYR F 190 -47.74 -7.37 -28.30
C TYR F 190 -46.47 -8.08 -28.72
N LEU F 191 -45.80 -8.73 -27.76
CA LEU F 191 -44.61 -9.47 -28.04
C LEU F 191 -44.98 -10.92 -28.25
N LEU F 192 -44.72 -11.43 -29.46
CA LEU F 192 -45.14 -12.78 -29.80
C LEU F 192 -44.24 -13.32 -30.88
N GLU F 193 -44.36 -14.62 -31.13
CA GLU F 193 -43.49 -15.27 -32.08
C GLU F 193 -43.81 -14.83 -33.51
N SER F 194 -42.74 -14.72 -34.29
CA SER F 194 -42.79 -14.17 -35.64
C SER F 194 -43.78 -14.92 -36.54
N THR F 195 -43.85 -16.23 -36.37
CA THR F 195 -44.79 -17.09 -37.08
C THR F 195 -46.23 -16.65 -36.88
N MET F 196 -46.58 -16.41 -35.62
CA MET F 196 -47.94 -16.00 -35.28
C MET F 196 -48.19 -14.57 -35.74
N ASN F 197 -47.18 -13.72 -35.57
CA ASN F 197 -47.26 -12.33 -35.99
C ASN F 197 -47.51 -12.24 -37.49
N GLU F 198 -46.74 -13.00 -38.27
CA GLU F 198 -46.81 -12.96 -39.75
C GLU F 198 -48.14 -13.51 -40.25
N TYR F 199 -48.68 -14.50 -39.54
CA TYR F 199 -49.99 -15.05 -39.85
C TYR F 199 -51.06 -13.99 -39.72
N ILE F 200 -51.06 -13.30 -38.57
CA ILE F 200 -52.09 -12.34 -38.21
C ILE F 200 -52.02 -11.14 -39.15
N GLU F 201 -50.79 -10.78 -39.54
CA GLU F 201 -50.58 -9.68 -40.48
C GLU F 201 -51.31 -9.93 -41.82
N GLN F 202 -51.47 -11.20 -42.18
CA GLN F 202 -52.17 -11.58 -43.42
C GLN F 202 -53.66 -11.93 -43.24
N ARG F 203 -54.22 -11.59 -42.09
CA ARG F 203 -55.65 -11.80 -41.84
C ARG F 203 -56.40 -10.51 -41.68
N LYS F 204 -57.65 -10.49 -42.19
CA LYS F 204 -58.57 -9.39 -41.97
C LYS F 204 -58.77 -9.18 -40.44
N PRO F 205 -58.83 -7.92 -39.98
CA PRO F 205 -58.97 -6.73 -40.81
C PRO F 205 -57.69 -6.05 -41.33
N CYS F 206 -56.56 -6.76 -41.27
CA CYS F 206 -55.29 -6.29 -41.84
C CYS F 206 -54.84 -4.98 -41.19
N ASP F 207 -54.96 -4.92 -39.87
CA ASP F 207 -54.73 -3.69 -39.12
C ASP F 207 -53.52 -3.82 -38.19
N THR F 208 -52.84 -4.95 -38.29
CA THR F 208 -51.64 -5.17 -37.48
C THR F 208 -50.45 -5.35 -38.39
N MET F 209 -49.27 -5.14 -37.83
CA MET F 209 -48.05 -5.50 -38.54
C MET F 209 -46.91 -5.81 -37.61
N LYS F 210 -45.99 -6.60 -38.14
CA LYS F 210 -44.74 -6.94 -37.48
C LYS F 210 -43.77 -5.79 -37.72
N VAL F 211 -43.14 -5.34 -36.65
CA VAL F 211 -42.10 -4.31 -36.76
C VAL F 211 -40.78 -4.78 -36.16
N GLY F 212 -39.70 -4.33 -36.78
CA GLY F 212 -38.35 -4.63 -36.31
C GLY F 212 -37.94 -6.05 -36.65
N GLY F 213 -36.70 -6.35 -36.30
CA GLY F 213 -36.15 -7.68 -36.48
C GLY F 213 -36.65 -8.58 -35.36
N ASN F 214 -36.41 -9.87 -35.53
CA ASN F 214 -36.69 -10.81 -34.43
C ASN F 214 -35.68 -10.63 -33.32
N LEU F 215 -36.13 -10.88 -32.10
CA LEU F 215 -35.28 -10.70 -30.90
C LEU F 215 -34.40 -11.92 -30.63
N ASP F 216 -34.78 -13.06 -31.18
CA ASP F 216 -34.01 -14.28 -31.03
C ASP F 216 -34.27 -15.19 -32.23
N SER F 217 -33.65 -16.36 -32.22
CA SER F 217 -33.76 -17.30 -33.31
C SER F 217 -33.87 -18.67 -32.68
N LYS F 218 -35.01 -19.32 -32.92
CA LYS F 218 -35.24 -20.64 -32.36
C LYS F 218 -36.23 -21.38 -33.24
N GLY F 219 -36.92 -22.36 -32.68
CA GLY F 219 -37.76 -23.22 -33.49
C GLY F 219 -38.76 -23.93 -32.62
N TYR F 220 -39.79 -24.45 -33.27
CA TYR F 220 -40.72 -25.35 -32.62
C TYR F 220 -40.30 -26.77 -32.87
N GLY F 221 -40.50 -27.63 -31.89
CA GLY F 221 -40.20 -29.05 -32.06
C GLY F 221 -41.34 -29.89 -31.56
N ILE F 222 -41.42 -31.12 -32.05
CA ILE F 222 -42.39 -32.10 -31.56
C ILE F 222 -41.78 -32.68 -30.29
N ALA F 223 -42.56 -32.71 -29.22
CA ALA F 223 -42.03 -33.10 -27.93
C ALA F 223 -42.60 -34.44 -27.48
N THR F 224 -41.74 -35.21 -26.84
CA THR F 224 -42.11 -36.51 -26.27
C THR F 224 -41.56 -36.60 -24.86
N PRO F 225 -42.25 -37.36 -23.98
CA PRO F 225 -41.71 -37.56 -22.64
C PRO F 225 -40.40 -38.33 -22.73
N LYS F 226 -39.50 -38.11 -21.78
CA LYS F 226 -38.27 -38.89 -21.76
C LYS F 226 -38.59 -40.37 -21.69
N GLY F 227 -37.83 -41.15 -22.43
CA GLY F 227 -38.01 -42.59 -22.48
C GLY F 227 -39.00 -43.07 -23.54
N SER F 228 -39.66 -42.12 -24.23
CA SER F 228 -40.64 -42.47 -25.27
C SER F 228 -40.03 -43.33 -26.38
N SER F 229 -40.75 -44.40 -26.72
CA SER F 229 -40.37 -45.26 -27.84
C SER F 229 -40.50 -44.53 -29.19
N LEU F 230 -41.15 -43.37 -29.19
CA LEU F 230 -41.39 -42.59 -30.41
C LEU F 230 -40.28 -41.61 -30.76
N ARG F 231 -39.38 -41.35 -29.82
CA ARG F 231 -38.43 -40.23 -29.96
C ARG F 231 -37.65 -40.23 -31.29
N ASN F 232 -36.97 -41.34 -31.59
CA ASN F 232 -36.13 -41.41 -32.78
C ASN F 232 -36.93 -41.29 -34.07
N ALA F 233 -38.02 -42.04 -34.14
CA ALA F 233 -38.81 -42.09 -35.36
C ALA F 233 -39.40 -40.72 -35.65
N VAL F 234 -39.85 -40.04 -34.60
CA VAL F 234 -40.45 -38.72 -34.76
C VAL F 234 -39.39 -37.74 -35.22
N ASN F 235 -38.20 -37.80 -34.61
CA ASN F 235 -37.10 -36.93 -35.00
C ASN F 235 -36.76 -37.10 -36.48
N LEU F 236 -36.59 -38.34 -36.91
CA LEU F 236 -36.23 -38.62 -38.31
C LEU F 236 -37.36 -38.23 -39.26
N ALA F 237 -38.60 -38.44 -38.83
CA ALA F 237 -39.76 -38.04 -39.64
C ALA F 237 -39.80 -36.53 -39.88
N VAL F 238 -39.47 -35.72 -38.86
CA VAL F 238 -39.39 -34.28 -39.06
C VAL F 238 -38.37 -33.95 -40.15
N LEU F 239 -37.20 -34.55 -40.07
CA LEU F 239 -36.15 -34.29 -41.06
C LEU F 239 -36.57 -34.75 -42.46
N LYS F 240 -37.24 -35.90 -42.55
CA LYS F 240 -37.76 -36.39 -43.83
C LYS F 240 -38.74 -35.38 -44.44
N LEU F 241 -39.69 -34.92 -43.64
CA LEU F 241 -40.67 -33.96 -44.10
C LEU F 241 -40.06 -32.64 -44.50
N ASN F 242 -39.01 -32.22 -43.79
CA ASN F 242 -38.33 -31.01 -44.17
C ASN F 242 -37.69 -31.19 -45.54
N GLU F 243 -36.98 -32.31 -45.70
CA GLU F 243 -36.18 -32.53 -46.88
C GLU F 243 -37.03 -32.77 -48.12
N GLN F 244 -38.27 -33.25 -47.92
CA GLN F 244 -39.24 -33.39 -49.01
C GLN F 244 -39.87 -32.07 -49.44
N GLY F 245 -39.67 -31.03 -48.64
CA GLY F 245 -40.27 -29.73 -48.85
C GLY F 245 -41.69 -29.66 -48.34
N LEU F 246 -42.11 -30.69 -47.60
CA LEU F 246 -43.49 -30.77 -47.10
C LEU F 246 -43.77 -29.70 -46.04
N LEU F 247 -42.79 -29.43 -45.19
CA LEU F 247 -43.00 -28.43 -44.15
C LEU F 247 -43.17 -27.04 -44.74
N ASP F 248 -42.41 -26.74 -45.79
CA ASP F 248 -42.52 -25.48 -46.52
C ASP F 248 -43.86 -25.34 -47.23
N LYS F 249 -44.28 -26.42 -47.87
CA LYS F 249 -45.59 -26.54 -48.48
C LYS F 249 -46.69 -26.25 -47.46
N LEU F 250 -46.59 -26.87 -46.28
CA LEU F 250 -47.57 -26.65 -45.23
C LEU F 250 -47.59 -25.22 -44.70
N LYS F 251 -46.41 -24.62 -44.57
CA LYS F 251 -46.33 -23.22 -44.15
C LYS F 251 -47.00 -22.32 -45.20
N ASN F 252 -46.72 -22.56 -46.47
CA ASN F 252 -47.37 -21.79 -47.54
C ASN F 252 -48.88 -21.96 -47.54
N LYS F 253 -49.34 -23.20 -47.37
CA LYS F 253 -50.77 -23.55 -47.32
C LYS F 253 -51.52 -22.77 -46.23
N TRP F 254 -50.92 -22.71 -45.05
CA TRP F 254 -51.60 -22.16 -43.87
C TRP F 254 -51.36 -20.68 -43.61
N TRP F 255 -50.26 -20.13 -44.14
CA TRP F 255 -49.95 -18.72 -43.95
C TRP F 255 -50.36 -17.81 -45.10
N TYR F 256 -49.94 -18.18 -46.30
CA TYR F 256 -49.92 -17.25 -47.42
C TYR F 256 -50.92 -17.56 -48.53
N ASP F 257 -51.15 -18.85 -48.79
CA ASP F 257 -52.28 -19.26 -49.64
C ASP F 257 -53.55 -19.01 -48.85
N LYS F 258 -54.49 -18.32 -49.48
CA LYS F 258 -55.75 -17.84 -48.84
C LYS F 258 -55.54 -16.79 -47.72
N GLY F 259 -54.36 -16.16 -47.70
CA GLY F 259 -54.13 -14.91 -46.94
C GLY F 259 -55.10 -13.84 -47.41
N GLU F 260 -55.55 -12.99 -46.48
CA GLU F 260 -56.72 -12.12 -46.72
C GLU F 260 -56.40 -10.63 -46.98
N CYS F 261 -55.11 -10.28 -46.98
CA CYS F 261 -54.70 -8.89 -47.08
C CYS F 261 -53.97 -8.57 -48.40
N GLY F 262 -54.20 -9.40 -49.42
CA GLY F 262 -53.65 -9.18 -50.77
C GLY F 262 -52.37 -9.94 -51.03
N GLU G . 22.15 31.22 42.45
CA GLU G . 22.13 31.76 43.83
C GLU G . 22.45 30.68 44.85
O GLU G . 22.47 30.94 46.05
CB GLU G . 20.80 32.41 44.18
CG GLU G . 20.60 33.80 43.54
CD GLU G . 21.45 34.88 44.17
OE1 GLU G . 21.60 35.95 43.55
OE2 GLU G . 21.96 34.71 45.31
OXT GLU G . 22.70 29.54 44.43
C4 8SR H . 33.17 24.67 31.77
C4 8SR H . 33.34 28.73 38.44
C5 8SR H . 33.31 28.80 38.03
C5 8SR H . 33.13 25.24 31.91
C6 8SR H . 34.29 30.22 36.62
C6 8SR H . 31.65 26.82 31.48
C7 8SR H . 32.38 26.86 32.53
C7 8SR H . 33.68 29.28 36.06
C8 8SR H . 30.19 26.86 31.44
C8 8SR H . 35.68 30.65 36.31
C10 8SR H . 31.19 24.01 30.46
C10 8SR H . 35.28 29.98 39.35
C13 8SR H . 33.30 22.76 30.32
C13 8SR H . 33.54 29.05 40.83
C15 8SR H . 32.70 29.79 34.74
C15 8SR H . 33.02 28.65 32.51
C1 8SR H . 34.39 29.72 37.89
C1 8SR H . 31.85 25.47 31.34
C2 8SR H . 31.45 26.24 31.74
C2 8SR H . 34.64 29.84 36.88
C3 8SR H . 31.91 24.96 31.30
C3 8SR H . 34.44 29.53 38.24
C9 8SR H . 33.22 28.68 33.87
C9 8SR H . 32.62 28.79 33.94
C11 8SR H . 33.92 23.44 31.50
C11 8SR H . 32.86 28.24 39.75
C12 8SR H . 31.81 22.64 30.55
C12 8SR H . 35.04 29.12 40.57
C14 8SR H . 35.10 31.21 35.88
C14 8SR H . 30.53 27.70 31.10
C16 8SR H . 32.96 28.00 39.21
C16 8SR H . 33.85 23.96 32.03
N17 8SR H . 32.59 28.73 36.90
N17 8SR H . 33.69 26.36 32.39
N18 8SR H . 33.20 29.59 36.08
N18 8SR H . 32.77 27.28 32.11
N19 8SR H . 29.68 26.47 30.24
N19 8SR H . 36.24 31.51 37.21
N20 8SR H . 32.24 28.11 33.12
N20 8SR H . 33.61 29.39 34.69
O21 8SR H . 29.67 27.68 32.17
O21 8SR H . 36.00 30.53 35.14
O22 8SR H . 34.40 28.39 33.85
O22 8SR H . 31.53 28.40 34.31
F23 8SR H . 33.77 28.24 40.26
F23 8SR H . 33.17 22.95 31.45
F24 8SR H . 31.68 28.22 39.63
F24 8SR H . 35.07 24.03 31.44
F25 8SR H . 33.06 26.67 39.00
F25 8SR H . 34.06 23.60 33.31
S26 8SR H . 33.82 25.92 32.75
S26 8SR H . 32.54 28.36 36.97
ZN ZN I . 21.07 14.36 24.88
N GLU J . 43.92 25.13 26.24
CA GLU J . 43.97 24.17 25.08
C GLU J . 44.06 22.74 25.60
O GLU J . 44.19 21.83 24.79
CB GLU J . 45.16 24.47 24.17
CG GLU J . 44.92 25.67 23.24
CD GLU J . 43.93 25.41 22.13
OE1 GLU J . 43.45 26.41 21.53
OE2 GLU J . 43.63 24.23 21.80
OXT GLU J . 43.96 22.54 26.80
ZN ZN K . 49.65 7.72 15.85
ZN ZN L . 45.93 32.91 49.13
N GLU M . 4.32 0.34 15.41
CA GLU M . 5.66 0.61 16.02
C GLU M . 6.17 -0.61 16.77
O GLU M . 7.28 -0.52 17.31
CB GLU M . 5.61 1.81 16.94
CG GLU M . 5.61 3.15 16.19
CD GLU M . 6.94 3.48 15.52
OE1 GLU M . 6.90 4.36 14.63
OE2 GLU M . 8.00 2.91 15.85
OXT GLU M . 5.47 -1.65 16.75
ZN ZN N . -19.51 4.32 27.53
ZN ZN O . -16.54 -10.98 12.17
C ACT P . 13.09 20.41 17.92
O ACT P . 11.93 20.32 18.40
OXT ACT P . 14.06 19.69 18.31
CH3 ACT P . 13.37 21.42 16.85
C4 8SR Q . 4.92 -7.26 6.17
C4 8SR Q . -2.33 -9.67 3.94
C5 8SR Q . -2.01 -9.23 3.96
C5 8SR Q . 4.51 -7.14 5.83
C6 8SR Q . -2.24 -7.06 4.26
C6 8SR Q . 4.30 -6.35 3.77
C7 8SR Q . 3.32 -6.74 4.39
C7 8SR Q . -1.12 -7.55 4.16
C8 8SR Q . 4.89 -6.63 2.53
C8 8SR Q . -2.89 -6.23 5.17
C10 8SR Q . 6.98 -7.30 4.77
C10 8SR Q . -4.49 -8.94 4.92
C13 8SR Q . 7.11 -7.36 7.21
C13 8SR Q . -4.29 -11.14 3.86
C15 8SR Q . -0.12 -6.45 3.10
C15 8SR Q . 1.96 -5.55 4.07
C1 8SR Q . -2.85 -8.25 4.54
C1 8SR Q . 5.19 -6.99 4.60
C2 8SR Q . 4.60 -6.84 3.92
C2 8SR Q . -2.40 -7.47 4.63
C3 8SR Q . 5.53 -7.13 4.94
C3 8SR Q . -3.10 -8.68 4.51
C9 8SR Q . 0.95 -6.38 4.15
C9 8SR Q . 1.06 -6.64 3.62
C11 8SR Q . 5.63 -7.53 7.44
C11 8SR Q . -2.79 -11.06 3.66
C12 8SR Q . 7.52 -8.08 5.94
C12 8SR Q . -4.69 -10.42 5.12
C14 8SR Q . -2.60 -5.67 4.58
C14 8SR Q . 4.39 -5.90 2.37
C16 8SR Q . -2.21 -10.69 3.98
C16 8SR Q . 5.03 -7.76 7.05
N17 8SR Q . -0.93 -8.71 3.37
N17 8SR Q . 3.28 -6.63 5.79
N18 8SR Q . -1.11 -7.39 3.57
N18 8SR Q . 3.19 -6.15 4.54
N19 8SR Q . 6.16 -6.21 2.31
N19 8SR Q . -4.25 -6.13 5.05
N20 8SR Q . 2.19 -6.47 3.62
N20 8SR Q . -0.19 -6.52 4.14
O21 8SR Q . 4.03 -6.74 1.67
O21 8SR Q . -2.15 -5.36 5.59
O22 8SR Q . 0.71 -6.20 5.33
O22 8SR Q . 1.42 -7.51 2.85
F23 8SR Q . -3.47 -11.02 4.33
F23 8SR Q . 6.37 -7.91 7.02
F24 8SR Q . -1.99 -11.25 2.77
F24 8SR Q . 4.75 -7.01 8.15
F25 8SR Q . -1.39 -11.29 4.84
F25 8SR Q . 4.47 -8.95 7.30
S26 8SR Q . 3.23 -7.00 6.09
S26 8SR Q . -0.75 -9.11 3.55
N GLU R . -2.20 -14.15 -7.17
CA GLU R . -3.46 -14.85 -7.51
C GLU R . -3.59 -16.16 -6.74
O GLU R . -4.60 -16.84 -6.94
CB GLU R . -3.57 -15.10 -9.00
CG GLU R . -3.97 -13.85 -9.80
CD GLU R . -5.40 -13.40 -9.58
OE1 GLU R . -5.66 -12.22 -9.91
OE2 GLU R . -6.26 -14.17 -9.08
OXT GLU R . -2.69 -16.46 -5.93
ZN ZN S . 21.55 -17.55 -19.57
ZN ZN T . 20.04 -11.82 1.49
C ACT U . -14.87 -9.28 -24.57
O ACT U . -13.65 -9.46 -24.87
OXT ACT U . -15.59 -10.16 -24.06
CH3 ACT U . -15.48 -7.94 -24.84
ZN ZN V . -20.23 -19.73 -21.63
N GLU W . -22.66 -27.55 -44.62
CA GLU W . -22.61 -28.53 -45.76
C GLU W . -22.55 -29.96 -45.26
O GLU W . -22.46 -30.88 -46.06
CB GLU W . -21.43 -28.24 -46.69
CG GLU W . -21.62 -27.02 -47.60
CD GLU W . -22.60 -27.27 -48.72
OE1 GLU W . -23.05 -26.27 -49.33
OE2 GLU W . -22.91 -28.45 -49.04
OXT GLU W . -22.61 -30.17 -44.04
C4 8SR X . -33.33 -23.73 -32.32
C4 8SR X . -33.45 -27.70 -39.04
C5 8SR X . -33.57 -27.34 -38.94
C5 8SR X . -33.39 -23.58 -32.89
C6 8SR X . -35.00 -25.67 -39.34
C6 8SR X . -32.37 -22.18 -34.27
C7 8SR X . -32.94 -23.22 -34.69
C7 8SR X . -34.25 -25.48 -38.30
C8 8SR X . -30.98 -21.77 -34.45
C8 8SR X . -36.44 -25.54 -39.37
C10 8SR X . -31.49 -22.45 -31.36
C10 8SR X . -35.43 -28.37 -40.31
C13 8SR X . -33.26 -23.33 -29.95
C13 8SR X . -33.35 -29.68 -40.44
C15 8SR X . -33.58 -23.92 -38.27
C15 8SR X . -34.02 -22.51 -36.13
C1 8SR X . -34.84 -27.03 -39.52
C1 8SR X . -32.27 -22.71 -33.01
C2 8SR X . -32.02 -22.61 -33.88
C2 8SR X . -35.17 -26.14 -39.07
C3 8SR X . -32.25 -22.91 -32.51
C3 8SR X . -34.71 -27.41 -39.49
C9 8SR X . -33.96 -23.75 -36.82
C9 8SR X . -33.46 -23.61 -36.97
C11 8SR X . -33.82 -24.22 -31.03
C11 8SR X . -32.68 -28.93 -39.30
C12 8SR X . -31.77 -23.26 -30.12
C12 8SR X . -34.85 -29.75 -40.20
C14 8SR X . -36.10 -24.77 -39.72
C14 8SR X . -31.54 -21.22 -35.03
C16 8SR X . -32.90 -28.64 -38.86
C16 8SR X . -33.80 -24.41 -31.75
N17 8SR X . -33.00 -26.24 -38.44
N17 8SR X . -34.14 -23.59 -34.00
N18 8SR X . -33.88 -25.26 -38.69
N18 8SR X . -33.50 -22.73 -34.81
N19 8SR X . -30.59 -20.76 -33.62
N19 8SR X . -37.02 -26.04 -40.49
N20 8SR X . -32.99 -23.14 -36.08
N20 8SR X . -34.42 -24.23 -37.74
O21 8SR X . -30.54 -21.94 -35.58
O21 8SR X . -36.91 -24.67 -38.65
O22 8SR X . -35.04 -24.12 -36.40
O22 8SR X . -32.27 -23.86 -36.96
F23 8SR X . -33.58 -29.62 -39.48
F23 8SR X . -33.02 -24.19 -30.67
F24 8SR X . -31.66 -28.61 -39.43
F24 8SR X . -35.08 -24.21 -31.39
F25 8SR X . -32.73 -29.08 -37.60
F25 8SR X . -33.69 -25.74 -31.99
S26 8SR X . -34.08 -24.15 -33.79
S26 8SR X . -32.82 -26.41 -38.10
N GLU Y . -44.52 -21.08 -28.64
CA GLU Y . -44.54 -20.54 -27.25
C GLU Y . -44.23 -21.65 -26.26
O GLU Y . -44.24 -21.40 -25.05
CB GLU Y . -45.87 -19.86 -26.91
CG GLU Y . -46.03 -18.47 -27.52
CD GLU Y . -45.14 -17.42 -26.88
OE1 GLU Y . -44.96 -16.36 -27.54
OE2 GLU Y . -44.65 -17.61 -25.75
OXT GLU Y . -43.95 -22.77 -26.67
ZN ZN Z . -47.57 -21.16 -7.78
ZN ZN AA . -45.21 -37.89 -46.12
#